data_8F9V
#
_entry.id   8F9V
#
_cell.length_a   80.046
_cell.length_b   133.488
_cell.length_c   101.861
_cell.angle_alpha   90.000
_cell.angle_beta   110.150
_cell.angle_gamma   90.000
#
_symmetry.space_group_name_H-M   'P 1 21 1'
#
loop_
_entity.id
_entity.type
_entity.pdbx_description
1 polymer 'Ky15.8 Antibody, heavy chain'
2 polymer 'Ky15.8 Antibody, light chain'
3 polymer 'Circumsporozoite protein KQPA peptide'
4 non-polymer 1,2-ETHANEDIOL
5 water water
#
loop_
_entity_poly.entity_id
_entity_poly.type
_entity_poly.pdbx_seq_one_letter_code
_entity_poly.pdbx_strand_id
1 'polypeptide(L)'
;QVQLVESGGNVVQPGRSLRLSCTASGFTFSSYGMHWVRQAPDKGLEWVAIIWYDGGNKFYADSVKGRFTISRDNSKDTLY
LQMNSLRAEDTAVYYCAKAWYKIDDKYSMDVWGQGTTVTVSSASTKGPSVFPLAPSSKSTSGGTAALGCLVKDYFPEPVT
VSWNSGALTSGVHTFPAVLQSSGLYSLSSVVTVPSSSLGTQTYICNVNHKPSNTKVDKKVEPKSC
;
A,C,E,G
2 'polypeptide(L)'
;DIQMTQSPSTLSASVGDRVTITCRASQSISSWLAWYQQKPGKAPKLLIYKASSLESGVPSRFSGSGSGTEFTLTISGLQP
DDFATYYCQQYNSYWTFGQGTKVEIKRTVAAPSVFIFPPSDEQLKSGTASVVCLLNNFYPREAKVQWKVDNALQSGNSQE
SVTEQDSKDSTYSLSSTLTLSKADYEKHKVYACEVTHQGLSSPVTKSFNRGEC
;
B,D,F,H
3 'polypeptide(L)' KQPADGNPDPNANPN M,N,O,P
#
loop_
_chem_comp.id
_chem_comp.type
_chem_comp.name
_chem_comp.formula
EDO non-polymer 1,2-ETHANEDIOL 'C2 H6 O2'
#
# COMPACT_ATOMS: atom_id res chain seq x y z
N GLN A 1 -34.12 1.92 42.58
CA GLN A 1 -33.82 3.07 41.73
C GLN A 1 -34.78 3.14 40.54
N VAL A 2 -34.32 3.75 39.45
CA VAL A 2 -35.15 3.87 38.25
C VAL A 2 -35.38 2.50 37.66
N GLN A 3 -36.65 2.18 37.38
CA GLN A 3 -37.01 0.89 36.82
C GLN A 3 -38.05 1.07 35.74
N LEU A 4 -37.78 0.50 34.57
CA LEU A 4 -38.67 0.56 33.41
C LEU A 4 -38.96 -0.85 32.96
N VAL A 5 -40.23 -1.24 32.94
CA VAL A 5 -40.63 -2.58 32.57
C VAL A 5 -41.53 -2.51 31.34
N GLU A 6 -41.05 -3.06 30.23
CA GLU A 6 -41.85 -3.10 29.01
C GLU A 6 -42.72 -4.35 29.01
N SER A 7 -43.82 -4.28 28.27
CA SER A 7 -44.71 -5.42 28.13
C SER A 7 -45.54 -5.22 26.86
N GLY A 8 -46.15 -6.30 26.40
CA GLY A 8 -47.04 -6.25 25.25
C GLY A 8 -46.49 -6.87 23.98
N GLY A 9 -45.20 -7.18 23.94
CA GLY A 9 -44.63 -7.77 22.73
C GLY A 9 -45.23 -9.12 22.45
N ASN A 10 -45.49 -9.38 21.16
CA ASN A 10 -46.19 -10.59 20.75
C ASN A 10 -45.93 -10.82 19.27
N VAL A 11 -46.44 -11.93 18.76
CA VAL A 11 -46.41 -12.24 17.34
C VAL A 11 -47.68 -11.68 16.70
N VAL A 12 -47.53 -10.87 15.66
CA VAL A 12 -48.66 -10.19 15.04
C VAL A 12 -48.56 -10.30 13.52
N GLN A 13 -49.70 -10.50 12.86
CA GLN A 13 -49.76 -10.54 11.41
C GLN A 13 -49.55 -9.15 10.80
N PRO A 14 -49.01 -9.08 9.59
CA PRO A 14 -48.81 -7.79 8.93
C PRO A 14 -50.11 -7.05 8.72
N GLY A 15 -50.07 -5.74 8.95
CA GLY A 15 -51.25 -4.89 8.82
C GLY A 15 -52.09 -4.74 10.07
N ARG A 16 -51.80 -5.49 11.13
CA ARG A 16 -52.59 -5.43 12.36
C ARG A 16 -51.98 -4.44 13.32
N SER A 17 -52.52 -4.39 14.54
CA SER A 17 -52.08 -3.43 15.54
C SER A 17 -51.60 -4.13 16.80
N LEU A 18 -50.70 -3.46 17.51
CA LEU A 18 -50.19 -3.95 18.79
C LEU A 18 -49.88 -2.74 19.68
N ARG A 19 -50.16 -2.88 20.97
CA ARG A 19 -49.95 -1.83 21.95
C ARG A 19 -48.91 -2.28 22.98
N LEU A 20 -47.84 -1.51 23.11
CA LEU A 20 -46.79 -1.76 24.08
C LEU A 20 -46.94 -0.82 25.27
N SER A 21 -46.54 -1.30 26.44
CA SER A 21 -46.56 -0.51 27.66
C SER A 21 -45.16 -0.47 28.28
N CYS A 22 -44.90 0.60 29.03
CA CYS A 22 -43.67 0.75 29.80
C CYS A 22 -44.10 1.26 31.17
N THR A 23 -44.03 0.40 32.18
CA THR A 23 -44.43 0.79 33.53
C THR A 23 -43.20 1.27 34.29
N ALA A 24 -43.30 2.48 34.84
CA ALA A 24 -42.18 3.14 35.49
C ALA A 24 -42.32 3.12 36.99
N SER A 25 -41.19 3.02 37.67
CA SER A 25 -41.13 3.09 39.13
C SER A 25 -39.76 3.59 39.53
N GLY A 26 -39.69 4.21 40.70
CA GLY A 26 -38.44 4.69 41.23
C GLY A 26 -38.08 6.11 40.89
N PHE A 27 -38.92 6.81 40.13
CA PHE A 27 -38.67 8.21 39.83
C PHE A 27 -40.01 8.88 39.57
N THR A 28 -40.00 10.21 39.60
CA THR A 28 -41.23 10.98 39.36
C THR A 28 -41.48 10.98 37.86
N PHE A 29 -42.30 10.03 37.43
CA PHE A 29 -42.54 9.81 36.00
C PHE A 29 -43.14 11.04 35.33
N SER A 30 -43.98 11.79 36.04
CA SER A 30 -44.69 12.91 35.45
CA SER A 30 -44.69 12.92 35.46
C SER A 30 -43.79 14.08 35.10
N SER A 31 -42.53 14.06 35.51
CA SER A 31 -41.61 15.17 35.26
C SER A 31 -40.61 14.89 34.15
N TYR A 32 -40.66 13.74 33.50
CA TYR A 32 -39.62 13.37 32.55
C TYR A 32 -40.24 13.00 31.21
N GLY A 33 -39.59 13.42 30.14
CA GLY A 33 -39.90 12.90 28.83
C GLY A 33 -39.44 11.46 28.70
N MET A 34 -40.05 10.73 27.77
CA MET A 34 -39.78 9.32 27.59
C MET A 34 -39.56 9.00 26.11
N HIS A 35 -38.69 8.03 25.85
CA HIS A 35 -38.36 7.60 24.50
C HIS A 35 -38.75 6.14 24.28
N TRP A 36 -39.03 5.81 23.03
CA TRP A 36 -39.09 4.44 22.55
C TRP A 36 -37.95 4.23 21.57
N VAL A 37 -37.14 3.19 21.80
CA VAL A 37 -36.05 2.82 20.91
C VAL A 37 -36.14 1.33 20.60
N ARG A 38 -35.92 0.96 19.35
CA ARG A 38 -35.99 -0.42 18.92
C ARG A 38 -34.63 -0.93 18.44
N GLN A 39 -34.44 -2.24 18.53
CA GLN A 39 -33.17 -2.87 18.16
C GLN A 39 -33.41 -4.18 17.42
N ALA A 40 -32.68 -4.36 16.32
CA ALA A 40 -32.72 -5.56 15.50
C ALA A 40 -31.46 -5.61 14.65
N PRO A 41 -31.04 -6.80 14.21
CA PRO A 41 -29.82 -6.88 13.39
C PRO A 41 -29.88 -6.05 12.11
N ASP A 42 -31.02 -6.02 11.41
CA ASP A 42 -31.13 -5.23 10.19
C ASP A 42 -31.23 -3.73 10.47
N LYS A 43 -31.46 -3.32 11.71
CA LYS A 43 -31.70 -1.91 12.03
C LYS A 43 -30.72 -1.33 13.03
N GLY A 44 -29.92 -2.14 13.72
CA GLY A 44 -29.07 -1.63 14.79
C GLY A 44 -29.92 -1.05 15.90
N LEU A 45 -29.42 0.01 16.52
CA LEU A 45 -30.20 0.79 17.49
C LEU A 45 -30.89 1.92 16.73
N GLU A 46 -32.21 1.95 16.77
CA GLU A 46 -32.98 2.93 16.00
C GLU A 46 -33.96 3.63 16.92
N TRP A 47 -33.82 4.95 17.03
CA TRP A 47 -34.78 5.76 17.78
C TRP A 47 -36.14 5.74 17.10
N VAL A 48 -37.19 5.61 17.91
CA VAL A 48 -38.56 5.49 17.41
C VAL A 48 -39.35 6.77 17.66
N ALA A 49 -39.47 7.19 18.92
CA ALA A 49 -40.31 8.33 19.25
C ALA A 49 -39.93 8.88 20.62
N ILE A 50 -40.32 10.13 20.86
CA ILE A 50 -40.17 10.79 22.14
C ILE A 50 -41.48 11.51 22.47
N ILE A 51 -41.80 11.59 23.75
CA ILE A 51 -42.96 12.32 24.23
C ILE A 51 -42.54 13.20 25.41
N TRP A 52 -43.02 14.43 25.42
CA TRP A 52 -42.72 15.38 26.49
C TRP A 52 -43.35 14.92 27.81
N TYR A 53 -42.91 15.57 28.89
CA TYR A 53 -43.35 15.16 30.22
C TYR A 53 -44.87 15.21 30.36
N ASP A 54 -45.53 16.17 29.72
CA ASP A 54 -46.97 16.34 29.89
C ASP A 54 -47.79 15.65 28.82
N GLY A 55 -47.16 15.01 27.84
CA GLY A 55 -47.90 14.32 26.80
C GLY A 55 -48.28 15.14 25.58
N GLY A 56 -47.81 16.38 25.47
CA GLY A 56 -48.19 17.21 24.34
C GLY A 56 -47.24 17.11 23.16
N ASN A 57 -45.98 17.51 23.35
CA ASN A 57 -45.01 17.49 22.27
C ASN A 57 -44.56 16.06 22.00
N LYS A 58 -44.71 15.62 20.75
CA LYS A 58 -44.36 14.28 20.32
C LYS A 58 -43.64 14.37 18.98
N PHE A 59 -42.54 13.64 18.84
CA PHE A 59 -41.81 13.55 17.59
C PHE A 59 -41.60 12.08 17.25
N TYR A 60 -41.60 11.76 15.96
CA TYR A 60 -41.49 10.39 15.49
C TYR A 60 -40.41 10.27 14.44
N ALA A 61 -39.89 9.06 14.29
CA ALA A 61 -38.98 8.76 13.20
C ALA A 61 -39.77 8.52 11.92
N ASP A 62 -39.18 8.93 10.80
CA ASP A 62 -39.84 8.79 9.50
C ASP A 62 -40.28 7.37 9.23
N SER A 63 -39.52 6.38 9.69
CA SER A 63 -39.85 4.98 9.44
C SER A 63 -41.18 4.57 10.05
N VAL A 64 -41.68 5.31 11.05
CA VAL A 64 -42.93 4.95 11.72
C VAL A 64 -43.96 6.06 11.67
N LYS A 65 -43.62 7.23 11.13
CA LYS A 65 -44.56 8.35 11.14
C LYS A 65 -45.82 7.98 10.37
N GLY A 66 -46.98 8.30 10.95
CA GLY A 66 -48.25 7.96 10.36
C GLY A 66 -48.81 6.61 10.74
N ARG A 67 -48.01 5.76 11.38
CA ARG A 67 -48.44 4.42 11.78
C ARG A 67 -48.36 4.19 13.28
N PHE A 68 -47.37 4.76 13.96
CA PHE A 68 -47.15 4.59 15.40
C PHE A 68 -47.56 5.86 16.13
N THR A 69 -48.17 5.68 17.29
CA THR A 69 -48.59 6.80 18.14
C THR A 69 -48.06 6.58 19.55
N ILE A 70 -47.32 7.57 20.07
CA ILE A 70 -46.78 7.52 21.43
C ILE A 70 -47.70 8.30 22.35
N SER A 71 -47.97 7.75 23.53
CA SER A 71 -48.82 8.39 24.53
C SER A 71 -48.39 7.95 25.91
N ARG A 72 -48.97 8.59 26.93
CA ARG A 72 -48.61 8.30 28.31
C ARG A 72 -49.80 8.58 29.21
N ASP A 73 -49.80 7.92 30.37
CA ASP A 73 -50.81 8.13 31.41
C ASP A 73 -50.03 8.38 32.71
N ASN A 74 -49.91 9.65 33.09
CA ASN A 74 -49.11 10.00 34.26
C ASN A 74 -49.76 9.56 35.56
N SER A 75 -51.08 9.37 35.57
CA SER A 75 -51.74 8.85 36.76
C SER A 75 -51.42 7.38 37.00
N LYS A 76 -50.96 6.68 35.98
CA LYS A 76 -50.55 5.28 36.09
C LYS A 76 -49.05 5.10 35.97
N ASP A 77 -48.30 6.17 35.72
CA ASP A 77 -46.84 6.10 35.52
C ASP A 77 -46.49 5.11 34.42
N THR A 78 -47.30 5.11 33.36
CA THR A 78 -47.17 4.14 32.28
C THR A 78 -47.02 4.87 30.95
N LEU A 79 -46.06 4.42 30.15
CA LEU A 79 -45.85 4.92 28.80
C LEU A 79 -46.36 3.89 27.79
N TYR A 80 -46.94 4.38 26.69
CA TYR A 80 -47.55 3.51 25.70
C TYR A 80 -46.97 3.78 24.31
N LEU A 81 -47.01 2.74 23.48
CA LEU A 81 -46.69 2.85 22.05
C LEU A 81 -47.74 2.06 21.29
N GLN A 82 -48.61 2.76 20.57
CA GLN A 82 -49.64 2.13 19.75
C GLN A 82 -49.09 1.95 18.35
N MET A 83 -48.94 0.71 17.92
CA MET A 83 -48.36 0.38 16.62
C MET A 83 -49.46 -0.11 15.68
N ASN A 84 -49.70 0.63 14.61
CA ASN A 84 -50.73 0.30 13.64
C ASN A 84 -50.08 0.01 12.29
N SER A 85 -50.77 -0.83 11.49
CA SER A 85 -50.30 -1.19 10.15
C SER A 85 -48.87 -1.71 10.19
N LEU A 86 -48.64 -2.68 11.08
CA LEU A 86 -47.31 -3.22 11.32
C LEU A 86 -46.76 -3.91 10.09
N ARG A 87 -45.44 -3.79 9.90
CA ARG A 87 -44.75 -4.37 8.76
C ARG A 87 -43.70 -5.36 9.28
N ALA A 88 -43.24 -6.23 8.37
CA ALA A 88 -42.21 -7.19 8.74
C ALA A 88 -40.94 -6.49 9.22
N GLU A 89 -40.62 -5.34 8.63
CA GLU A 89 -39.43 -4.59 9.04
C GLU A 89 -39.59 -3.95 10.42
N ASP A 90 -40.77 -4.02 11.02
CA ASP A 90 -40.96 -3.52 12.38
C ASP A 90 -40.53 -4.53 13.42
N THR A 91 -40.19 -5.75 13.00
CA THR A 91 -39.76 -6.79 13.92
C THR A 91 -38.49 -6.36 14.64
N ALA A 92 -38.54 -6.27 15.96
CA ALA A 92 -37.38 -5.84 16.73
C ALA A 92 -37.70 -5.98 18.21
N VAL A 93 -36.66 -5.75 19.02
CA VAL A 93 -36.81 -5.58 20.47
C VAL A 93 -37.08 -4.11 20.74
N TYR A 94 -38.15 -3.82 21.48
CA TYR A 94 -38.56 -2.44 21.72
C TYR A 94 -38.23 -2.05 23.16
N TYR A 95 -37.37 -1.04 23.31
CA TYR A 95 -36.96 -0.52 24.60
C TYR A 95 -37.65 0.81 24.88
N CYS A 96 -37.89 1.06 26.15
CA CYS A 96 -38.35 2.37 26.61
CA CYS A 96 -38.38 2.34 26.64
C CYS A 96 -37.27 3.00 27.46
N ALA A 97 -37.00 4.27 27.22
CA ALA A 97 -35.89 4.96 27.87
C ALA A 97 -36.35 6.29 28.44
N LYS A 98 -35.79 6.64 29.60
CA LYS A 98 -36.10 7.90 30.26
C LYS A 98 -35.15 8.99 29.78
N ALA A 99 -35.69 10.17 29.52
CA ALA A 99 -34.86 11.33 29.23
C ALA A 99 -34.06 11.71 30.48
N TRP A 100 -32.81 12.10 30.30
CA TRP A 100 -31.95 12.29 31.45
C TRP A 100 -32.19 13.65 32.11
N TYR A 101 -31.74 13.76 33.36
CA TYR A 101 -31.78 15.01 34.12
C TYR A 101 -30.40 15.68 34.10
N LYS A 102 -29.93 15.96 32.89
CA LYS A 102 -28.70 16.71 32.69
C LYS A 102 -29.06 18.02 32.00
N ILE A 103 -28.88 19.14 32.70
CA ILE A 103 -29.28 20.44 32.17
C ILE A 103 -28.23 20.95 31.19
N ASP A 104 -28.63 21.17 29.95
CA ASP A 104 -27.78 21.67 28.87
C ASP A 104 -28.70 22.10 27.74
N ASP A 105 -28.09 22.50 26.62
CA ASP A 105 -28.90 22.88 25.45
C ASP A 105 -29.52 21.68 24.75
N LYS A 106 -28.86 20.53 24.78
CA LYS A 106 -29.35 19.34 24.12
C LYS A 106 -29.54 18.22 25.15
N TYR A 107 -30.54 17.36 24.91
CA TYR A 107 -30.91 16.30 25.85
C TYR A 107 -30.97 14.94 25.16
N SER A 108 -30.73 13.90 25.94
CA SER A 108 -30.83 12.52 25.46
C SER A 108 -31.46 11.66 26.57
N MET A 109 -31.22 10.35 26.50
CA MET A 109 -31.75 9.37 27.43
C MET A 109 -30.64 8.76 28.29
N ASP A 110 -30.98 8.37 29.52
CA ASP A 110 -30.04 7.74 30.42
C ASP A 110 -30.38 6.29 30.75
N VAL A 111 -31.58 6.03 31.30
CA VAL A 111 -31.95 4.70 31.79
C VAL A 111 -32.87 4.01 30.79
N TRP A 112 -32.57 2.76 30.50
CA TRP A 112 -33.35 1.93 29.58
C TRP A 112 -34.01 0.78 30.34
N GLY A 113 -35.14 0.31 29.81
CA GLY A 113 -35.79 -0.88 30.32
C GLY A 113 -35.16 -2.13 29.74
N GLN A 114 -35.80 -3.28 30.02
CA GLN A 114 -35.28 -4.55 29.54
CA GLN A 114 -35.32 -4.57 29.56
C GLN A 114 -35.80 -4.93 28.16
N GLY A 115 -36.86 -4.31 27.68
CA GLY A 115 -37.27 -4.56 26.31
C GLY A 115 -38.34 -5.63 26.19
N THR A 116 -39.19 -5.46 25.18
CA THR A 116 -40.21 -6.45 24.82
C THR A 116 -40.10 -6.72 23.32
N THR A 117 -40.28 -7.98 22.92
CA THR A 117 -40.00 -8.44 21.56
C THR A 117 -41.25 -8.47 20.69
N VAL A 118 -41.18 -7.79 19.54
CA VAL A 118 -42.28 -7.76 18.57
C VAL A 118 -41.84 -8.48 17.30
N THR A 119 -42.62 -9.49 16.89
CA THR A 119 -42.37 -10.26 15.68
C THR A 119 -43.56 -10.15 14.74
N VAL A 120 -43.35 -9.56 13.57
CA VAL A 120 -44.40 -9.36 12.56
C VAL A 120 -44.17 -10.32 11.40
N SER A 121 -45.09 -11.25 11.21
CA SER A 121 -45.00 -12.23 10.14
C SER A 121 -46.40 -12.75 9.82
N SER A 122 -46.57 -13.22 8.60
CA SER A 122 -47.83 -13.85 8.19
C SER A 122 -47.79 -15.35 8.38
N ALA A 123 -46.68 -15.89 8.89
CA ALA A 123 -46.53 -17.33 9.07
C ALA A 123 -47.44 -17.84 10.17
N SER A 124 -47.87 -19.09 10.02
CA SER A 124 -48.61 -19.78 11.05
C SER A 124 -47.68 -20.52 11.99
N THR A 125 -48.14 -20.73 13.23
CA THR A 125 -47.36 -21.48 14.20
C THR A 125 -47.15 -22.92 13.74
N LYS A 126 -45.90 -23.36 13.75
CA LYS A 126 -45.55 -24.70 13.29
C LYS A 126 -44.43 -25.27 14.15
N GLY A 127 -44.58 -26.52 14.55
CA GLY A 127 -43.55 -27.21 15.28
C GLY A 127 -42.42 -27.62 14.36
N PRO A 128 -41.23 -27.80 14.89
CA PRO A 128 -40.07 -28.10 14.04
C PRO A 128 -40.00 -29.54 13.60
N SER A 129 -39.34 -29.74 12.45
CA SER A 129 -38.93 -31.05 11.97
C SER A 129 -37.48 -31.26 12.39
N VAL A 130 -37.19 -32.42 12.97
CA VAL A 130 -35.87 -32.72 13.49
C VAL A 130 -35.25 -33.84 12.66
N PHE A 131 -34.13 -33.55 12.01
CA PHE A 131 -33.42 -34.51 11.20
C PHE A 131 -32.04 -34.74 11.77
N PRO A 132 -31.52 -35.97 11.70
CA PRO A 132 -30.20 -36.24 12.29
C PRO A 132 -29.07 -35.78 11.39
N LEU A 133 -28.01 -35.30 12.04
CA LEU A 133 -26.73 -35.00 11.40
C LEU A 133 -25.77 -36.08 11.86
N ALA A 134 -25.80 -37.22 11.17
CA ALA A 134 -25.13 -38.43 11.62
C ALA A 134 -23.60 -38.28 11.60
N PRO A 135 -22.90 -38.82 12.61
CA PRO A 135 -21.43 -38.87 12.54
C PRO A 135 -20.94 -39.84 11.48
N SER A 136 -19.82 -39.49 10.85
CA SER A 136 -19.25 -40.29 9.77
C SER A 136 -17.76 -40.05 9.70
N SER A 137 -17.10 -40.73 8.76
CA SER A 137 -15.69 -40.47 8.49
C SER A 137 -15.46 -39.04 8.04
N LYS A 138 -16.47 -38.39 7.46
CA LYS A 138 -16.36 -37.01 7.03
C LYS A 138 -16.63 -35.99 8.14
N SER A 139 -16.85 -36.44 9.38
CA SER A 139 -17.12 -35.56 10.50
C SER A 139 -16.24 -35.93 11.69
N THR A 140 -14.97 -36.27 11.40
CA THR A 140 -14.03 -36.72 12.42
CA THR A 140 -14.04 -36.69 12.44
C THR A 140 -12.68 -36.03 12.26
N SER A 141 -12.05 -35.73 13.38
CA SER A 141 -10.68 -35.22 13.41
C SER A 141 -10.06 -35.60 14.75
N GLY A 142 -8.88 -36.21 14.71
CA GLY A 142 -8.15 -36.62 15.90
C GLY A 142 -8.92 -37.39 16.94
N GLY A 143 -9.68 -38.42 16.53
CA GLY A 143 -10.38 -39.22 17.51
C GLY A 143 -11.65 -38.60 18.03
N THR A 144 -12.02 -37.44 17.50
CA THR A 144 -13.21 -36.71 17.92
C THR A 144 -14.18 -36.73 16.76
N ALA A 145 -15.45 -36.95 17.06
CA ALA A 145 -16.49 -37.02 16.05
C ALA A 145 -17.53 -35.95 16.30
N ALA A 146 -18.02 -35.38 15.21
CA ALA A 146 -19.06 -34.36 15.27
C ALA A 146 -20.37 -34.95 14.81
N LEU A 147 -21.43 -34.63 15.55
CA LEU A 147 -22.78 -35.06 15.21
C LEU A 147 -23.71 -33.94 15.63
N GLY A 148 -24.94 -34.00 15.13
CA GLY A 148 -25.87 -32.95 15.46
C GLY A 148 -27.29 -33.28 15.04
N CYS A 149 -28.15 -32.27 15.17
CA CYS A 149 -29.54 -32.34 14.75
C CYS A 149 -29.89 -31.09 13.98
N LEU A 150 -30.67 -31.24 12.91
CA LEU A 150 -31.18 -30.14 12.13
C LEU A 150 -32.63 -29.89 12.54
N VAL A 151 -32.88 -28.70 13.07
CA VAL A 151 -34.21 -28.30 13.53
C VAL A 151 -34.75 -27.31 12.50
N LYS A 152 -35.68 -27.75 11.66
CA LYS A 152 -36.05 -26.97 10.49
C LYS A 152 -37.53 -26.66 10.46
N ASP A 153 -37.86 -25.49 9.88
CA ASP A 153 -39.24 -25.08 9.58
C ASP A 153 -40.15 -25.01 10.82
N TYR A 154 -39.74 -24.19 11.78
CA TYR A 154 -40.57 -23.90 12.94
C TYR A 154 -40.87 -22.40 12.99
N PHE A 155 -42.05 -22.07 13.54
CA PHE A 155 -42.46 -20.68 13.78
C PHE A 155 -43.32 -20.61 15.03
N PRO A 156 -43.14 -19.59 15.89
CA PRO A 156 -42.03 -18.64 15.85
C PRO A 156 -40.89 -19.08 16.76
N GLU A 157 -39.97 -18.15 17.05
CA GLU A 157 -38.94 -18.40 18.05
C GLU A 157 -39.56 -18.44 19.44
N PRO A 158 -38.89 -19.10 20.41
CA PRO A 158 -37.63 -19.83 20.30
C PRO A 158 -37.79 -21.35 20.38
N VAL A 159 -36.70 -22.07 20.15
CA VAL A 159 -36.62 -23.49 20.46
C VAL A 159 -35.46 -23.68 21.42
N THR A 160 -35.56 -24.72 22.25
CA THR A 160 -34.46 -25.12 23.12
C THR A 160 -34.03 -26.51 22.72
N VAL A 161 -32.71 -26.73 22.69
CA VAL A 161 -32.15 -28.02 22.31
C VAL A 161 -31.21 -28.47 23.42
N SER A 162 -31.38 -29.72 23.84
CA SER A 162 -30.43 -30.37 24.75
C SER A 162 -30.06 -31.71 24.15
N TRP A 163 -29.00 -32.31 24.69
CA TRP A 163 -28.50 -33.59 24.24
C TRP A 163 -28.52 -34.59 25.38
N ASN A 164 -29.12 -35.76 25.14
CA ASN A 164 -29.28 -36.81 26.13
C ASN A 164 -29.95 -36.29 27.39
N SER A 165 -30.99 -35.46 27.19
CA SER A 165 -31.79 -34.88 28.28
C SER A 165 -30.94 -34.07 29.25
N GLY A 166 -29.89 -33.42 28.75
CA GLY A 166 -29.07 -32.58 29.58
C GLY A 166 -27.83 -33.24 30.16
N ALA A 167 -27.68 -34.55 29.99
CA ALA A 167 -26.49 -35.23 30.52
C ALA A 167 -25.23 -34.84 29.75
N LEU A 168 -25.37 -34.49 28.47
CA LEU A 168 -24.25 -34.09 27.64
C LEU A 168 -24.34 -32.60 27.37
N THR A 169 -23.37 -31.84 27.88
CA THR A 169 -23.40 -30.39 27.72
C THR A 169 -22.09 -29.86 27.18
N SER A 170 -20.99 -30.52 27.50
CA SER A 170 -19.68 -30.07 27.05
C SER A 170 -19.54 -30.30 25.55
N GLY A 171 -18.95 -29.32 24.86
CA GLY A 171 -18.75 -29.43 23.43
C GLY A 171 -19.96 -29.15 22.58
N VAL A 172 -21.09 -28.75 23.20
CA VAL A 172 -22.32 -28.49 22.47
C VAL A 172 -22.30 -27.07 21.89
N HIS A 173 -22.73 -26.95 20.64
CA HIS A 173 -22.90 -25.65 19.99
C HIS A 173 -24.28 -25.60 19.34
N THR A 174 -25.20 -24.85 19.93
CA THR A 174 -26.52 -24.62 19.34
C THR A 174 -26.49 -23.25 18.67
N PHE A 175 -26.56 -23.24 17.34
CA PHE A 175 -26.41 -22.03 16.55
C PHE A 175 -27.67 -21.17 16.61
N PRO A 176 -27.52 -19.85 16.49
CA PRO A 176 -28.70 -18.98 16.37
C PRO A 176 -29.51 -19.35 15.15
N ALA A 177 -30.83 -19.16 15.26
CA ALA A 177 -31.73 -19.49 14.16
C ALA A 177 -31.56 -18.52 13.00
N VAL A 178 -31.82 -19.02 11.80
CA VAL A 178 -31.90 -18.18 10.61
C VAL A 178 -33.34 -18.20 10.12
N LEU A 179 -33.78 -17.08 9.56
CA LEU A 179 -35.10 -16.96 8.98
C LEU A 179 -35.02 -17.30 7.50
N GLN A 180 -35.74 -18.34 7.08
CA GLN A 180 -35.75 -18.78 5.69
C GLN A 180 -36.72 -17.95 4.87
N SER A 181 -36.56 -18.02 3.55
CA SER A 181 -37.42 -17.24 2.65
C SER A 181 -38.88 -17.67 2.76
N SER A 182 -39.14 -18.88 3.26
CA SER A 182 -40.52 -19.30 3.51
C SER A 182 -41.13 -18.60 4.72
N GLY A 183 -40.34 -17.86 5.49
CA GLY A 183 -40.81 -17.27 6.72
C GLY A 183 -40.65 -18.15 7.93
N LEU A 184 -40.13 -19.36 7.77
CA LEU A 184 -39.93 -20.28 8.87
C LEU A 184 -38.47 -20.28 9.29
N TYR A 185 -38.23 -20.46 10.58
CA TYR A 185 -36.89 -20.49 11.13
C TYR A 185 -36.30 -21.90 11.05
N SER A 186 -34.97 -21.96 11.10
CA SER A 186 -34.25 -23.22 11.12
C SER A 186 -32.92 -23.04 11.84
N LEU A 187 -32.50 -24.07 12.56
CA LEU A 187 -31.18 -24.07 13.19
C LEU A 187 -30.68 -25.50 13.30
N SER A 188 -29.42 -25.63 13.68
CA SER A 188 -28.82 -26.93 13.96
C SER A 188 -28.02 -26.83 15.26
N SER A 189 -28.00 -27.93 16.01
CA SER A 189 -27.22 -28.05 17.23
C SER A 189 -26.25 -29.20 17.08
N VAL A 190 -24.96 -28.93 17.33
CA VAL A 190 -23.91 -29.93 17.15
C VAL A 190 -23.15 -30.14 18.46
N VAL A 191 -22.45 -31.26 18.52
CA VAL A 191 -21.62 -31.63 19.67
C VAL A 191 -20.48 -32.51 19.18
N THR A 192 -19.31 -32.38 19.79
CA THR A 192 -18.15 -33.20 19.47
C THR A 192 -17.93 -34.23 20.59
N VAL A 193 -17.88 -35.50 20.21
CA VAL A 193 -17.71 -36.61 21.15
C VAL A 193 -16.56 -37.49 20.66
N PRO A 194 -15.98 -38.30 21.55
CA PRO A 194 -14.92 -39.22 21.10
C PRO A 194 -15.45 -40.22 20.07
N SER A 195 -14.66 -40.45 19.02
CA SER A 195 -15.02 -41.44 18.02
C SER A 195 -15.18 -42.83 18.63
N SER A 196 -14.38 -43.14 19.66
CA SER A 196 -14.44 -44.44 20.33
C SER A 196 -15.75 -44.66 21.08
N SER A 197 -16.56 -43.62 21.29
CA SER A 197 -17.79 -43.78 22.05
C SER A 197 -19.00 -43.93 21.15
N LEU A 198 -18.79 -43.93 19.83
CA LEU A 198 -19.90 -43.95 18.89
C LEU A 198 -20.68 -45.25 19.02
N GLY A 199 -19.96 -46.36 19.19
CA GLY A 199 -20.58 -47.67 19.34
C GLY A 199 -21.12 -47.94 20.72
N THR A 200 -20.58 -47.29 21.75
CA THR A 200 -20.95 -47.56 23.12
C THR A 200 -22.00 -46.60 23.69
N GLN A 201 -21.93 -45.32 23.33
CA GLN A 201 -22.81 -44.28 23.87
C GLN A 201 -23.93 -43.93 22.90
N THR A 202 -25.17 -43.92 23.39
CA THR A 202 -26.30 -43.43 22.61
C THR A 202 -26.39 -41.91 22.71
N TYR A 203 -26.69 -41.25 21.59
CA TYR A 203 -26.80 -39.80 21.53
C TYR A 203 -28.17 -39.40 21.00
N ILE A 204 -28.87 -38.57 21.75
CA ILE A 204 -30.22 -38.13 21.43
C ILE A 204 -30.30 -36.63 21.66
N CYS A 205 -30.91 -35.90 20.72
CA CYS A 205 -31.12 -34.48 20.87
C CYS A 205 -32.58 -34.22 21.26
N ASN A 206 -32.78 -33.32 22.21
CA ASN A 206 -34.08 -33.04 22.79
C ASN A 206 -34.49 -31.62 22.41
N VAL A 207 -35.49 -31.50 21.55
CA VAL A 207 -35.95 -30.21 21.03
C VAL A 207 -37.34 -29.93 21.58
N ASN A 208 -37.50 -28.75 22.18
CA ASN A 208 -38.79 -28.31 22.72
C ASN A 208 -39.19 -27.01 22.04
N HIS A 209 -40.40 -26.97 21.50
CA HIS A 209 -40.96 -25.76 20.92
C HIS A 209 -42.24 -25.43 21.66
N LYS A 210 -42.13 -24.60 22.70
CA LYS A 210 -43.29 -24.27 23.53
C LYS A 210 -44.42 -23.57 22.78
N PRO A 211 -44.18 -22.65 21.84
CA PRO A 211 -45.32 -22.04 21.13
C PRO A 211 -46.24 -23.06 20.47
N SER A 212 -45.69 -24.17 19.98
CA SER A 212 -46.49 -25.23 19.40
C SER A 212 -46.74 -26.38 20.36
N ASN A 213 -46.22 -26.30 21.59
CA ASN A 213 -46.33 -27.39 22.57
C ASN A 213 -45.75 -28.68 22.01
N THR A 214 -44.60 -28.55 21.37
CA THR A 214 -43.96 -29.65 20.64
C THR A 214 -42.65 -30.01 21.31
N LYS A 215 -42.54 -31.26 21.75
CA LYS A 215 -41.29 -31.82 22.28
C LYS A 215 -40.91 -33.00 21.41
N VAL A 216 -39.66 -33.03 20.93
CA VAL A 216 -39.19 -34.05 20.02
C VAL A 216 -37.86 -34.60 20.51
N ASP A 217 -37.75 -35.92 20.60
CA ASP A 217 -36.50 -36.61 20.88
C ASP A 217 -36.05 -37.35 19.63
N LYS A 218 -34.79 -37.15 19.23
CA LYS A 218 -34.26 -37.74 18.00
C LYS A 218 -32.91 -38.40 18.28
N LYS A 219 -32.88 -39.72 18.17
CA LYS A 219 -31.64 -40.47 18.28
C LYS A 219 -30.85 -40.32 16.97
N VAL A 220 -29.56 -40.03 17.10
CA VAL A 220 -28.68 -39.82 15.96
C VAL A 220 -27.88 -41.10 15.78
N GLU A 221 -28.14 -41.81 14.68
CA GLU A 221 -27.43 -43.09 14.62
C GLU A 221 -26.09 -42.90 13.92
N PRO A 222 -25.03 -43.54 14.41
CA PRO A 222 -23.74 -43.47 13.75
C PRO A 222 -23.68 -44.30 12.47
N LYS A 223 -23.02 -43.75 11.46
CA LYS A 223 -22.84 -44.41 10.18
C LYS A 223 -21.56 -45.23 10.19
N SER A 224 -21.59 -46.38 9.52
CA SER A 224 -20.41 -47.24 9.38
CA SER A 224 -20.42 -47.27 9.36
C SER A 224 -19.65 -46.97 8.07
N CYS A 225 -19.35 -45.69 7.82
CA CYS A 225 -18.64 -45.22 6.63
C CYS A 225 -18.25 -43.77 6.83
N ASP B 1 -30.45 13.40 7.85
CA ASP B 1 -30.08 12.63 9.04
C ASP B 1 -28.57 12.58 9.20
N ILE B 2 -28.12 12.70 10.44
CA ILE B 2 -26.70 12.60 10.73
C ILE B 2 -26.34 11.13 10.90
N GLN B 3 -25.42 10.65 10.08
CA GLN B 3 -25.02 9.25 10.08
C GLN B 3 -23.84 9.07 11.04
N MET B 4 -23.91 8.03 11.86
CA MET B 4 -22.86 7.71 12.81
C MET B 4 -22.22 6.37 12.43
N THR B 5 -20.90 6.37 12.28
CA THR B 5 -20.15 5.19 11.94
C THR B 5 -19.02 5.01 12.94
N GLN B 6 -18.81 3.77 13.39
CA GLN B 6 -17.79 3.46 14.37
C GLN B 6 -16.69 2.62 13.72
N SER B 7 -15.49 2.71 14.29
CA SER B 7 -14.35 1.97 13.80
C SER B 7 -13.50 1.57 15.00
N PRO B 8 -13.12 0.29 15.11
CA PRO B 8 -13.50 -0.78 14.18
C PRO B 8 -14.85 -1.39 14.56
N SER B 9 -15.33 -2.36 13.79
CA SER B 9 -16.54 -3.06 14.21
C SER B 9 -16.25 -4.09 15.30
N THR B 10 -15.09 -4.74 15.26
CA THR B 10 -14.71 -5.74 16.25
C THR B 10 -13.29 -5.45 16.71
N LEU B 11 -13.12 -5.25 18.01
CA LEU B 11 -11.82 -4.98 18.63
C LEU B 11 -11.43 -6.17 19.49
N SER B 12 -10.26 -6.74 19.21
CA SER B 12 -9.72 -7.86 19.98
C SER B 12 -8.69 -7.34 20.97
N ALA B 13 -8.86 -7.66 22.25
CA ALA B 13 -8.00 -7.12 23.28
C ALA B 13 -7.89 -8.10 24.45
N SER B 14 -6.92 -7.81 25.32
CA SER B 14 -6.66 -8.60 26.51
C SER B 14 -6.86 -7.73 27.75
N VAL B 15 -7.09 -8.40 28.89
CA VAL B 15 -7.22 -7.70 30.15
C VAL B 15 -5.95 -6.90 30.43
N GLY B 16 -6.12 -5.63 30.74
CA GLY B 16 -4.99 -4.75 31.02
C GLY B 16 -4.63 -3.84 29.88
N ASP B 17 -5.12 -4.12 28.67
CA ASP B 17 -4.78 -3.35 27.49
C ASP B 17 -5.49 -2.00 27.53
N ARG B 18 -4.87 -1.00 26.91
CA ARG B 18 -5.50 0.30 26.66
C ARG B 18 -6.00 0.28 25.23
N VAL B 19 -7.32 0.42 25.05
CA VAL B 19 -7.92 0.33 23.73
C VAL B 19 -8.77 1.57 23.45
N THR B 20 -8.97 1.84 22.16
CA THR B 20 -9.66 3.04 21.72
C THR B 20 -10.65 2.69 20.62
N ILE B 21 -11.86 3.21 20.74
CA ILE B 21 -12.91 3.06 19.73
C ILE B 21 -13.17 4.44 19.12
N THR B 22 -13.36 4.47 17.81
CA THR B 22 -13.53 5.72 17.07
C THR B 22 -14.95 5.82 16.55
N CYS B 23 -15.51 7.03 16.64
CA CYS B 23 -16.85 7.35 16.16
C CYS B 23 -16.76 8.58 15.28
N ARG B 24 -17.46 8.55 14.14
CA ARG B 24 -17.46 9.64 13.18
C ARG B 24 -18.89 9.98 12.78
N ALA B 25 -19.15 11.27 12.58
CA ALA B 25 -20.47 11.77 12.23
C ALA B 25 -20.44 12.36 10.83
N SER B 26 -21.56 12.22 10.11
CA SER B 26 -21.65 12.72 8.74
C SER B 26 -21.55 14.24 8.68
N GLN B 27 -21.97 14.94 9.72
CA GLN B 27 -21.79 16.38 9.83
C GLN B 27 -21.53 16.72 11.28
N SER B 28 -21.16 17.97 11.51
CA SER B 28 -20.80 18.39 12.85
C SER B 28 -21.98 18.30 13.82
N ILE B 29 -21.74 17.68 14.97
CA ILE B 29 -22.69 17.55 16.04
C ILE B 29 -22.20 18.25 17.30
N SER B 30 -21.17 19.09 17.15
CA SER B 30 -20.50 19.82 18.22
C SER B 30 -19.95 18.80 19.20
N SER B 31 -20.29 18.86 20.50
CA SER B 31 -19.86 17.88 21.48
C SER B 31 -21.03 17.05 22.01
N TRP B 32 -22.16 17.07 21.30
CA TRP B 32 -23.36 16.34 21.70
C TRP B 32 -23.26 14.87 21.29
N LEU B 33 -22.40 14.15 22.00
CA LEU B 33 -22.17 12.74 21.74
C LEU B 33 -22.20 11.95 23.04
N ALA B 34 -22.92 10.84 23.02
CA ALA B 34 -23.03 9.94 24.16
C ALA B 34 -22.53 8.55 23.78
N TRP B 35 -21.95 7.85 24.75
CA TRP B 35 -21.50 6.48 24.58
C TRP B 35 -22.29 5.57 25.51
N TYR B 36 -22.72 4.43 25.00
CA TYR B 36 -23.42 3.41 25.77
C TYR B 36 -22.71 2.07 25.64
N GLN B 37 -22.94 1.20 26.62
CA GLN B 37 -22.40 -0.15 26.62
C GLN B 37 -23.57 -1.11 26.70
N GLN B 38 -23.57 -2.14 25.84
CA GLN B 38 -24.61 -3.16 25.85
C GLN B 38 -24.00 -4.55 25.84
N LYS B 39 -24.45 -5.39 26.75
CA LYS B 39 -24.06 -6.78 26.82
C LYS B 39 -25.19 -7.65 26.24
N PRO B 40 -24.87 -8.82 25.70
CA PRO B 40 -25.90 -9.61 25.00
C PRO B 40 -27.08 -9.93 25.89
N GLY B 41 -28.28 -9.67 25.36
CA GLY B 41 -29.52 -9.91 26.06
C GLY B 41 -29.85 -8.90 27.13
N LYS B 42 -29.13 -7.79 27.19
CA LYS B 42 -29.26 -6.79 28.23
C LYS B 42 -29.50 -5.43 27.59
N ALA B 43 -29.75 -4.43 28.43
CA ALA B 43 -30.06 -3.09 27.96
C ALA B 43 -28.81 -2.24 27.84
N PRO B 44 -28.84 -1.24 26.98
CA PRO B 44 -27.73 -0.27 26.94
C PRO B 44 -27.60 0.45 28.27
N LYS B 45 -26.38 0.89 28.55
CA LYS B 45 -26.09 1.62 29.78
C LYS B 45 -25.24 2.84 29.44
N LEU B 46 -25.65 4.01 29.95
CA LEU B 46 -24.95 5.24 29.63
C LEU B 46 -23.59 5.27 30.30
N LEU B 47 -22.56 5.63 29.53
CA LEU B 47 -21.21 5.74 30.05
C LEU B 47 -20.68 7.17 30.04
N ILE B 48 -20.81 7.87 28.91
CA ILE B 48 -20.22 9.20 28.75
C ILE B 48 -21.21 10.09 28.01
N TYR B 49 -21.31 11.34 28.48
CA TYR B 49 -22.16 12.34 27.86
C TYR B 49 -21.33 13.59 27.58
N LYS B 50 -21.82 14.41 26.64
CA LYS B 50 -21.11 15.60 26.19
C LYS B 50 -19.69 15.27 25.75
N ALA B 51 -19.53 14.10 25.13
CA ALA B 51 -18.27 13.61 24.58
C ALA B 51 -17.25 13.22 25.66
N SER B 52 -17.09 14.05 26.70
CA SER B 52 -16.03 13.85 27.66
C SER B 52 -16.47 13.67 29.11
N SER B 53 -17.75 13.85 29.42
CA SER B 53 -18.22 13.84 30.80
C SER B 53 -18.59 12.42 31.22
N LEU B 54 -17.99 11.96 32.32
CA LEU B 54 -18.23 10.61 32.79
C LEU B 54 -19.54 10.56 33.56
N GLU B 55 -20.35 9.55 33.28
CA GLU B 55 -21.58 9.36 34.04
C GLU B 55 -21.25 8.89 35.46
N SER B 56 -22.03 9.35 36.43
CA SER B 56 -21.82 8.93 37.81
C SER B 56 -21.99 7.43 37.94
N GLY B 57 -21.04 6.79 38.63
CA GLY B 57 -21.03 5.36 38.80
C GLY B 57 -20.24 4.59 37.76
N VAL B 58 -19.71 5.26 36.74
CA VAL B 58 -18.91 4.62 35.71
C VAL B 58 -17.45 4.73 36.12
N PRO B 59 -16.67 3.64 36.10
CA PRO B 59 -15.28 3.73 36.54
C PRO B 59 -14.47 4.69 35.69
N SER B 60 -13.41 5.24 36.29
CA SER B 60 -12.62 6.30 35.66
C SER B 60 -11.71 5.78 34.54
N ARG B 61 -11.67 4.47 34.30
CA ARG B 61 -10.87 3.96 33.19
C ARG B 61 -11.51 4.32 31.85
N PHE B 62 -12.79 4.66 31.83
CA PHE B 62 -13.45 5.13 30.61
C PHE B 62 -13.24 6.64 30.50
N SER B 63 -12.64 7.07 29.38
CA SER B 63 -12.44 8.49 29.13
C SER B 63 -12.79 8.80 27.69
N GLY B 64 -13.28 10.01 27.45
CA GLY B 64 -13.70 10.42 26.13
C GLY B 64 -13.08 11.72 25.69
N SER B 65 -12.93 11.85 24.37
CA SER B 65 -12.38 13.03 23.74
C SER B 65 -13.01 13.19 22.36
N GLY B 66 -13.01 14.41 21.84
CA GLY B 66 -13.50 14.66 20.50
C GLY B 66 -14.53 15.76 20.39
N SER B 67 -14.66 16.35 19.20
CA SER B 67 -15.64 17.39 18.95
C SER B 67 -15.88 17.48 17.45
N GLY B 68 -17.01 18.06 17.08
CA GLY B 68 -17.35 18.19 15.67
C GLY B 68 -17.78 16.90 15.01
N THR B 69 -16.92 16.32 14.19
CA THR B 69 -17.28 15.14 13.42
C THR B 69 -16.53 13.88 13.83
N GLU B 70 -15.54 13.96 14.73
CA GLU B 70 -14.71 12.83 15.08
C GLU B 70 -14.58 12.71 16.59
N PHE B 71 -14.83 11.51 17.12
CA PHE B 71 -14.89 11.27 18.56
C PHE B 71 -14.22 9.94 18.88
N THR B 72 -13.73 9.80 20.11
CA THR B 72 -13.07 8.58 20.55
C THR B 72 -13.49 8.18 21.97
N LEU B 73 -13.59 6.87 22.20
CA LEU B 73 -13.79 6.30 23.52
C LEU B 73 -12.59 5.42 23.85
N THR B 74 -11.94 5.70 24.98
CA THR B 74 -10.72 5.01 25.39
C THR B 74 -10.91 4.34 26.74
N ILE B 75 -10.67 3.04 26.80
CA ILE B 75 -10.70 2.27 28.04
C ILE B 75 -9.26 1.95 28.44
N SER B 76 -8.84 2.49 29.58
CA SER B 76 -7.47 2.32 30.05
C SER B 76 -7.41 1.20 31.08
N GLY B 77 -6.84 0.07 30.68
CA GLY B 77 -6.77 -1.07 31.59
C GLY B 77 -8.04 -1.90 31.55
N LEU B 78 -8.22 -2.65 30.46
CA LEU B 78 -9.45 -3.42 30.27
C LEU B 78 -9.65 -4.42 31.39
N GLN B 79 -10.87 -4.47 31.90
CA GLN B 79 -11.29 -5.43 32.89
C GLN B 79 -12.25 -6.43 32.27
N PRO B 80 -12.35 -7.64 32.83
CA PRO B 80 -13.29 -8.64 32.30
C PRO B 80 -14.71 -8.16 32.12
N ASP B 81 -15.16 -7.23 32.96
CA ASP B 81 -16.52 -6.71 32.84
C ASP B 81 -16.67 -5.81 31.62
N ASP B 82 -15.56 -5.40 30.99
CA ASP B 82 -15.58 -4.42 29.91
C ASP B 82 -15.75 -5.05 28.53
N PHE B 83 -15.76 -6.38 28.43
CA PHE B 83 -15.95 -7.04 27.14
C PHE B 83 -17.43 -6.99 26.79
N ALA B 84 -17.76 -6.16 25.80
CA ALA B 84 -19.14 -5.90 25.41
C ALA B 84 -19.11 -5.11 24.11
N THR B 85 -20.29 -4.71 23.65
CA THR B 85 -20.45 -3.86 22.47
C THR B 85 -20.75 -2.43 22.89
N TYR B 86 -20.02 -1.48 22.33
CA TYR B 86 -20.15 -0.06 22.65
C TYR B 86 -20.70 0.72 21.46
N TYR B 87 -21.69 1.57 21.73
CA TYR B 87 -22.35 2.39 20.71
C TYR B 87 -22.16 3.88 21.00
N CYS B 88 -21.87 4.67 19.96
CA CYS B 88 -21.96 6.11 20.10
C CYS B 88 -23.32 6.59 19.61
N GLN B 89 -23.72 7.77 20.08
CA GLN B 89 -25.01 8.33 19.73
C GLN B 89 -24.92 9.85 19.73
N GLN B 90 -25.37 10.48 18.65
CA GLN B 90 -25.48 11.92 18.58
C GLN B 90 -26.89 12.33 19.00
N TYR B 91 -27.00 13.42 19.74
CA TYR B 91 -28.30 13.98 20.12
C TYR B 91 -28.41 15.45 19.73
N ASN B 92 -27.68 15.83 18.69
CA ASN B 92 -27.74 17.19 18.18
C ASN B 92 -29.01 17.41 17.37
N SER B 93 -29.36 16.45 16.52
CA SER B 93 -30.56 16.53 15.70
C SER B 93 -31.26 15.18 15.76
N TYR B 94 -32.32 15.09 16.56
CA TYR B 94 -32.99 13.82 16.85
C TYR B 94 -31.95 12.90 17.50
N TRP B 95 -32.09 11.59 17.32
CA TRP B 95 -31.19 10.63 17.96
C TRP B 95 -30.85 9.50 16.98
N THR B 96 -29.56 9.40 16.62
CA THR B 96 -29.06 8.34 15.76
C THR B 96 -27.85 7.68 16.40
N PHE B 97 -27.69 6.37 16.16
CA PHE B 97 -26.68 5.54 16.79
C PHE B 97 -25.67 5.04 15.77
N GLY B 98 -24.49 4.68 16.26
CA GLY B 98 -23.54 3.94 15.45
C GLY B 98 -23.91 2.48 15.34
N GLN B 99 -23.23 1.78 14.42
CA GLN B 99 -23.53 0.37 14.22
C GLN B 99 -23.09 -0.50 15.38
N GLY B 100 -22.17 -0.02 16.20
CA GLY B 100 -21.70 -0.77 17.34
C GLY B 100 -20.30 -1.31 17.14
N THR B 101 -19.54 -1.37 18.24
CA THR B 101 -18.20 -1.92 18.25
C THR B 101 -18.14 -2.99 19.31
N LYS B 102 -17.90 -4.23 18.91
CA LYS B 102 -17.79 -5.33 19.86
C LYS B 102 -16.35 -5.56 20.26
N VAL B 103 -16.10 -5.50 21.57
CA VAL B 103 -14.79 -5.78 22.16
C VAL B 103 -14.78 -7.23 22.59
N GLU B 104 -13.93 -8.03 21.94
CA GLU B 104 -13.85 -9.46 22.18
C GLU B 104 -12.52 -9.83 22.83
N ILE B 105 -12.47 -11.04 23.36
CA ILE B 105 -11.27 -11.55 24.01
C ILE B 105 -10.30 -12.04 22.94
N LYS B 106 -9.08 -11.53 22.97
CA LYS B 106 -8.04 -11.97 22.05
C LYS B 106 -7.40 -13.26 22.54
N ARG B 107 -7.16 -14.17 21.60
CA ARG B 107 -6.49 -15.43 21.89
C ARG B 107 -5.65 -15.81 20.68
N THR B 108 -4.93 -16.93 20.80
CA THR B 108 -4.10 -17.38 19.68
C THR B 108 -4.98 -17.89 18.54
N VAL B 109 -4.45 -17.79 17.32
CA VAL B 109 -5.19 -18.20 16.14
C VAL B 109 -5.37 -19.71 16.13
N ALA B 110 -6.62 -20.16 16.00
CA ALA B 110 -6.96 -21.57 15.96
C ALA B 110 -7.71 -21.85 14.67
N ALA B 111 -7.18 -22.76 13.86
CA ALA B 111 -7.81 -23.13 12.61
C ALA B 111 -9.09 -23.92 12.89
N PRO B 112 -10.09 -23.80 12.04
CA PRO B 112 -11.33 -24.56 12.24
C PRO B 112 -11.16 -26.03 11.86
N SER B 113 -11.92 -26.86 12.56
CA SER B 113 -12.09 -28.25 12.18
C SER B 113 -13.33 -28.34 11.29
N VAL B 114 -13.15 -28.80 10.07
CA VAL B 114 -14.19 -28.79 9.05
C VAL B 114 -14.81 -30.17 8.96
N PHE B 115 -16.13 -30.25 9.17
CA PHE B 115 -16.89 -31.48 9.06
C PHE B 115 -18.06 -31.23 8.12
N ILE B 116 -18.45 -32.24 7.36
CA ILE B 116 -19.57 -32.13 6.42
C ILE B 116 -20.59 -33.22 6.71
N PHE B 117 -21.86 -32.86 6.61
CA PHE B 117 -22.98 -33.77 6.86
C PHE B 117 -23.90 -33.81 5.65
N PRO B 118 -24.02 -34.94 4.96
CA PRO B 118 -25.00 -35.04 3.86
C PRO B 118 -26.42 -35.03 4.41
N PRO B 119 -27.43 -34.80 3.57
CA PRO B 119 -28.80 -34.83 4.08
C PRO B 119 -29.20 -36.21 4.54
N SER B 120 -30.09 -36.26 5.52
CA SER B 120 -30.56 -37.52 6.05
C SER B 120 -31.57 -38.16 5.08
N ASP B 121 -31.72 -39.47 5.21
CA ASP B 121 -32.74 -40.14 4.41
C ASP B 121 -34.14 -39.71 4.83
N GLU B 122 -34.32 -39.32 6.09
CA GLU B 122 -35.64 -38.88 6.54
CA GLU B 122 -35.64 -38.88 6.54
C GLU B 122 -36.03 -37.56 5.89
N GLN B 123 -35.09 -36.63 5.76
CA GLN B 123 -35.42 -35.35 5.12
C GLN B 123 -35.69 -35.54 3.64
N LEU B 124 -34.93 -36.41 2.98
CA LEU B 124 -35.10 -36.61 1.54
C LEU B 124 -36.50 -37.12 1.20
N LYS B 125 -37.09 -37.94 2.07
CA LYS B 125 -38.46 -38.35 1.88
C LYS B 125 -39.41 -37.14 1.85
N SER B 126 -39.09 -36.10 2.62
CA SER B 126 -39.88 -34.88 2.68
C SER B 126 -39.73 -34.00 1.45
N GLY B 127 -38.74 -34.27 0.59
CA GLY B 127 -38.58 -33.53 -0.66
C GLY B 127 -37.51 -32.46 -0.66
N THR B 128 -36.77 -32.30 0.43
CA THR B 128 -35.72 -31.30 0.54
C THR B 128 -34.44 -31.96 1.01
N ALA B 129 -33.30 -31.38 0.63
CA ALA B 129 -31.99 -31.88 1.02
C ALA B 129 -31.17 -30.73 1.58
N SER B 130 -30.65 -30.91 2.80
CA SER B 130 -29.83 -29.90 3.45
C SER B 130 -28.45 -30.49 3.73
N VAL B 131 -27.43 -29.82 3.21
CA VAL B 131 -26.04 -30.21 3.43
C VAL B 131 -25.44 -29.20 4.41
N VAL B 132 -24.79 -29.70 5.45
CA VAL B 132 -24.29 -28.87 6.53
C VAL B 132 -22.76 -28.98 6.56
N CYS B 133 -22.09 -27.84 6.43
CA CYS B 133 -20.66 -27.71 6.67
C CYS B 133 -20.47 -27.07 8.03
N LEU B 134 -19.61 -27.65 8.86
CA LEU B 134 -19.39 -27.20 10.22
C LEU B 134 -17.94 -26.78 10.41
N LEU B 135 -17.73 -25.53 10.82
CA LEU B 135 -16.43 -25.01 11.20
C LEU B 135 -16.44 -24.88 12.72
N ASN B 136 -15.60 -25.66 13.39
CA ASN B 136 -15.68 -25.77 14.85
C ASN B 136 -14.45 -25.21 15.54
N ASN B 137 -14.70 -24.39 16.58
CA ASN B 137 -13.67 -23.89 17.51
C ASN B 137 -12.48 -23.23 16.80
N PHE B 138 -12.78 -22.14 16.08
CA PHE B 138 -11.76 -21.37 15.37
C PHE B 138 -11.67 -19.95 15.92
N TYR B 139 -10.48 -19.35 15.79
CA TYR B 139 -10.24 -17.93 16.09
C TYR B 139 -9.16 -17.42 15.17
N PRO B 140 -9.29 -16.21 14.60
CA PRO B 140 -10.39 -15.24 14.76
C PRO B 140 -11.66 -15.60 13.97
N ARG B 141 -12.70 -14.76 14.08
CA ARG B 141 -14.00 -15.13 13.53
C ARG B 141 -14.06 -15.03 12.01
N GLU B 142 -13.20 -14.25 11.38
CA GLU B 142 -13.24 -14.11 9.93
C GLU B 142 -12.94 -15.43 9.23
N ALA B 143 -13.86 -15.85 8.38
CA ALA B 143 -13.76 -17.09 7.64
C ALA B 143 -14.63 -16.99 6.39
N LYS B 144 -14.18 -17.63 5.32
CA LYS B 144 -14.88 -17.64 4.04
C LYS B 144 -15.32 -19.07 3.75
N VAL B 145 -16.60 -19.23 3.43
CA VAL B 145 -17.18 -20.53 3.18
C VAL B 145 -17.89 -20.49 1.84
N GLN B 146 -17.45 -21.34 0.91
CA GLN B 146 -18.04 -21.41 -0.42
C GLN B 146 -18.45 -22.84 -0.73
N TRP B 147 -19.58 -23.00 -1.40
CA TRP B 147 -20.11 -24.31 -1.77
C TRP B 147 -19.88 -24.55 -3.26
N LYS B 148 -19.34 -25.71 -3.60
CA LYS B 148 -19.15 -26.11 -4.99
C LYS B 148 -19.82 -27.46 -5.22
N VAL B 149 -20.72 -27.52 -6.21
CA VAL B 149 -21.46 -28.73 -6.54
C VAL B 149 -21.03 -29.17 -7.93
N ASP B 150 -20.29 -30.28 -8.00
CA ASP B 150 -19.69 -30.76 -9.25
C ASP B 150 -18.80 -29.69 -9.88
N ASN B 151 -18.05 -28.99 -9.01
CA ASN B 151 -17.11 -27.92 -9.33
C ASN B 151 -17.81 -26.60 -9.68
N ALA B 152 -19.14 -26.55 -9.64
CA ALA B 152 -19.89 -25.32 -9.92
C ALA B 152 -20.16 -24.56 -8.63
N LEU B 153 -19.69 -23.32 -8.58
CA LEU B 153 -19.90 -22.48 -7.40
C LEU B 153 -21.38 -22.18 -7.22
N GLN B 154 -21.84 -22.24 -5.97
CA GLN B 154 -23.23 -22.00 -5.63
C GLN B 154 -23.43 -20.57 -5.12
N SER B 155 -24.57 -19.98 -5.46
CA SER B 155 -24.90 -18.63 -5.00
C SER B 155 -26.40 -18.56 -4.71
N GLY B 156 -26.74 -17.98 -3.56
CA GLY B 156 -28.13 -17.73 -3.20
C GLY B 156 -28.89 -18.92 -2.64
N ASN B 157 -28.21 -20.03 -2.32
CA ASN B 157 -28.90 -21.19 -1.77
C ASN B 157 -28.21 -21.70 -0.51
N SER B 158 -27.55 -20.82 0.23
CA SER B 158 -26.91 -21.18 1.49
C SER B 158 -27.16 -20.08 2.52
N GLN B 159 -27.12 -20.47 3.80
CA GLN B 159 -27.23 -19.55 4.92
C GLN B 159 -26.22 -19.91 5.98
N GLU B 160 -25.58 -18.90 6.57
CA GLU B 160 -24.56 -19.10 7.59
C GLU B 160 -25.04 -18.64 8.96
N SER B 161 -24.50 -19.28 9.99
CA SER B 161 -24.80 -18.92 11.37
C SER B 161 -23.53 -19.10 12.19
N VAL B 162 -23.25 -18.13 13.06
CA VAL B 162 -22.06 -18.15 13.89
C VAL B 162 -22.48 -18.04 15.34
N THR B 163 -21.76 -18.73 16.22
CA THR B 163 -21.99 -18.62 17.65
C THR B 163 -21.20 -17.44 18.21
N GLU B 164 -21.67 -16.94 19.35
CA GLU B 164 -20.85 -15.98 20.07
C GLU B 164 -19.63 -16.67 20.66
N GLN B 165 -18.66 -15.86 21.07
CA GLN B 165 -17.40 -16.37 21.59
C GLN B 165 -17.63 -17.28 22.79
N ASP B 166 -16.97 -18.44 22.78
CA ASP B 166 -17.13 -19.40 23.85
C ASP B 166 -16.49 -18.87 25.14
N SER B 167 -17.18 -19.09 26.26
CA SER B 167 -16.74 -18.55 27.54
C SER B 167 -15.50 -19.25 28.10
N LYS B 168 -15.19 -20.47 27.65
CA LYS B 168 -14.02 -21.20 28.15
C LYS B 168 -12.81 -21.12 27.22
N ASP B 169 -12.95 -21.34 25.91
CA ASP B 169 -11.79 -21.31 25.02
C ASP B 169 -11.72 -20.07 24.15
N SER B 170 -12.76 -19.22 24.17
CA SER B 170 -12.80 -17.98 23.39
C SER B 170 -12.80 -18.23 21.89
N THR B 171 -13.43 -19.31 21.45
CA THR B 171 -13.51 -19.64 20.03
C THR B 171 -14.90 -19.37 19.48
N TYR B 172 -15.00 -19.45 18.17
CA TYR B 172 -16.26 -19.30 17.46
C TYR B 172 -16.50 -20.57 16.67
N SER B 173 -17.76 -20.88 16.43
CA SER B 173 -18.16 -21.98 15.57
C SER B 173 -19.16 -21.46 14.56
N LEU B 174 -19.10 -21.99 13.34
CA LEU B 174 -19.91 -21.51 12.25
C LEU B 174 -20.53 -22.69 11.51
N SER B 175 -21.76 -22.52 11.04
CA SER B 175 -22.44 -23.50 10.21
C SER B 175 -22.83 -22.85 8.89
N SER B 176 -22.68 -23.62 7.81
CA SER B 176 -23.16 -23.23 6.49
C SER B 176 -24.06 -24.34 5.98
N THR B 177 -25.29 -23.99 5.60
CA THR B 177 -26.30 -24.96 5.21
C THR B 177 -26.72 -24.72 3.77
N LEU B 178 -26.37 -25.64 2.89
CA LEU B 178 -26.79 -25.60 1.49
C LEU B 178 -28.13 -26.32 1.36
N THR B 179 -29.13 -25.60 0.87
CA THR B 179 -30.49 -26.14 0.77
C THR B 179 -30.87 -26.32 -0.70
N LEU B 180 -31.31 -27.54 -1.03
CA LEU B 180 -31.70 -27.89 -2.39
C LEU B 180 -32.98 -28.71 -2.35
N SER B 181 -33.69 -28.73 -3.48
CA SER B 181 -34.80 -29.66 -3.59
C SER B 181 -34.25 -31.08 -3.71
N LYS B 182 -35.12 -32.06 -3.44
CA LYS B 182 -34.69 -33.46 -3.56
C LYS B 182 -34.26 -33.79 -4.97
N ALA B 183 -35.01 -33.32 -5.97
CA ALA B 183 -34.69 -33.62 -7.36
C ALA B 183 -33.38 -32.97 -7.78
N ASP B 184 -33.15 -31.71 -7.39
CA ASP B 184 -31.90 -31.06 -7.76
C ASP B 184 -30.71 -31.69 -7.04
N TYR B 185 -30.91 -32.18 -5.81
CA TYR B 185 -29.82 -32.80 -5.09
C TYR B 185 -29.41 -34.11 -5.75
N GLU B 186 -30.35 -34.83 -6.34
CA GLU B 186 -30.11 -36.16 -6.89
C GLU B 186 -29.43 -36.14 -8.25
N LYS B 187 -29.34 -35.00 -8.93
CA LYS B 187 -28.69 -34.99 -10.24
C LYS B 187 -27.21 -34.64 -10.16
N HIS B 188 -26.64 -34.45 -8.98
CA HIS B 188 -25.24 -34.11 -8.83
C HIS B 188 -24.55 -35.14 -7.94
N LYS B 189 -23.22 -35.23 -8.08
CA LYS B 189 -22.43 -36.22 -7.37
C LYS B 189 -21.58 -35.62 -6.25
N VAL B 190 -20.68 -34.71 -6.57
CA VAL B 190 -19.72 -34.19 -5.62
C VAL B 190 -20.26 -32.93 -4.96
N TYR B 191 -20.41 -32.97 -3.65
CA TYR B 191 -20.85 -31.83 -2.85
C TYR B 191 -19.72 -31.45 -1.92
N ALA B 192 -19.25 -30.20 -2.03
CA ALA B 192 -18.04 -29.79 -1.36
C ALA B 192 -18.21 -28.39 -0.78
N CYS B 193 -17.54 -28.15 0.34
CA CYS B 193 -17.49 -26.82 0.92
CA CYS B 193 -17.48 -26.83 0.96
C CYS B 193 -16.03 -26.43 1.12
N GLU B 194 -15.68 -25.23 0.66
CA GLU B 194 -14.31 -24.72 0.68
C GLU B 194 -14.19 -23.67 1.77
N VAL B 195 -13.17 -23.79 2.60
CA VAL B 195 -13.04 -22.98 3.81
C VAL B 195 -11.73 -22.20 3.74
N THR B 196 -11.82 -20.89 3.92
CA THR B 196 -10.65 -20.02 3.99
C THR B 196 -10.62 -19.39 5.38
N HIS B 197 -9.53 -19.61 6.10
CA HIS B 197 -9.37 -19.06 7.43
C HIS B 197 -7.90 -18.76 7.66
N GLN B 198 -7.63 -17.79 8.53
CA GLN B 198 -6.26 -17.36 8.76
C GLN B 198 -5.39 -18.52 9.27
N GLY B 199 -5.97 -19.41 10.06
CA GLY B 199 -5.23 -20.55 10.60
C GLY B 199 -4.88 -21.61 9.57
N LEU B 200 -5.40 -21.50 8.36
CA LEU B 200 -5.13 -22.47 7.29
C LEU B 200 -4.12 -21.88 6.32
N SER B 201 -3.13 -22.68 5.94
CA SER B 201 -2.11 -22.21 5.01
C SER B 201 -2.70 -21.98 3.61
N SER B 202 -3.77 -22.69 3.28
CA SER B 202 -4.43 -22.58 1.98
C SER B 202 -5.88 -23.01 2.16
N PRO B 203 -6.76 -22.66 1.22
CA PRO B 203 -8.15 -23.10 1.33
C PRO B 203 -8.26 -24.62 1.48
N VAL B 204 -9.18 -25.04 2.34
CA VAL B 204 -9.37 -26.45 2.67
C VAL B 204 -10.74 -26.88 2.16
N THR B 205 -10.78 -28.05 1.52
CA THR B 205 -11.99 -28.60 0.93
C THR B 205 -12.46 -29.82 1.70
N LYS B 206 -13.74 -29.87 2.01
CA LYS B 206 -14.38 -31.03 2.63
C LYS B 206 -15.54 -31.45 1.72
N SER B 207 -15.47 -32.67 1.18
CA SER B 207 -16.41 -33.11 0.16
C SER B 207 -16.93 -34.52 0.44
N PHE B 208 -18.03 -34.85 -0.22
CA PHE B 208 -18.58 -36.21 -0.19
C PHE B 208 -19.25 -36.49 -1.54
N ASN B 209 -19.39 -37.78 -1.84
CA ASN B 209 -20.10 -38.24 -3.02
C ASN B 209 -21.49 -38.72 -2.61
N ARG B 210 -22.51 -38.20 -3.31
CA ARG B 210 -23.90 -38.49 -2.97
C ARG B 210 -24.23 -39.97 -3.07
N GLY B 211 -24.80 -40.52 -2.00
CA GLY B 211 -25.23 -41.91 -1.98
C GLY B 211 -24.19 -42.91 -1.50
N GLU B 212 -22.94 -42.50 -1.29
CA GLU B 212 -21.91 -43.47 -0.93
C GLU B 212 -21.91 -43.75 0.56
N CYS B 213 -22.46 -42.85 1.37
CA CYS B 213 -22.42 -43.01 2.81
C CYS B 213 -23.66 -42.38 3.44
N GLN C 1 11.37 27.72 42.59
CA GLN C 1 11.64 26.59 41.71
C GLN C 1 10.63 26.58 40.55
N VAL C 2 11.02 27.20 39.44
CA VAL C 2 10.15 27.31 38.27
C VAL C 2 9.91 25.92 37.67
N GLN C 3 8.64 25.61 37.43
CA GLN C 3 8.27 24.33 36.86
C GLN C 3 7.20 24.52 35.80
N LEU C 4 7.45 23.95 34.62
CA LEU C 4 6.56 24.01 33.47
C LEU C 4 6.30 22.58 33.00
N VAL C 5 5.02 22.17 33.00
CA VAL C 5 4.62 20.82 32.61
C VAL C 5 3.70 20.90 31.41
N GLU C 6 4.16 20.36 30.28
CA GLU C 6 3.38 20.31 29.06
C GLU C 6 2.52 19.04 29.04
N SER C 7 1.42 19.12 28.31
CA SER C 7 0.53 17.97 28.13
C SER C 7 -0.30 18.19 26.87
N GLY C 8 -0.91 17.10 26.40
CA GLY C 8 -1.80 17.15 25.25
C GLY C 8 -1.26 16.54 23.98
N GLY C 9 0.03 16.23 23.92
CA GLY C 9 0.59 15.64 22.71
C GLY C 9 -0.01 14.27 22.43
N ASN C 10 -0.27 14.02 21.15
CA ASN C 10 -0.95 12.80 20.73
C ASN C 10 -0.69 12.59 19.24
N VAL C 11 -1.18 11.46 18.73
CA VAL C 11 -1.14 11.17 17.30
C VAL C 11 -2.41 11.73 16.66
N VAL C 12 -2.25 12.53 15.62
CA VAL C 12 -3.38 13.21 14.99
C VAL C 12 -3.28 13.09 13.47
N GLN C 13 -4.42 12.91 12.82
CA GLN C 13 -4.47 12.89 11.36
C GLN C 13 -4.26 14.29 10.79
N PRO C 14 -3.66 14.40 9.59
CA PRO C 14 -3.49 15.71 8.97
C PRO C 14 -4.80 16.40 8.71
N GLY C 15 -4.82 17.72 8.95
CA GLY C 15 -6.01 18.52 8.79
C GLY C 15 -6.89 18.63 10.01
N ARG C 16 -6.58 17.92 11.09
CA ARG C 16 -7.36 17.95 12.32
C ARG C 16 -6.74 18.95 13.30
N SER C 17 -7.31 18.99 14.50
CA SER C 17 -6.90 19.95 15.52
C SER C 17 -6.42 19.25 16.78
N LEU C 18 -5.51 19.91 17.49
CA LEU C 18 -5.00 19.44 18.78
C LEU C 18 -4.68 20.65 19.65
N ARG C 19 -4.96 20.52 20.94
CA ARG C 19 -4.74 21.58 21.92
C ARG C 19 -3.71 21.13 22.95
N LEU C 20 -2.64 21.90 23.09
CA LEU C 20 -1.60 21.64 24.08
C LEU C 20 -1.77 22.56 25.27
N SER C 21 -1.26 22.13 26.42
CA SER C 21 -1.30 22.90 27.64
C SER C 21 0.08 22.93 28.28
N CYS C 22 0.34 24.00 29.03
CA CYS C 22 1.58 24.15 29.80
C CYS C 22 1.15 24.68 31.16
N THR C 23 1.24 23.82 32.18
CA THR C 23 0.85 24.20 33.53
C THR C 23 2.07 24.69 34.29
N ALA C 24 1.98 25.90 34.84
CA ALA C 24 3.10 26.55 35.49
C ALA C 24 2.94 26.54 36.99
N SER C 25 4.08 26.44 37.67
CA SER C 25 4.13 26.50 39.13
C SER C 25 5.51 27.03 39.53
N GLY C 26 5.58 27.64 40.70
CA GLY C 26 6.83 28.11 41.24
C GLY C 26 7.19 29.55 40.91
N PHE C 27 6.35 30.26 40.15
CA PHE C 27 6.59 31.67 39.86
C PHE C 27 5.25 32.33 39.57
N THR C 28 5.25 33.66 39.59
CA THR C 28 4.02 34.42 39.33
C THR C 28 3.75 34.38 37.82
N PHE C 29 2.91 33.44 37.40
CA PHE C 29 2.67 33.20 35.99
C PHE C 29 2.10 34.43 35.28
N SER C 30 1.22 35.17 35.97
CA SER C 30 0.50 36.29 35.37
C SER C 30 1.38 37.49 35.07
N SER C 31 2.66 37.47 35.44
CA SER C 31 3.56 38.58 35.22
C SER C 31 4.59 38.31 34.14
N TYR C 32 4.55 37.16 33.48
CA TYR C 32 5.60 36.79 32.54
C TYR C 32 5.02 36.42 31.18
N GLY C 33 5.71 36.83 30.14
CA GLY C 33 5.42 36.33 28.82
C GLY C 33 5.84 34.88 28.71
N MET C 34 5.23 34.17 27.76
CA MET C 34 5.48 32.74 27.57
C MET C 34 5.73 32.44 26.10
N HIS C 35 6.60 31.46 25.85
CA HIS C 35 6.92 31.02 24.50
C HIS C 35 6.53 29.57 24.31
N TRP C 36 6.21 29.22 23.07
CA TRP C 36 6.13 27.83 22.63
C TRP C 36 7.23 27.61 21.61
N VAL C 37 8.06 26.58 21.82
CA VAL C 37 9.15 26.23 20.91
C VAL C 37 9.07 24.74 20.62
N ARG C 38 9.28 24.37 19.36
CA ARG C 38 9.24 22.98 18.93
C ARG C 38 10.60 22.49 18.44
N GLN C 39 10.82 21.18 18.54
CA GLN C 39 12.09 20.56 18.19
C GLN C 39 11.88 19.26 17.43
N ALA C 40 12.62 19.10 16.32
CA ALA C 40 12.58 17.89 15.51
C ALA C 40 13.84 17.85 14.65
N PRO C 41 14.25 16.66 14.20
CA PRO C 41 15.46 16.59 13.36
C PRO C 41 15.39 17.42 12.08
N ASP C 42 14.25 17.43 11.40
CA ASP C 42 14.12 18.22 10.18
C ASP C 42 14.01 19.72 10.44
N LYS C 43 13.77 20.13 11.69
CA LYS C 43 13.54 21.53 12.00
C LYS C 43 14.50 22.13 13.02
N GLY C 44 15.28 21.31 13.71
CA GLY C 44 16.13 21.78 14.79
C GLY C 44 15.29 22.37 15.91
N LEU C 45 15.82 23.41 16.56
CA LEU C 45 15.06 24.19 17.53
C LEU C 45 14.40 25.34 16.78
N GLU C 46 13.07 25.38 16.81
CA GLU C 46 12.31 26.36 16.06
C GLU C 46 11.30 27.06 16.95
N TRP C 47 11.44 28.39 17.07
CA TRP C 47 10.47 29.18 17.82
C TRP C 47 9.12 29.16 17.13
N VAL C 48 8.05 29.02 17.93
CA VAL C 48 6.68 28.91 17.40
C VAL C 48 5.89 30.19 17.66
N ALA C 49 5.77 30.60 18.92
CA ALA C 49 4.94 31.75 19.25
C ALA C 49 5.33 32.31 20.62
N ILE C 50 4.94 33.56 20.85
CA ILE C 50 5.10 34.24 22.14
C ILE C 50 3.79 34.93 22.48
N ILE C 51 3.49 35.01 23.78
CA ILE C 51 2.32 35.74 24.27
C ILE C 51 2.74 36.61 25.44
N TRP C 52 2.23 37.85 25.45
CA TRP C 52 2.52 38.79 26.52
C TRP C 52 1.86 38.34 27.82
N TYR C 53 2.27 38.99 28.92
CA TYR C 53 1.82 38.58 30.25
C TYR C 53 0.29 38.62 30.36
N ASP C 54 -0.37 39.57 29.70
CA ASP C 54 -1.82 39.73 29.85
C ASP C 54 -2.61 39.04 28.76
N GLY C 55 -1.96 38.42 27.78
CA GLY C 55 -2.67 37.72 26.74
C GLY C 55 -3.05 38.56 25.53
N GLY C 56 -2.58 39.80 25.44
CA GLY C 56 -2.96 40.63 24.31
C GLY C 56 -2.03 40.51 23.13
N ASN C 57 -0.77 40.91 23.29
CA ASN C 57 0.18 40.87 22.19
C ASN C 57 0.61 39.43 21.93
N LYS C 58 0.44 38.98 20.69
CA LYS C 58 0.79 37.63 20.28
C LYS C 58 1.52 37.74 18.95
N PHE C 59 2.65 37.04 18.82
CA PHE C 59 3.39 36.97 17.58
C PHE C 59 3.65 35.51 17.22
N TYR C 60 3.67 35.20 15.92
CA TYR C 60 3.80 33.83 15.45
C TYR C 60 4.89 33.73 14.39
N ALA C 61 5.39 32.50 14.24
CA ALA C 61 6.30 32.19 13.16
C ALA C 61 5.51 31.95 11.89
N ASP C 62 6.11 32.31 10.75
CA ASP C 62 5.45 32.17 9.46
C ASP C 62 4.98 30.75 9.21
N SER C 63 5.72 29.75 9.69
CA SER C 63 5.38 28.36 9.45
C SER C 63 4.04 27.96 10.05
N VAL C 64 3.55 28.70 11.07
CA VAL C 64 2.31 28.34 11.74
C VAL C 64 1.26 29.45 11.70
N LYS C 65 1.61 30.62 11.17
CA LYS C 65 0.67 31.73 11.18
C LYS C 65 -0.57 31.39 10.36
N GLY C 66 -1.74 31.69 10.92
CA GLY C 66 -3.01 31.35 10.31
C GLY C 66 -3.56 29.99 10.71
N ARG C 67 -2.76 29.15 11.36
CA ARG C 67 -3.19 27.82 11.77
C ARG C 67 -3.12 27.60 13.27
N PHE C 68 -2.12 28.17 13.94
CA PHE C 68 -1.90 28.00 15.37
C PHE C 68 -2.28 29.27 16.13
N THR C 69 -2.90 29.09 17.28
CA THR C 69 -3.31 30.22 18.13
C THR C 69 -2.79 29.99 19.55
N ILE C 70 -2.05 30.97 20.07
CA ILE C 70 -1.53 30.93 21.44
C ILE C 70 -2.45 31.74 22.35
N SER C 71 -2.72 31.19 23.54
CA SER C 71 -3.56 31.84 24.53
C SER C 71 -3.12 31.39 25.92
N ARG C 72 -3.69 32.03 26.94
CA ARG C 72 -3.33 31.75 28.31
C ARG C 72 -4.52 32.01 29.23
N ASP C 73 -4.50 31.35 30.38
CA ASP C 73 -5.49 31.54 31.44
C ASP C 73 -4.72 31.79 32.73
N ASN C 74 -4.59 33.07 33.11
CA ASN C 74 -3.80 33.42 34.27
C ASN C 74 -4.44 32.98 35.58
N SER C 75 -5.76 32.79 35.60
CA SER C 75 -6.42 32.26 36.79
C SER C 75 -6.10 30.79 37.02
N LYS C 76 -5.65 30.09 35.98
CA LYS C 76 -5.25 28.70 36.08
C LYS C 76 -3.75 28.49 35.96
N ASP C 77 -2.99 29.56 35.71
CA ASP C 77 -1.54 29.48 35.51
C ASP C 77 -1.21 28.49 34.40
N THR C 78 -2.01 28.53 33.33
CA THR C 78 -1.92 27.56 32.24
C THR C 78 -1.74 28.30 30.92
N LEU C 79 -0.79 27.83 30.12
CA LEU C 79 -0.57 28.33 28.77
C LEU C 79 -1.10 27.31 27.78
N TYR C 80 -1.68 27.79 26.68
CA TYR C 80 -2.30 26.93 25.67
C TYR C 80 -1.72 27.19 24.30
N LEU C 81 -1.76 26.16 23.47
CA LEU C 81 -1.42 26.26 22.05
C LEU C 81 -2.46 25.46 21.28
N GLN C 82 -3.34 26.16 20.55
CA GLN C 82 -4.36 25.51 19.74
C GLN C 82 -3.82 25.34 18.32
N MET C 83 -3.66 24.09 17.91
CA MET C 83 -3.09 23.74 16.61
C MET C 83 -4.19 23.23 15.70
N ASN C 84 -4.45 23.97 14.62
CA ASN C 84 -5.49 23.68 13.65
C ASN C 84 -4.85 23.39 12.29
N SER C 85 -5.53 22.54 11.50
CA SER C 85 -5.05 22.18 10.16
C SER C 85 -3.62 21.66 10.21
N LEU C 86 -3.38 20.70 11.11
CA LEU C 86 -2.03 20.19 11.34
C LEU C 86 -1.49 19.49 10.11
N ARG C 87 -0.18 19.63 9.88
CA ARG C 87 0.50 19.03 8.75
C ARG C 87 1.55 18.07 9.25
N ALA C 88 2.02 17.19 8.36
CA ALA C 88 3.05 16.23 8.73
C ALA C 88 4.31 16.93 9.22
N GLU C 89 4.64 18.08 8.63
CA GLU C 89 5.81 18.82 9.03
C GLU C 89 5.67 19.47 10.40
N ASP C 90 4.48 19.38 11.02
CA ASP C 90 4.30 19.89 12.38
C ASP C 90 4.75 18.89 13.43
N THR C 91 5.10 17.67 13.02
CA THR C 91 5.52 16.63 13.93
C THR C 91 6.79 17.05 14.65
N ALA C 92 6.73 17.14 15.98
CA ALA C 92 7.88 17.59 16.76
C ALA C 92 7.58 17.45 18.24
N VAL C 93 8.60 17.69 19.04
CA VAL C 93 8.46 17.86 20.48
C VAL C 93 8.18 19.33 20.74
N TYR C 94 7.08 19.61 21.45
CA TYR C 94 6.66 20.99 21.68
C TYR C 94 6.97 21.37 23.12
N TYR C 95 7.83 22.38 23.29
CA TYR C 95 8.23 22.89 24.59
C TYR C 95 7.53 24.20 24.86
N CYS C 96 7.31 24.48 26.14
CA CYS C 96 6.85 25.78 26.59
CA CYS C 96 6.84 25.76 26.63
C CYS C 96 7.96 26.41 27.43
N ALA C 97 8.20 27.69 27.19
CA ALA C 97 9.32 28.37 27.81
C ALA C 97 8.87 29.68 28.45
N LYS C 98 9.49 30.00 29.57
CA LYS C 98 9.24 31.24 30.29
C LYS C 98 10.14 32.34 29.76
N ALA C 99 9.56 33.51 29.51
CA ALA C 99 10.37 34.68 29.19
C ALA C 99 11.15 35.10 30.43
N TRP C 100 12.39 35.53 30.24
CA TRP C 100 13.23 35.70 31.41
C TRP C 100 13.00 37.06 32.08
N TYR C 101 13.42 37.15 33.34
CA TYR C 101 13.38 38.39 34.11
C TYR C 101 14.78 39.03 34.10
N LYS C 102 15.24 39.33 32.88
CA LYS C 102 16.48 40.07 32.65
C LYS C 102 16.17 41.38 31.94
N ILE C 103 16.39 42.50 32.62
CA ILE C 103 16.04 43.82 32.10
C ILE C 103 17.10 44.32 31.13
N ASP C 104 16.69 44.56 29.90
CA ASP C 104 17.51 45.10 28.81
C ASP C 104 16.54 45.47 27.69
N ASP C 105 17.09 45.87 26.54
CA ASP C 105 16.24 46.26 25.41
C ASP C 105 15.58 45.07 24.72
N LYS C 106 16.22 43.91 24.74
CA LYS C 106 15.70 42.72 24.08
C LYS C 106 15.55 41.60 25.10
N TYR C 107 14.56 40.73 24.88
CA TYR C 107 14.23 39.67 25.83
C TYR C 107 14.19 38.32 25.14
N SER C 108 14.45 37.27 25.93
CA SER C 108 14.37 35.90 25.44
C SER C 108 13.75 35.03 26.53
N MET C 109 13.99 33.72 26.46
CA MET C 109 13.47 32.73 27.39
C MET C 109 14.58 32.10 28.23
N ASP C 110 14.26 31.73 29.47
CA ASP C 110 15.23 31.09 30.36
C ASP C 110 14.86 29.65 30.70
N VAL C 111 13.67 29.41 31.26
CA VAL C 111 13.30 28.08 31.78
C VAL C 111 12.37 27.40 30.79
N TRP C 112 12.66 26.12 30.48
CA TRP C 112 11.90 25.30 29.55
C TRP C 112 11.22 24.15 30.29
N GLY C 113 10.09 23.69 29.73
CA GLY C 113 9.41 22.51 30.22
C GLY C 113 10.01 21.23 29.67
N GLN C 114 9.39 20.10 29.99
CA GLN C 114 9.92 18.80 29.57
CA GLN C 114 9.93 18.81 29.56
C GLN C 114 9.47 18.45 28.16
N GLY C 115 8.39 19.04 27.67
CA GLY C 115 7.97 18.79 26.30
C GLY C 115 6.87 17.74 26.18
N THR C 116 6.01 17.92 25.18
CA THR C 116 5.00 16.95 24.81
C THR C 116 5.12 16.67 23.32
N THR C 117 4.95 15.41 22.93
CA THR C 117 5.27 14.95 21.57
C THR C 117 4.02 14.92 20.70
N VAL C 118 4.07 15.60 19.56
CA VAL C 118 2.97 15.63 18.59
C VAL C 118 3.41 14.93 17.31
N THR C 119 2.63 13.93 16.89
CA THR C 119 2.90 13.16 15.68
C THR C 119 1.71 13.28 14.75
N VAL C 120 1.92 13.87 13.58
CA VAL C 120 0.87 14.07 12.56
C VAL C 120 1.10 13.11 11.41
N SER C 121 0.18 12.17 11.22
CA SER C 121 0.26 11.20 10.14
C SER C 121 -1.12 10.66 9.85
N SER C 122 -1.31 10.18 8.62
CA SER C 122 -2.57 9.54 8.25
C SER C 122 -2.52 8.03 8.44
N ALA C 123 -1.39 7.50 8.94
CA ALA C 123 -1.22 6.07 9.09
C ALA C 123 -2.12 5.54 10.19
N SER C 124 -2.57 4.30 10.03
CA SER C 124 -3.34 3.63 11.05
C SER C 124 -2.43 2.87 12.00
N THR C 125 -2.91 2.67 13.22
CA THR C 125 -2.14 1.93 14.21
C THR C 125 -1.93 0.49 13.75
N LYS C 126 -0.66 0.05 13.73
CA LYS C 126 -0.30 -1.29 13.27
C LYS C 126 0.85 -1.82 14.12
N GLY C 127 0.72 -3.08 14.54
CA GLY C 127 1.76 -3.75 15.28
C GLY C 127 2.88 -4.17 14.34
N PRO C 128 4.07 -4.38 14.89
CA PRO C 128 5.22 -4.68 14.04
C PRO C 128 5.28 -6.13 13.59
N SER C 129 5.94 -6.31 12.45
CA SER C 129 6.33 -7.62 11.95
C SER C 129 7.78 -7.85 12.36
N VAL C 130 8.06 -9.01 12.94
CA VAL C 130 9.38 -9.32 13.47
C VAL C 130 9.99 -10.44 12.64
N PHE C 131 11.11 -10.15 11.99
CA PHE C 131 11.83 -11.12 11.19
C PHE C 131 13.22 -11.33 11.77
N PRO C 132 13.76 -12.54 11.72
CA PRO C 132 15.08 -12.79 12.31
C PRO C 132 16.21 -12.33 11.41
N LEU C 133 17.27 -11.84 12.04
CA LEU C 133 18.56 -11.56 11.40
C LEU C 133 19.51 -12.67 11.85
N ALA C 134 19.46 -13.79 11.14
CA ALA C 134 20.12 -15.01 11.59
C ALA C 134 21.64 -14.88 11.57
N PRO C 135 22.32 -15.44 12.58
CA PRO C 135 23.79 -15.47 12.54
C PRO C 135 24.27 -16.43 11.46
N SER C 136 25.38 -16.08 10.84
CA SER C 136 25.94 -16.89 9.75
C SER C 136 27.44 -16.65 9.68
N SER C 137 28.07 -17.35 8.72
CA SER C 137 29.48 -17.10 8.42
C SER C 137 29.70 -15.66 7.98
N LYS C 138 28.69 -15.01 7.40
CA LYS C 138 28.81 -13.63 6.97
CA LYS C 138 28.81 -13.63 6.97
C LYS C 138 28.48 -12.62 8.08
N SER C 139 28.34 -13.07 9.32
CA SER C 139 28.04 -12.20 10.45
C SER C 139 28.94 -12.52 11.64
N THR C 140 30.20 -12.85 11.35
CA THR C 140 31.13 -13.34 12.37
C THR C 140 32.50 -12.70 12.23
N SER C 141 33.13 -12.37 13.35
CA SER C 141 34.48 -11.84 13.37
C SER C 141 35.17 -12.20 14.68
N GLY C 142 36.30 -12.89 14.58
CA GLY C 142 37.10 -13.26 15.75
C GLY C 142 36.38 -13.97 16.86
N GLY C 143 35.61 -15.01 16.53
CA GLY C 143 34.93 -15.76 17.55
C GLY C 143 33.65 -15.14 18.06
N THR C 144 33.25 -14.01 17.50
CA THR C 144 32.05 -13.29 17.91
C THR C 144 31.07 -13.34 16.74
N ALA C 145 29.81 -13.54 17.06
CA ALA C 145 28.77 -13.61 16.04
C ALA C 145 27.72 -12.55 16.31
N ALA C 146 27.21 -11.96 15.23
CA ALA C 146 26.18 -10.96 15.29
C ALA C 146 24.85 -11.54 14.82
N LEU C 147 23.80 -11.23 15.56
CA LEU C 147 22.46 -11.64 15.20
C LEU C 147 21.51 -10.54 15.64
N GLY C 148 20.29 -10.59 15.14
CA GLY C 148 19.36 -9.54 15.47
C GLY C 148 17.96 -9.85 15.02
N CYS C 149 17.12 -8.82 15.11
CA CYS C 149 15.73 -8.89 14.71
CA CYS C 149 15.73 -8.89 14.70
C CYS C 149 15.34 -7.62 13.97
N LEU C 150 14.63 -7.79 12.85
CA LEU C 150 14.10 -6.67 12.08
C LEU C 150 12.67 -6.40 12.53
N VAL C 151 12.42 -5.22 13.08
CA VAL C 151 11.11 -4.82 13.56
C VAL C 151 10.55 -3.84 12.54
N LYS C 152 9.62 -4.29 11.71
CA LYS C 152 9.21 -3.57 10.52
C LYS C 152 7.72 -3.25 10.49
N ASP C 153 7.41 -2.10 9.89
CA ASP C 153 6.04 -1.67 9.56
C ASP C 153 5.12 -1.60 10.79
N TYR C 154 5.52 -0.79 11.76
CA TYR C 154 4.69 -0.50 12.92
C TYR C 154 4.36 0.99 12.98
N PHE C 155 3.18 1.30 13.52
CA PHE C 155 2.76 2.69 13.77
C PHE C 155 1.91 2.75 15.02
N PRO C 156 2.10 3.77 15.87
CA PRO C 156 3.22 4.71 15.83
C PRO C 156 4.38 4.29 16.75
N GLU C 157 5.28 5.22 17.03
CA GLU C 157 6.31 4.99 18.02
C GLU C 157 5.70 4.95 19.42
N PRO C 158 6.36 4.29 20.38
CA PRO C 158 7.61 3.54 20.25
C PRO C 158 7.43 2.03 20.32
N VAL C 159 8.53 1.30 20.14
CA VAL C 159 8.62 -0.12 20.45
C VAL C 159 9.77 -0.31 21.41
N THR C 160 9.69 -1.34 22.23
CA THR C 160 10.77 -1.74 23.11
C THR C 160 11.26 -3.12 22.71
N VAL C 161 12.58 -3.29 22.73
CA VAL C 161 13.20 -4.57 22.37
C VAL C 161 14.12 -5.00 23.50
N SER C 162 14.01 -6.27 23.90
CA SER C 162 14.92 -6.89 24.85
C SER C 162 15.38 -8.21 24.28
N TRP C 163 16.43 -8.78 24.90
CA TRP C 163 17.01 -10.04 24.46
C TRP C 163 16.91 -11.07 25.58
N ASN C 164 16.35 -12.24 25.25
CA ASN C 164 16.15 -13.33 26.21
C ASN C 164 15.42 -12.82 27.45
N SER C 165 14.38 -12.02 27.22
CA SER C 165 13.54 -11.45 28.28
C SER C 165 14.36 -10.61 29.26
N GLY C 166 15.40 -9.95 28.76
CA GLY C 166 16.22 -9.10 29.58
C GLY C 166 17.44 -9.76 30.18
N ALA C 167 17.56 -11.09 30.04
CA ALA C 167 18.73 -11.78 30.55
C ALA C 167 19.98 -11.45 29.77
N LEU C 168 19.83 -11.10 28.48
CA LEU C 168 20.94 -10.72 27.62
C LEU C 168 20.87 -9.23 27.36
N THR C 169 21.85 -8.48 27.87
CA THR C 169 21.83 -7.04 27.72
C THR C 169 23.15 -6.50 27.17
N SER C 170 24.25 -7.18 27.48
CA SER C 170 25.56 -6.71 27.03
C SER C 170 25.70 -6.94 25.52
N GLY C 171 26.27 -5.95 24.84
CA GLY C 171 26.47 -6.06 23.41
C GLY C 171 25.25 -5.77 22.55
N VAL C 172 24.13 -5.36 23.16
CA VAL C 172 22.89 -5.09 22.46
C VAL C 172 22.91 -3.69 21.85
N HIS C 173 22.49 -3.57 20.59
CA HIS C 173 22.33 -2.28 19.93
C HIS C 173 20.95 -2.23 19.29
N THR C 174 20.03 -1.46 19.89
CA THR C 174 18.71 -1.20 19.32
C THR C 174 18.76 0.18 18.67
N PHE C 175 18.68 0.21 17.35
CA PHE C 175 18.83 1.41 16.55
C PHE C 175 17.56 2.27 16.61
N PRO C 176 17.72 3.59 16.49
CA PRO C 176 16.53 4.45 16.38
C PRO C 176 15.70 4.08 15.16
N ALA C 177 14.39 4.26 15.28
CA ALA C 177 13.49 3.93 14.20
C ALA C 177 13.67 4.90 13.03
N VAL C 178 13.44 4.40 11.82
CA VAL C 178 13.38 5.25 10.65
C VAL C 178 11.94 5.22 10.14
N LEU C 179 11.51 6.35 9.58
CA LEU C 179 10.18 6.46 9.00
C LEU C 179 10.25 6.14 7.51
N GLN C 180 9.56 5.08 7.11
CA GLN C 180 9.56 4.65 5.72
C GLN C 180 8.55 5.48 4.91
N SER C 181 8.69 5.42 3.59
CA SER C 181 7.81 6.19 2.72
C SER C 181 6.36 5.77 2.81
N SER C 182 6.09 4.55 3.29
CA SER C 182 4.71 4.12 3.49
C SER C 182 4.04 4.77 4.69
N GLY C 183 4.79 5.54 5.48
CA GLY C 183 4.29 6.12 6.71
C GLY C 183 4.48 5.24 7.92
N LEU C 184 5.04 4.04 7.76
CA LEU C 184 5.28 3.13 8.86
C LEU C 184 6.74 3.16 9.27
N TYR C 185 7.00 2.96 10.56
CA TYR C 185 8.34 2.94 11.13
C TYR C 185 8.93 1.53 11.05
N SER C 186 10.27 1.47 11.10
CA SER C 186 10.98 0.20 11.12
C SER C 186 12.31 0.37 11.83
N LEU C 187 12.74 -0.67 12.55
CA LEU C 187 14.05 -0.65 13.18
C LEU C 187 14.59 -2.07 13.29
N SER C 188 15.85 -2.18 13.69
CA SER C 188 16.47 -3.47 13.98
C SER C 188 17.23 -3.36 15.30
N SER C 189 17.28 -4.48 16.03
CA SER C 189 18.06 -4.60 17.26
C SER C 189 19.05 -5.74 17.09
N VAL C 190 20.33 -5.47 17.36
CA VAL C 190 21.38 -6.47 17.16
C VAL C 190 22.12 -6.70 18.47
N VAL C 191 22.83 -7.83 18.52
CA VAL C 191 23.66 -8.20 19.67
C VAL C 191 24.79 -9.09 19.17
N THR C 192 25.96 -8.95 19.79
CA THR C 192 27.12 -9.78 19.49
C THR C 192 27.36 -10.80 20.60
N VAL C 193 27.40 -12.08 20.22
CA VAL C 193 27.60 -13.19 21.16
C VAL C 193 28.74 -14.06 20.67
N PRO C 194 29.34 -14.86 21.57
CA PRO C 194 30.41 -15.77 21.13
C PRO C 194 29.91 -16.79 20.12
N SER C 195 30.71 -17.01 19.07
CA SER C 195 30.36 -18.01 18.06
C SER C 195 30.18 -19.38 18.69
N SER C 196 30.96 -19.70 19.72
CA SER C 196 30.87 -21.00 20.37
C SER C 196 29.55 -21.23 21.10
N SER C 197 28.74 -20.19 21.32
CA SER C 197 27.50 -20.36 22.05
C SER C 197 26.31 -20.52 21.13
N LEU C 198 26.54 -20.53 19.82
CA LEU C 198 25.43 -20.55 18.87
C LEU C 198 24.62 -21.83 19.01
N GLY C 199 25.31 -22.96 19.19
CA GLY C 199 24.67 -24.25 19.34
C GLY C 199 24.10 -24.52 20.72
N THR C 200 24.64 -23.87 21.75
CA THR C 200 24.27 -24.16 23.13
C THR C 200 23.22 -23.21 23.70
N GLN C 201 23.28 -21.92 23.37
CA GLN C 201 22.40 -20.89 23.91
C GLN C 201 21.31 -20.50 22.93
N THR C 202 20.06 -20.50 23.38
CA THR C 202 18.95 -20.00 22.58
C THR C 202 18.85 -18.49 22.68
N TYR C 203 18.54 -17.83 21.57
CA TYR C 203 18.41 -16.37 21.52
C TYR C 203 17.04 -16.00 20.99
N ILE C 204 16.34 -15.15 21.75
CA ILE C 204 14.98 -14.72 21.43
C ILE C 204 14.90 -13.21 21.67
N CYS C 205 14.35 -12.49 20.70
CA CYS C 205 14.11 -11.07 20.85
C CYS C 205 12.65 -10.82 21.24
N ASN C 206 12.44 -9.91 22.19
CA ASN C 206 11.13 -9.64 22.77
C ASN C 206 10.73 -8.23 22.39
N VAL C 207 9.74 -8.11 21.52
CA VAL C 207 9.28 -6.82 21.00
C VAL C 207 7.90 -6.53 21.55
N ASN C 208 7.73 -5.35 22.15
CA ASN C 208 6.46 -4.90 22.68
C ASN C 208 6.06 -3.60 21.99
N HIS C 209 4.84 -3.56 21.47
CA HIS C 209 4.27 -2.35 20.89
C HIS C 209 2.99 -2.03 21.66
N LYS C 210 3.13 -1.19 22.69
CA LYS C 210 1.98 -0.86 23.54
C LYS C 210 0.86 -0.15 22.79
N PRO C 211 1.11 0.76 21.84
CA PRO C 211 -0.03 1.38 21.13
C PRO C 211 -0.95 0.37 20.48
N SER C 212 -0.41 -0.76 20.02
CA SER C 212 -1.21 -1.82 19.42
C SER C 212 -1.48 -2.98 20.38
N ASN C 213 -0.98 -2.91 21.62
CA ASN C 213 -1.10 -3.99 22.59
C ASN C 213 -0.53 -5.29 22.04
N THR C 214 0.63 -5.19 21.40
CA THR C 214 1.26 -6.31 20.70
C THR C 214 2.60 -6.63 21.35
N LYS C 215 2.76 -7.86 21.83
CA LYS C 215 4.04 -8.37 22.30
C LYS C 215 4.41 -9.59 21.47
N VAL C 216 5.63 -9.61 20.94
CA VAL C 216 6.09 -10.67 20.05
C VAL C 216 7.44 -11.17 20.53
N ASP C 217 7.57 -12.49 20.64
CA ASP C 217 8.84 -13.16 20.90
C ASP C 217 9.26 -13.91 19.65
N LYS C 218 10.51 -13.72 19.23
CA LYS C 218 11.01 -14.31 18.00
C LYS C 218 12.36 -14.99 18.26
N LYS C 219 12.37 -16.31 18.15
CA LYS C 219 13.59 -17.09 18.25
C LYS C 219 14.37 -16.95 16.94
N VAL C 220 15.67 -16.66 17.06
CA VAL C 220 16.55 -16.46 15.92
C VAL C 220 17.37 -17.73 15.75
N GLU C 221 17.13 -18.44 14.65
CA GLU C 221 17.85 -19.71 14.59
C GLU C 221 19.19 -19.50 13.92
N PRO C 222 20.24 -20.16 14.44
CA PRO C 222 21.56 -20.04 13.81
C PRO C 222 21.68 -20.81 12.51
N LYS C 223 22.38 -20.21 11.55
CA LYS C 223 22.64 -20.79 10.23
C LYS C 223 23.87 -21.67 10.28
N SER C 224 23.85 -22.74 9.47
CA SER C 224 25.01 -23.63 9.31
C SER C 224 25.70 -23.41 7.97
N CYS C 225 25.85 -22.16 7.56
CA CYS C 225 26.59 -21.85 6.34
C CYS C 225 27.47 -20.62 6.54
N ASP D 1 14.60 37.03 8.06
CA ASP D 1 14.98 36.06 9.08
C ASP D 1 16.49 35.96 9.18
N ILE D 2 17.02 36.04 10.40
CA ILE D 2 18.47 35.98 10.62
C ILE D 2 18.86 34.51 10.83
N GLN D 3 19.81 34.05 10.01
CA GLN D 3 20.22 32.65 10.01
C GLN D 3 21.38 32.44 10.99
N MET D 4 21.25 31.43 11.85
CA MET D 4 22.30 31.07 12.82
C MET D 4 22.94 29.76 12.39
N THR D 5 24.26 29.78 12.23
CA THR D 5 25.03 28.59 11.89
C THR D 5 26.15 28.42 12.92
N GLN D 6 26.38 27.17 13.32
CA GLN D 6 27.42 26.86 14.29
C GLN D 6 28.48 25.98 13.63
N SER D 7 29.70 26.07 14.15
CA SER D 7 30.81 25.23 13.72
C SER D 7 31.68 24.92 14.92
N PRO D 8 32.11 23.65 15.06
CA PRO D 8 31.72 22.55 14.17
C PRO D 8 30.36 21.96 14.55
N SER D 9 29.85 21.02 13.77
CA SER D 9 28.64 20.32 14.15
CA SER D 9 28.63 20.33 14.17
C SER D 9 28.90 19.29 15.25
N THR D 10 30.06 18.66 15.22
CA THR D 10 30.46 17.67 16.22
C THR D 10 31.88 17.99 16.68
N LEU D 11 32.07 18.06 17.99
CA LEU D 11 33.37 18.37 18.59
C LEU D 11 33.76 17.21 19.48
N SER D 12 34.95 16.64 19.24
CA SER D 12 35.48 15.53 20.02
C SER D 12 36.52 16.06 21.00
N ALA D 13 36.33 15.75 22.28
CA ALA D 13 37.20 16.29 23.31
C ALA D 13 37.32 15.31 24.46
N SER D 14 38.33 15.54 25.29
CA SER D 14 38.59 14.76 26.49
C SER D 14 38.38 15.63 27.72
N VAL D 15 38.22 14.96 28.87
CA VAL D 15 38.04 15.67 30.12
C VAL D 15 39.30 16.49 30.42
N GLY D 16 39.10 17.76 30.77
CA GLY D 16 40.19 18.67 31.04
C GLY D 16 40.60 19.54 29.89
N ASP D 17 40.13 19.26 28.68
CA ASP D 17 40.48 20.07 27.53
C ASP D 17 39.76 21.41 27.58
N ARG D 18 40.29 22.37 26.82
CA ARG D 18 39.62 23.65 26.59
C ARG D 18 39.15 23.69 25.15
N VAL D 19 37.83 23.76 24.97
CA VAL D 19 37.23 23.69 23.64
C VAL D 19 36.42 24.95 23.38
N THR D 20 36.27 25.29 22.09
CA THR D 20 35.57 26.48 21.66
C THR D 20 34.58 26.12 20.56
N ILE D 21 33.35 26.64 20.68
CA ILE D 21 32.31 26.47 19.69
C ILE D 21 32.01 27.84 19.07
N THR D 22 31.86 27.86 17.75
CA THR D 22 31.69 29.11 17.01
C THR D 22 30.26 29.23 16.50
N CYS D 23 29.68 30.41 16.66
CA CYS D 23 28.35 30.75 16.16
C CYS D 23 28.46 31.97 15.26
N ARG D 24 27.74 31.97 14.15
CA ARG D 24 27.73 33.10 13.21
C ARG D 24 26.31 33.43 12.81
N ALA D 25 26.06 34.73 12.63
CA ALA D 25 24.77 35.26 12.25
C ALA D 25 24.81 35.79 10.84
N SER D 26 23.69 35.68 10.12
CA SER D 26 23.65 36.14 8.74
C SER D 26 23.67 37.67 8.63
N GLN D 27 23.27 38.37 9.67
CA GLN D 27 23.46 39.81 9.78
C GLN D 27 23.75 40.13 11.24
N SER D 28 24.05 41.39 11.51
CA SER D 28 24.47 41.79 12.84
C SER D 28 23.30 41.71 13.82
N ILE D 29 23.55 41.05 14.96
CA ILE D 29 22.61 41.00 16.07
C ILE D 29 23.15 41.73 17.30
N SER D 30 24.20 42.53 17.12
CA SER D 30 24.88 43.23 18.21
C SER D 30 25.34 42.18 19.20
N SER D 31 24.93 42.23 20.47
CA SER D 31 25.28 41.24 21.48
C SER D 31 24.06 40.46 21.97
N TRP D 32 22.99 40.47 21.20
CA TRP D 32 21.76 39.77 21.59
C TRP D 32 21.89 38.30 21.21
N LEU D 33 22.71 37.57 21.96
CA LEU D 33 22.88 36.15 21.65
C LEU D 33 22.92 35.35 22.95
N ALA D 34 22.15 34.25 22.98
CA ALA D 34 22.15 33.36 24.13
C ALA D 34 22.66 31.97 23.76
N TRP D 35 23.26 31.30 24.74
CA TRP D 35 23.70 29.91 24.61
C TRP D 35 22.88 29.02 25.52
N TYR D 36 22.37 27.91 24.97
CA TYR D 36 21.68 26.89 25.74
C TYR D 36 22.41 25.55 25.62
N GLN D 37 22.26 24.71 26.64
CA GLN D 37 22.80 23.36 26.66
C GLN D 37 21.65 22.36 26.66
N GLN D 38 21.78 21.30 25.87
CA GLN D 38 20.75 20.27 25.86
C GLN D 38 21.40 18.88 25.85
N LYS D 39 20.82 17.97 26.63
CA LYS D 39 21.17 16.57 26.70
C LYS D 39 20.00 15.72 26.18
N PRO D 40 20.28 14.53 25.63
CA PRO D 40 19.22 13.77 24.94
C PRO D 40 18.04 13.46 25.87
N GLY D 41 16.84 13.67 25.35
CA GLY D 41 15.61 13.46 26.10
C GLY D 41 15.28 14.55 27.09
N LYS D 42 16.14 15.54 27.26
CA LYS D 42 15.95 16.62 28.22
C LYS D 42 15.69 17.94 27.50
N ALA D 43 15.39 18.97 28.29
CA ALA D 43 15.08 20.30 27.81
C ALA D 43 16.34 21.17 27.79
N PRO D 44 16.38 22.19 26.95
CA PRO D 44 17.54 23.10 26.96
C PRO D 44 17.65 23.83 28.29
N LYS D 45 18.88 24.18 28.62
CA LYS D 45 19.19 24.95 29.82
C LYS D 45 20.00 26.17 29.40
N LEU D 46 19.63 27.34 29.94
CA LEU D 46 20.30 28.57 29.58
C LEU D 46 21.66 28.68 30.27
N LEU D 47 22.69 29.04 29.49
CA LEU D 47 24.05 29.17 29.99
C LEU D 47 24.55 30.61 30.01
N ILE D 48 24.40 31.33 28.90
CA ILE D 48 25.03 32.64 28.70
C ILE D 48 24.02 33.58 28.07
N TYR D 49 23.98 34.83 28.55
CA TYR D 49 23.12 35.84 27.96
C TYR D 49 23.94 37.07 27.61
N LYS D 50 23.38 37.88 26.70
CA LYS D 50 24.06 39.05 26.13
C LYS D 50 25.49 38.71 25.73
N ALA D 51 25.66 37.51 25.15
CA ALA D 51 26.91 37.03 24.56
C ALA D 51 27.97 36.65 25.60
N SER D 52 28.08 37.41 26.70
CA SER D 52 29.18 37.22 27.63
C SER D 52 28.73 37.06 29.09
N SER D 53 27.46 37.26 29.40
CA SER D 53 27.02 37.27 30.79
C SER D 53 26.66 35.86 31.24
N LEU D 54 27.31 35.40 32.30
CA LEU D 54 27.06 34.06 32.82
C LEU D 54 25.73 34.01 33.57
N GLU D 55 24.88 33.07 33.19
CA GLU D 55 23.64 32.85 33.92
C GLU D 55 23.93 32.33 35.31
N SER D 56 23.13 32.75 36.29
CA SER D 56 23.33 32.33 37.67
C SER D 56 23.16 30.82 37.80
N GLY D 57 24.05 30.19 38.55
CA GLY D 57 24.04 28.76 38.72
C GLY D 57 24.77 27.98 37.64
N VAL D 58 25.43 28.65 36.71
CA VAL D 58 26.24 28.01 35.67
C VAL D 58 27.70 28.11 36.08
N PRO D 59 28.45 27.01 36.03
CA PRO D 59 29.86 27.07 36.46
C PRO D 59 30.68 28.02 35.60
N SER D 60 31.71 28.58 36.22
CA SER D 60 32.51 29.64 35.60
C SER D 60 33.48 29.14 34.54
N ARG D 61 33.51 27.84 34.25
CA ARG D 61 34.30 27.36 33.13
C ARG D 61 33.63 27.65 31.79
N PHE D 62 32.35 28.05 31.80
CA PHE D 62 31.65 28.48 30.59
C PHE D 62 31.80 29.99 30.45
N SER D 63 32.40 30.42 29.34
CA SER D 63 32.56 31.84 29.03
C SER D 63 32.15 32.09 27.59
N GLY D 64 31.72 33.32 27.32
CA GLY D 64 31.26 33.68 26.00
C GLY D 64 31.81 35.02 25.56
N SER D 65 32.04 35.14 24.26
CA SER D 65 32.55 36.35 23.66
C SER D 65 31.90 36.54 22.29
N GLY D 66 31.96 37.76 21.79
CA GLY D 66 31.47 38.06 20.44
C GLY D 66 30.52 39.24 20.36
N SER D 67 30.43 39.82 19.16
CA SER D 67 29.52 40.92 18.90
C SER D 67 29.30 41.02 17.40
N GLY D 68 28.11 41.47 17.02
CA GLY D 68 27.78 41.61 15.62
C GLY D 68 27.39 40.31 14.96
N THR D 69 28.32 39.71 14.20
CA THR D 69 28.00 38.52 13.42
C THR D 69 28.75 37.27 13.84
N GLU D 70 29.73 37.38 14.74
CA GLU D 70 30.59 36.25 15.09
C GLU D 70 30.72 36.14 16.60
N PHE D 71 30.47 34.93 17.12
CA PHE D 71 30.37 34.68 18.55
C PHE D 71 31.02 33.34 18.88
N THR D 72 31.46 33.19 20.13
CA THR D 72 32.13 31.97 20.58
C THR D 72 31.70 31.60 22.00
N LEU D 73 31.65 30.29 22.25
CA LEU D 73 31.42 29.72 23.57
C LEU D 73 32.61 28.83 23.91
N THR D 74 33.29 29.13 25.01
CA THR D 74 34.50 28.42 25.41
C THR D 74 34.30 27.73 26.75
N ILE D 75 34.53 26.42 26.78
CA ILE D 75 34.51 25.64 28.02
C ILE D 75 35.96 25.34 28.41
N SER D 76 36.38 25.84 29.57
CA SER D 76 37.75 25.67 30.04
C SER D 76 37.80 24.52 31.05
N GLY D 77 38.50 23.46 30.70
CA GLY D 77 38.57 22.29 31.57
C GLY D 77 37.28 21.50 31.55
N LEU D 78 37.05 20.78 30.46
CA LEU D 78 35.79 20.08 30.25
C LEU D 78 35.55 19.03 31.34
N GLN D 79 34.31 18.93 31.79
CA GLN D 79 33.87 17.96 32.79
C GLN D 79 32.93 16.94 32.17
N PRO D 80 32.80 15.75 32.78
CA PRO D 80 31.91 14.73 32.21
C PRO D 80 30.47 15.20 32.02
N ASP D 81 30.00 16.13 32.85
CA ASP D 81 28.65 16.66 32.72
C ASP D 81 28.50 17.58 31.52
N ASP D 82 29.59 18.01 30.90
CA ASP D 82 29.55 18.98 29.81
C ASP D 82 29.35 18.34 28.44
N PHE D 83 29.49 17.02 28.33
CA PHE D 83 29.26 16.35 27.04
C PHE D 83 27.77 16.40 26.71
N ALA D 84 27.43 17.23 25.72
CA ALA D 84 26.04 17.48 25.34
C ALA D 84 26.06 18.28 24.05
N THR D 85 24.88 18.69 23.60
CA THR D 85 24.72 19.54 22.42
C THR D 85 24.44 20.97 22.84
N TYR D 86 25.09 21.92 22.17
CA TYR D 86 24.99 23.34 22.50
C TYR D 86 24.39 24.11 21.34
N TYR D 87 23.46 25.00 21.66
CA TYR D 87 22.75 25.81 20.67
C TYR D 87 22.96 27.29 20.99
N CYS D 88 23.36 28.07 19.99
CA CYS D 88 23.28 29.52 20.10
C CYS D 88 21.92 29.99 19.60
N GLN D 89 21.52 31.16 20.05
CA GLN D 89 20.22 31.73 19.72
C GLN D 89 20.35 33.25 19.69
N GLN D 90 19.86 33.86 18.60
CA GLN D 90 19.78 35.30 18.51
C GLN D 90 18.40 35.75 18.98
N TYR D 91 18.39 36.82 19.79
CA TYR D 91 17.13 37.44 20.20
C TYR D 91 17.11 38.92 19.86
N ASN D 92 17.70 39.27 18.71
CA ASN D 92 17.67 40.64 18.21
C ASN D 92 16.37 40.92 17.47
N SER D 93 15.95 40.00 16.59
CA SER D 93 14.67 40.09 15.92
C SER D 93 14.05 38.70 15.91
N TYR D 94 12.94 38.54 16.62
CA TYR D 94 12.32 37.24 16.88
C TYR D 94 13.37 36.33 17.54
N TRP D 95 13.28 35.02 17.30
CA TRP D 95 14.17 34.06 17.96
C TRP D 95 14.48 32.93 16.99
N THR D 96 15.75 32.79 16.62
CA THR D 96 16.21 31.69 15.78
C THR D 96 17.44 31.03 16.41
N PHE D 97 17.56 29.72 16.19
CA PHE D 97 18.61 28.91 16.79
C PHE D 97 19.55 28.38 15.71
N GLY D 98 20.77 28.06 16.13
CA GLY D 98 21.68 27.31 15.30
C GLY D 98 21.33 25.83 15.28
N GLN D 99 22.00 25.09 14.38
CA GLN D 99 21.68 23.67 14.19
C GLN D 99 22.11 22.83 15.38
N GLY D 100 23.06 23.32 16.16
CA GLY D 100 23.55 22.61 17.32
C GLY D 100 24.98 22.12 17.12
N THR D 101 25.72 22.08 18.22
CA THR D 101 27.08 21.53 18.25
C THR D 101 27.13 20.44 19.31
N LYS D 102 27.33 19.21 18.88
CA LYS D 102 27.40 18.07 19.79
C LYS D 102 28.84 17.88 20.26
N VAL D 103 29.05 17.87 21.56
CA VAL D 103 30.36 17.61 22.14
C VAL D 103 30.38 16.14 22.59
N GLU D 104 31.24 15.35 21.95
CA GLU D 104 31.38 13.93 22.21
C GLU D 104 32.73 13.63 22.83
N ILE D 105 32.85 12.42 23.37
CA ILE D 105 34.09 11.96 23.99
C ILE D 105 35.01 11.44 22.90
N LYS D 106 36.25 11.92 22.92
CA LYS D 106 37.28 11.44 22.00
C LYS D 106 37.82 10.10 22.49
N ARG D 107 37.95 9.15 21.57
CA ARG D 107 38.58 7.87 21.86
C ARG D 107 39.45 7.50 20.67
N THR D 108 40.26 6.46 20.83
CA THR D 108 41.12 6.04 19.74
C THR D 108 40.28 5.50 18.59
N VAL D 109 40.82 5.62 17.38
CA VAL D 109 40.08 5.23 16.20
C VAL D 109 39.89 3.73 16.19
N ALA D 110 38.64 3.31 16.02
CA ALA D 110 38.28 1.89 15.98
C ALA D 110 37.57 1.62 14.66
N ALA D 111 38.15 0.75 13.85
CA ALA D 111 37.52 0.32 12.60
C ALA D 111 36.27 -0.49 12.92
N PRO D 112 35.26 -0.42 12.06
CA PRO D 112 34.02 -1.16 12.30
C PRO D 112 34.14 -2.63 11.91
N SER D 113 33.31 -3.44 12.56
CA SER D 113 33.13 -4.83 12.17
C SER D 113 31.92 -4.91 11.25
N VAL D 114 32.12 -5.37 10.03
CA VAL D 114 31.08 -5.36 9.00
C VAL D 114 30.47 -6.75 8.91
N PHE D 115 29.18 -6.84 9.20
CA PHE D 115 28.40 -8.07 9.06
C PHE D 115 27.23 -7.80 8.12
N ILE D 116 26.81 -8.82 7.38
CA ILE D 116 25.69 -8.70 6.45
C ILE D 116 24.68 -9.80 6.72
N PHE D 117 23.41 -9.46 6.55
CA PHE D 117 22.29 -10.36 6.83
C PHE D 117 21.35 -10.40 5.63
N PRO D 118 21.23 -11.53 4.95
CA PRO D 118 20.25 -11.65 3.86
C PRO D 118 18.84 -11.68 4.41
N PRO D 119 17.83 -11.41 3.59
CA PRO D 119 16.45 -11.43 4.09
C PRO D 119 16.02 -12.82 4.51
N SER D 120 15.17 -12.87 5.54
CA SER D 120 14.71 -14.14 6.03
C SER D 120 13.68 -14.75 5.07
N ASP D 121 13.54 -16.07 5.16
CA ASP D 121 12.47 -16.73 4.41
C ASP D 121 11.11 -16.27 4.87
N GLU D 122 10.99 -15.88 6.14
CA GLU D 122 9.72 -15.36 6.65
C GLU D 122 9.30 -14.09 5.92
N GLN D 123 10.23 -13.14 5.78
CA GLN D 123 9.91 -11.88 5.12
C GLN D 123 9.63 -12.11 3.63
N LEU D 124 10.40 -12.99 2.99
CA LEU D 124 10.25 -13.19 1.55
C LEU D 124 8.87 -13.72 1.20
N LYS D 125 8.29 -14.57 2.06
CA LYS D 125 6.95 -15.07 1.80
C LYS D 125 5.91 -13.95 1.83
N SER D 126 6.23 -12.82 2.45
CA SER D 126 5.31 -11.70 2.56
C SER D 126 5.44 -10.70 1.42
N GLY D 127 6.42 -10.89 0.51
CA GLY D 127 6.52 -10.08 -0.68
C GLY D 127 7.63 -9.06 -0.71
N THR D 128 8.30 -8.81 0.42
CA THR D 128 9.39 -7.86 0.49
C THR D 128 10.67 -8.56 0.94
N ALA D 129 11.81 -7.90 0.67
CA ALA D 129 13.12 -8.44 1.02
C ALA D 129 14.00 -7.32 1.53
N SER D 130 14.53 -7.49 2.75
CA SER D 130 15.36 -6.48 3.40
C SER D 130 16.73 -7.07 3.70
N VAL D 131 17.78 -6.41 3.22
CA VAL D 131 19.17 -6.80 3.46
C VAL D 131 19.78 -5.79 4.42
N VAL D 132 20.43 -6.29 5.48
CA VAL D 132 20.95 -5.45 6.54
C VAL D 132 22.47 -5.56 6.55
N CYS D 133 23.13 -4.40 6.45
CA CYS D 133 24.57 -4.29 6.65
C CYS D 133 24.81 -3.65 8.03
N LEU D 134 25.64 -4.28 8.84
CA LEU D 134 25.89 -3.84 10.21
C LEU D 134 27.33 -3.37 10.35
N LEU D 135 27.50 -2.13 10.78
CA LEU D 135 28.80 -1.59 11.17
C LEU D 135 28.78 -1.46 12.69
N ASN D 136 29.70 -2.14 13.37
CA ASN D 136 29.61 -2.31 14.81
C ASN D 136 30.84 -1.76 15.53
N ASN D 137 30.58 -0.91 16.53
CA ASN D 137 31.57 -0.45 17.50
C ASN D 137 32.76 0.22 16.81
N PHE D 138 32.48 1.35 16.16
CA PHE D 138 33.50 2.09 15.44
C PHE D 138 33.58 3.53 15.95
N TYR D 139 34.73 4.16 15.72
CA TYR D 139 35.00 5.56 16.04
C TYR D 139 36.10 6.03 15.11
N PRO D 140 35.96 7.20 14.48
CA PRO D 140 34.87 8.17 14.63
C PRO D 140 33.58 7.78 13.89
N ARG D 141 32.56 8.63 14.01
CA ARG D 141 31.24 8.27 13.49
CA ARG D 141 31.24 8.29 13.49
C ARG D 141 31.15 8.42 11.97
N GLU D 142 32.06 9.17 11.35
CA GLU D 142 31.99 9.37 9.91
C GLU D 142 32.22 8.04 9.19
N ALA D 143 31.31 7.68 8.29
CA ALA D 143 31.40 6.44 7.54
C ALA D 143 30.49 6.51 6.31
N LYS D 144 30.90 5.80 5.26
CA LYS D 144 30.19 5.75 3.99
C LYS D 144 29.79 4.31 3.70
N VAL D 145 28.51 4.10 3.42
CA VAL D 145 27.96 2.78 3.13
C VAL D 145 27.21 2.85 1.82
N GLN D 146 27.62 2.03 0.85
CA GLN D 146 26.97 1.97 -0.45
C GLN D 146 26.63 0.52 -0.78
N TRP D 147 25.52 0.34 -1.47
CA TRP D 147 25.04 -0.98 -1.85
C TRP D 147 25.29 -1.20 -3.34
N LYS D 148 25.87 -2.36 -3.66
CA LYS D 148 26.09 -2.77 -5.04
C LYS D 148 25.40 -4.11 -5.26
N VAL D 149 24.56 -4.18 -6.29
CA VAL D 149 23.80 -5.37 -6.62
C VAL D 149 24.21 -5.80 -8.02
N ASP D 150 24.90 -6.94 -8.12
CA ASP D 150 25.54 -7.37 -9.36
C ASP D 150 26.40 -6.26 -9.95
N ASN D 151 27.18 -5.61 -9.09
CA ASN D 151 28.10 -4.51 -9.37
C ASN D 151 27.41 -3.20 -9.71
N ALA D 152 26.09 -3.14 -9.64
CA ALA D 152 25.36 -1.93 -9.95
C ALA D 152 25.09 -1.15 -8.66
N LEU D 153 25.56 0.10 -8.62
CA LEU D 153 25.35 0.93 -7.44
C LEU D 153 23.87 1.21 -7.24
N GLN D 154 23.43 1.13 -6.00
CA GLN D 154 22.04 1.40 -5.63
C GLN D 154 21.88 2.83 -5.13
N SER D 155 20.71 3.42 -5.43
CA SER D 155 20.40 4.75 -4.94
C SER D 155 18.90 4.84 -4.70
N GLY D 156 18.53 5.44 -3.56
CA GLY D 156 17.14 5.68 -3.24
C GLY D 156 16.39 4.53 -2.60
N ASN D 157 17.02 3.38 -2.40
CA ASN D 157 16.35 2.22 -1.82
C ASN D 157 17.04 1.72 -0.55
N SER D 158 17.75 2.61 0.16
CA SER D 158 18.40 2.25 1.40
C SER D 158 18.13 3.32 2.46
N GLN D 159 18.18 2.91 3.72
CA GLN D 159 18.02 3.82 4.85
C GLN D 159 19.03 3.45 5.93
N GLU D 160 19.57 4.46 6.59
CA GLU D 160 20.61 4.29 7.59
C GLU D 160 20.13 4.77 8.95
N SER D 161 20.70 4.18 10.00
CA SER D 161 20.41 4.55 11.37
C SER D 161 21.67 4.33 12.20
N VAL D 162 21.97 5.29 13.08
CA VAL D 162 23.17 5.25 13.89
C VAL D 162 22.76 5.39 15.35
N THR D 163 23.46 4.69 16.23
CA THR D 163 23.22 4.80 17.66
C THR D 163 23.98 5.99 18.23
N GLU D 164 23.55 6.43 19.41
CA GLU D 164 24.32 7.41 20.16
C GLU D 164 25.60 6.74 20.67
N GLN D 165 26.54 7.58 21.11
CA GLN D 165 27.81 7.07 21.61
C GLN D 165 27.57 6.15 22.80
N ASP D 166 28.28 5.02 22.82
CA ASP D 166 28.09 4.03 23.88
C ASP D 166 28.77 4.50 25.16
N SER D 167 28.04 4.46 26.26
CA SER D 167 28.53 4.94 27.54
C SER D 167 29.69 4.13 28.10
N LYS D 168 30.00 2.97 27.52
CA LYS D 168 31.05 2.10 28.02
C LYS D 168 32.34 2.17 27.20
N ASP D 169 32.24 2.10 25.86
CA ASP D 169 33.42 2.14 25.00
C ASP D 169 33.52 3.38 24.12
N SER D 170 32.49 4.25 24.14
CA SER D 170 32.48 5.48 23.36
C SER D 170 32.48 5.24 21.85
N THR D 171 31.87 4.15 21.41
CA THR D 171 31.77 3.82 19.99
C THR D 171 30.36 4.06 19.48
N TYR D 172 30.23 4.09 18.16
CA TYR D 172 28.94 4.13 17.49
C TYR D 172 28.76 2.85 16.69
N SER D 173 27.49 2.53 16.40
CA SER D 173 27.13 1.43 15.51
C SER D 173 26.09 1.95 14.52
N LEU D 174 26.11 1.37 13.32
CA LEU D 174 25.27 1.86 12.23
C LEU D 174 24.66 0.69 11.49
N SER D 175 23.43 0.89 11.02
CA SER D 175 22.73 -0.09 10.20
C SER D 175 22.34 0.56 8.88
N SER D 176 22.51 -0.19 7.80
CA SER D 176 22.03 0.20 6.48
C SER D 176 21.12 -0.91 5.97
N THR D 177 19.90 -0.54 5.57
CA THR D 177 18.88 -1.52 5.18
C THR D 177 18.48 -1.26 3.74
N LEU D 178 18.81 -2.21 2.87
CA LEU D 178 18.40 -2.17 1.47
C LEU D 178 17.07 -2.91 1.34
N THR D 179 16.06 -2.21 0.83
CA THR D 179 14.71 -2.74 0.75
C THR D 179 14.31 -2.90 -0.72
N LEU D 180 13.95 -4.12 -1.10
CA LEU D 180 13.52 -4.43 -2.45
C LEU D 180 12.28 -5.31 -2.39
N SER D 181 11.54 -5.33 -3.50
CA SER D 181 10.46 -6.29 -3.63
C SER D 181 11.01 -7.70 -3.71
N LYS D 182 10.14 -8.68 -3.47
CA LYS D 182 10.53 -10.08 -3.61
C LYS D 182 10.98 -10.38 -5.03
N ALA D 183 10.24 -9.91 -6.03
CA ALA D 183 10.58 -10.21 -7.42
C ALA D 183 11.89 -9.56 -7.83
N ASP D 184 12.13 -8.32 -7.38
CA ASP D 184 13.37 -7.64 -7.73
C ASP D 184 14.56 -8.27 -7.02
N TYR D 185 14.38 -8.69 -5.76
CA TYR D 185 15.46 -9.36 -5.05
C TYR D 185 15.82 -10.67 -5.73
N GLU D 186 14.84 -11.37 -6.29
CA GLU D 186 15.07 -12.69 -6.87
C GLU D 186 15.78 -12.65 -8.22
N LYS D 187 15.89 -11.50 -8.87
CA LYS D 187 16.52 -11.47 -10.18
C LYS D 187 18.00 -11.11 -10.13
N HIS D 188 18.60 -11.05 -8.94
CA HIS D 188 20.00 -10.72 -8.79
C HIS D 188 20.67 -11.75 -7.89
N LYS D 189 21.99 -11.86 -8.04
CA LYS D 189 22.79 -12.83 -7.30
C LYS D 189 23.59 -12.19 -6.19
N VAL D 190 24.55 -11.32 -6.54
CA VAL D 190 25.49 -10.78 -5.57
C VAL D 190 24.91 -9.53 -4.94
N TYR D 191 24.82 -9.54 -3.61
CA TYR D 191 24.40 -8.39 -2.82
C TYR D 191 25.55 -8.00 -1.91
N ALA D 192 25.96 -6.74 -1.97
CA ALA D 192 27.17 -6.30 -1.29
C ALA D 192 27.00 -4.90 -0.73
N CYS D 193 27.52 -4.68 0.47
CA CYS D 193 27.68 -3.34 1.03
C CYS D 193 29.16 -3.03 1.13
N GLU D 194 29.52 -1.80 0.74
CA GLU D 194 30.90 -1.33 0.76
C GLU D 194 31.04 -0.24 1.82
N VAL D 195 32.02 -0.42 2.71
CA VAL D 195 32.18 0.44 3.88
C VAL D 195 33.50 1.18 3.76
N THR D 196 33.44 2.50 3.94
CA THR D 196 34.62 3.35 4.00
C THR D 196 34.68 4.02 5.36
N HIS D 197 35.75 3.79 6.09
CA HIS D 197 35.91 4.35 7.43
C HIS D 197 37.39 4.62 7.67
N GLN D 198 37.68 5.58 8.55
CA GLN D 198 39.05 5.99 8.80
C GLN D 198 39.90 4.83 9.31
N GLY D 199 39.30 3.96 10.12
CA GLY D 199 40.01 2.79 10.63
C GLY D 199 40.35 1.75 9.58
N LEU D 200 39.89 1.92 8.34
CA LEU D 200 40.13 0.98 7.26
C LEU D 200 41.11 1.57 6.27
N SER D 201 42.19 0.84 5.99
CA SER D 201 43.20 1.32 5.06
C SER D 201 42.61 1.54 3.67
N SER D 202 41.67 0.69 3.27
CA SER D 202 40.98 0.79 2.00
C SER D 202 39.55 0.37 2.20
N PRO D 203 38.65 0.72 1.28
CA PRO D 203 37.24 0.31 1.40
C PRO D 203 37.12 -1.20 1.55
N VAL D 204 36.20 -1.61 2.43
CA VAL D 204 35.98 -3.02 2.76
C VAL D 204 34.62 -3.44 2.22
N THR D 205 34.55 -4.62 1.62
CA THR D 205 33.34 -5.14 1.00
C THR D 205 32.86 -6.38 1.74
N LYS D 206 31.57 -6.42 2.04
CA LYS D 206 30.92 -7.60 2.61
C LYS D 206 29.76 -7.98 1.70
N SER D 207 29.76 -9.23 1.23
CA SER D 207 28.83 -9.65 0.20
C SER D 207 28.33 -11.06 0.48
N PHE D 208 27.21 -11.41 -0.15
CA PHE D 208 26.71 -12.77 -0.18
C PHE D 208 26.08 -13.03 -1.53
N ASN D 209 25.87 -14.32 -1.83
CA ASN D 209 25.15 -14.77 -3.00
C ASN D 209 23.77 -15.23 -2.58
N ARG D 210 22.74 -14.73 -3.29
CA ARG D 210 21.36 -15.02 -2.92
C ARG D 210 21.04 -16.50 -3.08
N GLY D 211 20.52 -17.11 -2.02
CA GLY D 211 20.07 -18.48 -2.05
C GLY D 211 21.04 -19.49 -1.47
N GLU D 212 22.32 -19.14 -1.33
CA GLU D 212 23.29 -20.09 -0.79
C GLU D 212 23.05 -20.32 0.70
N CYS D 213 22.62 -19.27 1.42
CA CYS D 213 22.19 -19.44 2.81
C CYS D 213 21.00 -20.38 2.90
N GLN E 1 -0.77 -22.04 -38.13
CA GLN E 1 -1.85 -22.16 -39.09
C GLN E 1 -2.87 -23.18 -38.62
N VAL E 2 -2.69 -23.69 -37.39
CA VAL E 2 -3.70 -24.54 -36.79
C VAL E 2 -4.93 -23.69 -36.49
N GLN E 3 -6.10 -24.14 -36.94
CA GLN E 3 -7.33 -23.38 -36.76
C GLN E 3 -8.49 -24.29 -36.40
N LEU E 4 -9.21 -23.93 -35.33
CA LEU E 4 -10.38 -24.68 -34.84
C LEU E 4 -11.56 -23.72 -34.72
N VAL E 5 -12.64 -24.02 -35.44
CA VAL E 5 -13.83 -23.17 -35.46
C VAL E 5 -15.02 -23.95 -34.93
N GLU E 6 -15.59 -23.49 -33.82
CA GLU E 6 -16.76 -24.09 -33.20
C GLU E 6 -18.05 -23.55 -33.80
N SER E 7 -19.11 -24.34 -33.66
CA SER E 7 -20.43 -23.96 -34.15
C SER E 7 -21.47 -24.74 -33.36
N GLY E 8 -22.72 -24.27 -33.42
CA GLY E 8 -23.83 -24.95 -32.80
C GLY E 8 -24.37 -24.28 -31.54
N GLY E 9 -23.63 -23.34 -30.97
CA GLY E 9 -24.09 -22.68 -29.76
C GLY E 9 -25.37 -21.89 -30.01
N ASN E 10 -26.28 -21.97 -29.04
CA ASN E 10 -27.59 -21.37 -29.18
C ASN E 10 -28.24 -21.29 -27.81
N VAL E 11 -29.45 -20.75 -27.79
CA VAL E 11 -30.28 -20.79 -26.59
C VAL E 11 -31.08 -22.08 -26.67
N VAL E 12 -31.01 -22.88 -25.60
CA VAL E 12 -31.68 -24.18 -25.57
C VAL E 12 -32.40 -24.30 -24.24
N GLN E 13 -33.63 -24.83 -24.28
CA GLN E 13 -34.40 -24.99 -23.06
C GLN E 13 -33.84 -26.14 -22.20
N PRO E 14 -33.94 -26.04 -20.88
CA PRO E 14 -33.49 -27.13 -20.02
C PRO E 14 -34.27 -28.40 -20.29
N GLY E 15 -33.55 -29.53 -20.28
CA GLY E 15 -34.15 -30.81 -20.58
C GLY E 15 -34.10 -31.22 -22.04
N ARG E 16 -33.69 -30.30 -22.92
CA ARG E 16 -33.59 -30.54 -24.35
C ARG E 16 -32.12 -30.71 -24.73
N SER E 17 -31.88 -30.86 -26.04
CA SER E 17 -30.58 -31.31 -26.53
C SER E 17 -30.00 -30.32 -27.53
N LEU E 18 -28.68 -30.31 -27.60
CA LEU E 18 -27.95 -29.47 -28.54
C LEU E 18 -26.68 -30.19 -28.95
N ARG E 19 -26.28 -30.04 -30.22
CA ARG E 19 -25.06 -30.65 -30.73
C ARG E 19 -24.11 -29.56 -31.20
N LEU E 20 -22.88 -29.60 -30.70
CA LEU E 20 -21.84 -28.66 -31.10
C LEU E 20 -20.90 -29.31 -32.12
N SER E 21 -20.26 -28.46 -32.93
CA SER E 21 -19.31 -28.91 -33.94
C SER E 21 -18.03 -28.09 -33.87
N CYS E 22 -16.93 -28.69 -34.28
CA CYS E 22 -15.61 -28.09 -34.30
C CYS E 22 -14.88 -28.57 -35.55
N THR E 23 -14.72 -27.67 -36.52
CA THR E 23 -14.03 -27.96 -37.77
C THR E 23 -12.57 -27.54 -37.66
N ALA E 24 -11.68 -28.45 -38.03
CA ALA E 24 -10.25 -28.24 -37.90
C ALA E 24 -9.62 -27.97 -39.26
N SER E 25 -8.57 -27.16 -39.24
CA SER E 25 -7.78 -26.85 -40.43
C SER E 25 -6.35 -26.54 -40.01
N GLY E 26 -5.41 -26.77 -40.94
CA GLY E 26 -4.01 -26.46 -40.69
C GLY E 26 -3.19 -27.58 -40.11
N PHE E 27 -3.80 -28.75 -39.85
CA PHE E 27 -3.08 -29.91 -39.37
C PHE E 27 -3.86 -31.16 -39.75
N THR E 28 -3.21 -32.30 -39.61
CA THR E 28 -3.83 -33.60 -39.91
C THR E 28 -4.77 -33.98 -38.75
N PHE E 29 -6.06 -33.73 -38.95
CA PHE E 29 -7.05 -33.92 -37.88
C PHE E 29 -7.06 -35.37 -37.39
N SER E 30 -7.07 -36.33 -38.33
CA SER E 30 -7.15 -37.74 -38.00
C SER E 30 -5.96 -38.24 -37.17
N SER E 31 -4.96 -37.40 -36.93
CA SER E 31 -3.76 -37.80 -36.20
C SER E 31 -3.78 -37.36 -34.74
N TYR E 32 -4.82 -36.65 -34.29
CA TYR E 32 -4.80 -36.05 -32.96
C TYR E 32 -6.07 -36.33 -32.17
N GLY E 33 -5.90 -36.54 -30.87
CA GLY E 33 -7.02 -36.50 -29.96
C GLY E 33 -7.51 -35.09 -29.79
N MET E 34 -8.77 -34.96 -29.39
CA MET E 34 -9.43 -33.66 -29.28
C MET E 34 -10.15 -33.55 -27.94
N HIS E 35 -10.18 -32.32 -27.39
CA HIS E 35 -10.83 -32.02 -26.11
C HIS E 35 -11.95 -31.00 -26.29
N TRP E 36 -12.95 -31.10 -25.41
CA TRP E 36 -13.96 -30.06 -25.23
C TRP E 36 -13.76 -29.51 -23.83
N VAL E 37 -13.63 -28.19 -23.71
CA VAL E 37 -13.48 -27.50 -22.44
C VAL E 37 -14.50 -26.37 -22.41
N ARG E 38 -15.18 -26.19 -21.27
CA ARG E 38 -16.18 -25.14 -21.15
C ARG E 38 -15.75 -24.12 -20.11
N GLN E 39 -16.26 -22.89 -20.26
CA GLN E 39 -15.91 -21.79 -19.39
C GLN E 39 -17.13 -20.97 -19.04
N ALA E 40 -17.28 -20.66 -17.76
CA ALA E 40 -18.37 -19.84 -17.25
C ALA E 40 -17.95 -19.30 -15.90
N PRO E 41 -18.53 -18.17 -15.45
CA PRO E 41 -18.15 -17.62 -14.13
C PRO E 41 -18.34 -18.58 -12.98
N ASP E 42 -19.41 -19.39 -12.99
CA ASP E 42 -19.66 -20.28 -11.86
C ASP E 42 -18.70 -21.46 -11.81
N LYS E 43 -18.05 -21.81 -12.93
CA LYS E 43 -17.17 -22.97 -12.95
C LYS E 43 -15.74 -22.68 -13.40
N GLY E 44 -15.46 -21.48 -13.89
CA GLY E 44 -14.14 -21.21 -14.45
C GLY E 44 -13.91 -22.04 -15.70
N LEU E 45 -12.67 -22.49 -15.87
CA LEU E 45 -12.32 -23.39 -16.96
C LEU E 45 -12.52 -24.83 -16.50
N GLU E 46 -13.40 -25.56 -17.17
CA GLU E 46 -13.76 -26.92 -16.76
C GLU E 46 -13.62 -27.85 -17.95
N TRP E 47 -12.74 -28.84 -17.83
CA TRP E 47 -12.61 -29.87 -18.85
C TRP E 47 -13.86 -30.73 -18.93
N VAL E 48 -14.27 -31.05 -20.16
CA VAL E 48 -15.51 -31.79 -20.42
C VAL E 48 -15.24 -33.21 -20.89
N ALA E 49 -14.48 -33.37 -21.97
CA ALA E 49 -14.28 -34.70 -22.54
C ALA E 49 -13.04 -34.71 -23.44
N ILE E 50 -12.52 -35.91 -23.66
CA ILE E 50 -11.42 -36.16 -24.58
C ILE E 50 -11.79 -37.37 -25.44
N ILE E 51 -11.33 -37.37 -26.69
CA ILE E 51 -11.55 -38.48 -27.61
C ILE E 51 -10.24 -38.79 -28.32
N TRP E 52 -9.94 -40.09 -28.46
CA TRP E 52 -8.73 -40.54 -29.13
C TRP E 52 -8.80 -40.24 -30.62
N TYR E 53 -7.65 -40.33 -31.28
CA TYR E 53 -7.54 -39.94 -32.68
C TYR E 53 -8.49 -40.73 -33.56
N ASP E 54 -8.73 -42.00 -33.24
CA ASP E 54 -9.55 -42.88 -34.06
C ASP E 54 -10.99 -42.95 -33.60
N GLY E 55 -11.34 -42.25 -32.51
CA GLY E 55 -12.71 -42.22 -32.03
C GLY E 55 -13.11 -43.32 -31.07
N GLY E 56 -12.16 -44.16 -30.64
CA GLY E 56 -12.53 -45.24 -29.75
C GLY E 56 -12.46 -44.88 -28.28
N ASN E 57 -11.27 -44.55 -27.78
CA ASN E 57 -11.12 -44.22 -26.37
C ASN E 57 -11.67 -42.83 -26.10
N LYS E 58 -12.63 -42.74 -25.18
CA LYS E 58 -13.24 -41.46 -24.80
C LYS E 58 -13.46 -41.44 -23.30
N PHE E 59 -13.16 -40.29 -22.69
CA PHE E 59 -13.36 -40.08 -21.25
C PHE E 59 -14.17 -38.80 -21.04
N TYR E 60 -14.95 -38.76 -19.94
CA TYR E 60 -15.83 -37.65 -19.63
C TYR E 60 -15.64 -37.18 -18.18
N ALA E 61 -16.03 -35.93 -17.93
CA ALA E 61 -16.11 -35.41 -16.57
C ALA E 61 -17.41 -35.83 -15.90
N ASP E 62 -17.35 -36.06 -14.59
CA ASP E 62 -18.51 -36.56 -13.85
C ASP E 62 -19.74 -35.69 -14.02
N SER E 63 -19.56 -34.37 -14.11
CA SER E 63 -20.69 -33.46 -14.22
C SER E 63 -21.50 -33.67 -15.50
N VAL E 64 -20.96 -34.34 -16.50
CA VAL E 64 -21.64 -34.53 -17.78
C VAL E 64 -21.82 -36.00 -18.14
N LYS E 65 -21.28 -36.93 -17.34
CA LYS E 65 -21.37 -38.34 -17.67
C LYS E 65 -22.83 -38.79 -17.74
N GLY E 66 -23.16 -39.55 -18.78
CA GLY E 66 -24.52 -40.00 -19.00
C GLY E 66 -25.37 -39.06 -19.81
N ARG E 67 -24.92 -37.82 -20.03
CA ARG E 67 -25.67 -36.84 -20.81
C ARG E 67 -24.93 -36.33 -22.03
N PHE E 68 -23.60 -36.20 -21.95
CA PHE E 68 -22.81 -35.69 -23.07
C PHE E 68 -22.07 -36.83 -23.74
N THR E 69 -22.02 -36.80 -25.06
CA THR E 69 -21.33 -37.80 -25.87
C THR E 69 -20.41 -37.08 -26.85
N ILE E 70 -19.12 -37.43 -26.81
CA ILE E 70 -18.14 -36.86 -27.73
C ILE E 70 -17.94 -37.82 -28.89
N SER E 71 -17.89 -37.29 -30.11
CA SER E 71 -17.68 -38.10 -31.30
C SER E 71 -16.97 -37.27 -32.35
N ARG E 72 -16.54 -37.93 -33.42
CA ARG E 72 -15.78 -37.27 -34.47
C ARG E 72 -16.03 -37.96 -35.80
N ASP E 73 -15.77 -37.22 -36.87
CA ASP E 73 -15.82 -37.75 -38.25
C ASP E 73 -14.51 -37.33 -38.91
N ASN E 74 -13.55 -38.27 -38.97
CA ASN E 74 -12.23 -37.95 -39.52
C ASN E 74 -12.26 -37.70 -41.02
N SER E 75 -13.27 -38.20 -41.74
CA SER E 75 -13.40 -37.87 -43.15
C SER E 75 -13.87 -36.44 -43.37
N LYS E 76 -14.42 -35.80 -42.33
CA LYS E 76 -14.86 -34.41 -42.41
C LYS E 76 -13.98 -33.46 -41.61
N ASP E 77 -12.97 -33.96 -40.90
CA ASP E 77 -12.11 -33.12 -40.05
C ASP E 77 -12.94 -32.33 -39.03
N THR E 78 -13.99 -32.95 -38.51
CA THR E 78 -14.95 -32.28 -37.65
C THR E 78 -15.13 -33.05 -36.35
N LEU E 79 -15.11 -32.33 -35.23
CA LEU E 79 -15.37 -32.87 -33.90
C LEU E 79 -16.76 -32.47 -33.43
N TYR E 80 -17.42 -33.38 -32.70
CA TYR E 80 -18.79 -33.17 -32.24
C TYR E 80 -18.90 -33.35 -30.73
N LEU E 81 -19.88 -32.67 -30.12
CA LEU E 81 -20.26 -32.87 -28.72
C LEU E 81 -21.78 -32.88 -28.65
N GLN E 82 -22.36 -34.05 -28.39
CA GLN E 82 -23.81 -34.22 -28.24
C GLN E 82 -24.20 -34.02 -26.77
N MET E 83 -24.97 -32.97 -26.49
CA MET E 83 -25.37 -32.61 -25.12
C MET E 83 -26.86 -32.89 -24.96
N ASN E 84 -27.21 -33.84 -24.10
CA ASN E 84 -28.60 -34.19 -23.89
C ASN E 84 -29.04 -33.84 -22.47
N SER E 85 -30.35 -33.57 -22.32
CA SER E 85 -30.95 -33.24 -21.03
C SER E 85 -30.19 -32.10 -20.36
N LEU E 86 -30.04 -31.02 -21.10
CA LEU E 86 -29.23 -29.88 -20.66
C LEU E 86 -29.82 -29.23 -19.41
N ARG E 87 -28.93 -28.75 -18.56
CA ARG E 87 -29.28 -28.11 -17.31
C ARG E 87 -28.82 -26.66 -17.33
N ALA E 88 -29.39 -25.86 -16.43
CA ALA E 88 -29.02 -24.45 -16.35
C ALA E 88 -27.54 -24.29 -16.07
N GLU E 89 -26.97 -25.19 -15.26
CA GLU E 89 -25.55 -25.15 -14.95
C GLU E 89 -24.68 -25.56 -16.14
N ASP E 90 -25.29 -26.00 -17.25
CA ASP E 90 -24.51 -26.28 -18.46
C ASP E 90 -24.24 -25.03 -19.28
N THR E 91 -24.84 -23.90 -18.91
CA THR E 91 -24.61 -22.65 -19.62
C THR E 91 -23.16 -22.25 -19.50
N ALA E 92 -22.50 -22.10 -20.64
CA ALA E 92 -21.09 -21.72 -20.68
C ALA E 92 -20.67 -21.47 -22.11
N VAL E 93 -19.46 -20.96 -22.26
CA VAL E 93 -18.80 -20.92 -23.56
C VAL E 93 -18.05 -22.24 -23.72
N TYR E 94 -18.29 -22.93 -24.83
CA TYR E 94 -17.71 -24.25 -25.07
C TYR E 94 -16.59 -24.16 -26.10
N TYR E 95 -15.39 -24.58 -25.72
CA TYR E 95 -14.22 -24.56 -26.58
C TYR E 95 -13.88 -25.98 -27.02
N CYS E 96 -13.33 -26.11 -28.23
CA CYS E 96 -12.63 -27.33 -28.63
C CYS E 96 -11.14 -27.08 -28.62
N ALA E 97 -10.38 -28.12 -28.31
CA ALA E 97 -8.92 -28.01 -28.21
C ALA E 97 -8.27 -29.27 -28.77
N LYS E 98 -7.13 -29.07 -29.41
CA LYS E 98 -6.33 -30.15 -29.96
C LYS E 98 -5.34 -30.64 -28.90
N ALA E 99 -5.18 -31.96 -28.82
CA ALA E 99 -4.15 -32.51 -27.96
C ALA E 99 -2.78 -32.12 -28.49
N TRP E 100 -1.87 -31.74 -27.59
CA TRP E 100 -0.54 -31.35 -28.04
C TRP E 100 0.27 -32.61 -28.37
N TYR E 101 1.41 -32.39 -29.01
CA TYR E 101 2.25 -33.55 -29.27
C TYR E 101 3.64 -33.28 -28.72
N LYS E 102 3.71 -33.09 -27.40
CA LYS E 102 4.99 -32.99 -26.71
C LYS E 102 5.17 -34.39 -26.14
N ILE E 103 6.15 -35.11 -26.66
CA ILE E 103 6.25 -36.53 -26.37
C ILE E 103 6.73 -36.73 -24.94
N ASP E 104 5.91 -37.37 -24.13
CA ASP E 104 6.21 -37.59 -22.72
C ASP E 104 5.24 -38.64 -22.19
N ASP E 105 5.29 -38.88 -20.88
CA ASP E 105 4.38 -39.84 -20.26
C ASP E 105 2.97 -39.29 -20.14
N LYS E 106 2.83 -37.98 -19.96
CA LYS E 106 1.54 -37.33 -19.76
C LYS E 106 1.31 -36.28 -20.85
N TYR E 107 0.05 -36.11 -21.25
CA TYR E 107 -0.30 -35.21 -22.34
C TYR E 107 -1.41 -34.23 -21.95
N SER E 108 -1.43 -33.09 -22.63
CA SER E 108 -2.44 -32.05 -22.43
C SER E 108 -2.87 -31.52 -23.80
N MET E 109 -3.42 -30.30 -23.82
CA MET E 109 -3.90 -29.64 -25.03
C MET E 109 -3.06 -28.40 -25.33
N ASP E 110 -2.92 -28.07 -26.63
CA ASP E 110 -2.14 -26.89 -27.02
C ASP E 110 -3.00 -25.80 -27.68
N VAL E 111 -3.67 -26.08 -28.79
CA VAL E 111 -4.40 -25.06 -29.53
C VAL E 111 -5.89 -25.16 -29.23
N TRP E 112 -6.51 -24.02 -28.93
CA TRP E 112 -7.92 -23.91 -28.63
C TRP E 112 -8.65 -23.15 -29.74
N GLY E 113 -9.93 -23.44 -29.89
CA GLY E 113 -10.77 -22.71 -30.80
C GLY E 113 -11.26 -21.40 -30.19
N GLN E 114 -12.12 -20.70 -30.94
CA GLN E 114 -12.59 -19.40 -30.46
CA GLN E 114 -12.60 -19.40 -30.47
C GLN E 114 -13.77 -19.56 -29.50
N GLY E 115 -14.51 -20.66 -29.57
CA GLY E 115 -15.58 -20.90 -28.60
C GLY E 115 -16.95 -20.62 -29.19
N THR E 116 -17.94 -21.39 -28.73
CA THR E 116 -19.34 -21.19 -29.06
C THR E 116 -20.16 -21.16 -27.77
N THR E 117 -21.16 -20.29 -27.72
CA THR E 117 -21.88 -19.98 -26.47
C THR E 117 -23.17 -20.78 -26.37
N VAL E 118 -23.32 -21.51 -25.26
CA VAL E 118 -24.53 -22.28 -24.99
C VAL E 118 -25.25 -21.64 -23.82
N THR E 119 -26.51 -21.26 -24.03
CA THR E 119 -27.35 -20.62 -23.02
C THR E 119 -28.56 -21.51 -22.77
N VAL E 120 -28.67 -22.03 -21.56
CA VAL E 120 -29.75 -22.95 -21.20
C VAL E 120 -30.77 -22.17 -20.37
N SER E 121 -31.94 -21.93 -20.96
CA SER E 121 -33.00 -21.17 -20.31
C SER E 121 -34.34 -21.50 -20.95
N SER E 122 -35.41 -21.35 -20.17
CA SER E 122 -36.76 -21.53 -20.65
C SER E 122 -37.41 -20.20 -21.06
N ALA E 123 -36.67 -19.10 -21.01
CA ALA E 123 -37.28 -17.79 -21.23
C ALA E 123 -37.54 -17.57 -22.72
N SER E 124 -38.57 -16.79 -23.01
CA SER E 124 -38.90 -16.42 -24.38
C SER E 124 -38.14 -15.17 -24.78
N THR E 125 -37.90 -15.04 -26.09
CA THR E 125 -37.23 -13.87 -26.61
C THR E 125 -38.08 -12.63 -26.33
N LYS E 126 -37.48 -11.63 -25.69
CA LYS E 126 -38.22 -10.43 -25.29
C LYS E 126 -37.34 -9.20 -25.44
N GLY E 127 -37.91 -8.14 -26.02
CA GLY E 127 -37.23 -6.87 -26.14
C GLY E 127 -37.22 -6.10 -24.83
N PRO E 128 -36.25 -5.21 -24.66
CA PRO E 128 -36.11 -4.49 -23.40
C PRO E 128 -37.03 -3.29 -23.25
N SER E 129 -37.28 -2.95 -21.98
CA SER E 129 -37.89 -1.69 -21.57
C SER E 129 -36.77 -0.75 -21.16
N VAL E 130 -36.79 0.48 -21.65
CA VAL E 130 -35.73 1.46 -21.41
C VAL E 130 -36.28 2.60 -20.56
N PHE E 131 -35.70 2.79 -19.38
CA PHE E 131 -36.10 3.86 -18.47
C PHE E 131 -34.94 4.82 -18.21
N PRO E 132 -35.22 6.11 -18.05
CA PRO E 132 -34.13 7.09 -17.85
C PRO E 132 -33.61 7.12 -16.43
N LEU E 133 -32.31 7.38 -16.31
CA LEU E 133 -31.66 7.69 -15.05
C LEU E 133 -31.34 9.18 -15.08
N ALA E 134 -32.33 9.98 -14.67
CA ALA E 134 -32.27 11.43 -14.85
C ALA E 134 -31.17 12.05 -14.00
N PRO E 135 -30.47 13.06 -14.51
CA PRO E 135 -29.53 13.81 -13.67
C PRO E 135 -30.26 14.63 -12.61
N SER E 136 -29.66 14.73 -11.44
CA SER E 136 -30.25 15.48 -10.34
C SER E 136 -29.13 15.95 -9.41
N SER E 137 -29.50 16.70 -8.38
CA SER E 137 -28.56 17.10 -7.35
C SER E 137 -27.97 15.91 -6.61
N LYS E 138 -28.58 14.72 -6.73
CA LYS E 138 -28.03 13.50 -6.18
C LYS E 138 -27.14 12.75 -7.17
N SER E 139 -26.95 13.26 -8.38
CA SER E 139 -26.07 12.62 -9.37
C SER E 139 -24.90 13.52 -9.75
N THR E 140 -24.64 14.57 -8.96
CA THR E 140 -23.71 15.61 -9.36
C THR E 140 -22.52 15.68 -8.42
N SER E 141 -21.40 16.08 -8.97
CA SER E 141 -20.18 16.44 -8.25
C SER E 141 -19.67 17.73 -8.87
N GLY E 142 -18.59 18.27 -8.31
CA GLY E 142 -17.99 19.48 -8.81
C GLY E 142 -17.72 19.48 -10.30
N GLY E 143 -18.56 20.22 -11.05
CA GLY E 143 -18.41 20.40 -12.49
C GLY E 143 -18.90 19.26 -13.36
N THR E 144 -19.40 18.18 -12.77
CA THR E 144 -19.86 17.00 -13.50
C THR E 144 -21.26 16.62 -13.09
N ALA E 145 -22.03 16.09 -14.04
CA ALA E 145 -23.34 15.50 -13.79
C ALA E 145 -23.34 14.07 -14.33
N ALA E 146 -24.01 13.17 -13.62
CA ALA E 146 -24.12 11.77 -14.03
C ALA E 146 -25.55 11.47 -14.46
N LEU E 147 -25.70 10.73 -15.55
CA LEU E 147 -27.02 10.35 -16.04
C LEU E 147 -26.89 9.03 -16.80
N GLY E 148 -28.02 8.40 -17.07
CA GLY E 148 -27.96 7.11 -17.73
C GLY E 148 -29.31 6.57 -18.13
N CYS E 149 -29.32 5.29 -18.46
CA CYS E 149 -30.52 4.60 -18.93
CA CYS E 149 -30.51 4.60 -18.90
C CYS E 149 -30.56 3.20 -18.32
N LEU E 150 -31.76 2.77 -17.91
CA LEU E 150 -31.99 1.43 -17.38
C LEU E 150 -32.62 0.56 -18.46
N VAL E 151 -31.93 -0.51 -18.85
CA VAL E 151 -32.38 -1.43 -19.88
C VAL E 151 -32.80 -2.71 -19.18
N LYS E 152 -34.11 -2.94 -19.04
CA LYS E 152 -34.60 -3.99 -18.15
C LYS E 152 -35.45 -5.02 -18.88
N ASP E 153 -35.38 -6.26 -18.40
CA ASP E 153 -36.27 -7.37 -18.84
C ASP E 153 -36.16 -7.68 -20.32
N TYR E 154 -34.95 -8.05 -20.77
CA TYR E 154 -34.74 -8.51 -22.14
C TYR E 154 -34.18 -9.92 -22.15
N PHE E 155 -34.52 -10.67 -23.21
CA PHE E 155 -33.94 -12.00 -23.44
C PHE E 155 -33.87 -12.26 -24.94
N PRO E 156 -32.78 -12.87 -25.44
CA PRO E 156 -31.56 -13.13 -24.68
C PRO E 156 -30.53 -12.04 -24.84
N GLU E 157 -29.30 -12.31 -24.43
CA GLU E 157 -28.19 -11.41 -24.68
C GLU E 157 -27.85 -11.45 -26.17
N PRO E 158 -27.16 -10.42 -26.71
CA PRO E 158 -26.79 -9.12 -26.13
C PRO E 158 -27.72 -7.97 -26.51
N VAL E 159 -27.52 -6.82 -25.86
CA VAL E 159 -28.08 -5.54 -26.28
C VAL E 159 -26.91 -4.60 -26.53
N THR E 160 -27.11 -3.63 -27.41
CA THR E 160 -26.14 -2.58 -27.66
C THR E 160 -26.72 -1.23 -27.22
N VAL E 161 -25.89 -0.43 -26.57
CA VAL E 161 -26.30 0.89 -26.10
C VAL E 161 -25.29 1.91 -26.61
N SER E 162 -25.79 2.98 -27.21
CA SER E 162 -24.97 4.12 -27.58
C SER E 162 -25.64 5.38 -27.05
N TRP E 163 -24.89 6.47 -27.04
CA TRP E 163 -25.38 7.76 -26.57
C TRP E 163 -25.30 8.77 -27.69
N ASN E 164 -26.42 9.44 -27.95
CA ASN E 164 -26.53 10.44 -29.01
C ASN E 164 -26.04 9.89 -30.35
N SER E 165 -26.45 8.65 -30.64
CA SER E 165 -26.12 7.97 -31.90
C SER E 165 -24.62 7.87 -32.14
N GLY E 166 -23.83 7.72 -31.07
CA GLY E 166 -22.40 7.55 -31.17
C GLY E 166 -21.57 8.82 -31.04
N ALA E 167 -22.20 9.99 -30.95
CA ALA E 167 -21.45 11.23 -30.79
C ALA E 167 -20.80 11.35 -29.42
N LEU E 168 -21.39 10.73 -28.40
CA LEU E 168 -20.88 10.78 -27.04
C LEU E 168 -20.32 9.42 -26.65
N THR E 169 -19.01 9.37 -26.39
CA THR E 169 -18.34 8.13 -26.03
C THR E 169 -17.54 8.29 -24.74
N SER E 170 -17.05 9.50 -24.49
CA SER E 170 -16.26 9.75 -23.29
C SER E 170 -17.14 9.71 -22.04
N GLY E 171 -16.64 9.06 -21.00
CA GLY E 171 -17.35 8.98 -19.74
C GLY E 171 -18.46 7.96 -19.70
N VAL E 172 -18.66 7.19 -20.77
CA VAL E 172 -19.73 6.21 -20.81
C VAL E 172 -19.28 4.94 -20.10
N HIS E 173 -20.14 4.41 -19.24
CA HIS E 173 -19.94 3.11 -18.60
C HIS E 173 -21.19 2.30 -18.81
N THR E 174 -21.11 1.32 -19.69
CA THR E 174 -22.18 0.37 -19.93
C THR E 174 -21.85 -0.89 -19.16
N PHE E 175 -22.62 -1.16 -18.14
CA PHE E 175 -22.35 -2.27 -17.24
C PHE E 175 -22.73 -3.59 -17.90
N PRO E 176 -22.00 -4.66 -17.59
CA PRO E 176 -22.42 -6.00 -18.04
C PRO E 176 -23.78 -6.36 -17.45
N ALA E 177 -24.54 -7.13 -18.22
CA ALA E 177 -25.88 -7.52 -17.80
C ALA E 177 -25.84 -8.45 -16.60
N VAL E 178 -26.88 -8.37 -15.79
CA VAL E 178 -27.10 -9.33 -14.70
C VAL E 178 -28.33 -10.14 -15.07
N LEU E 179 -28.34 -11.40 -14.64
CA LEU E 179 -29.47 -12.28 -14.86
C LEU E 179 -30.42 -12.19 -13.67
N GLN E 180 -31.65 -11.75 -13.93
CA GLN E 180 -32.62 -11.61 -12.85
C GLN E 180 -33.23 -12.96 -12.52
N SER E 181 -33.87 -13.04 -11.34
CA SER E 181 -34.51 -14.28 -10.93
C SER E 181 -35.68 -14.65 -11.84
N SER E 182 -36.23 -13.68 -12.57
CA SER E 182 -37.28 -13.96 -13.54
C SER E 182 -36.77 -14.67 -14.79
N GLY E 183 -35.47 -14.81 -14.95
CA GLY E 183 -34.88 -15.38 -16.14
C GLY E 183 -34.56 -14.36 -17.22
N LEU E 184 -34.88 -13.09 -17.01
CA LEU E 184 -34.63 -12.01 -17.94
C LEU E 184 -33.41 -11.21 -17.52
N TYR E 185 -32.71 -10.66 -18.51
CA TYR E 185 -31.52 -9.86 -18.28
C TYR E 185 -31.86 -8.39 -18.07
N SER E 186 -30.95 -7.68 -17.40
CA SER E 186 -31.08 -6.25 -17.20
C SER E 186 -29.68 -5.64 -17.07
N LEU E 187 -29.53 -4.42 -17.59
CA LEU E 187 -28.30 -3.66 -17.40
C LEU E 187 -28.64 -2.17 -17.42
N SER E 188 -27.64 -1.37 -17.06
CA SER E 188 -27.71 0.08 -17.13
C SER E 188 -26.44 0.63 -17.75
N SER E 189 -26.58 1.73 -18.48
CA SER E 189 -25.47 2.46 -19.06
C SER E 189 -25.50 3.89 -18.55
N VAL E 190 -24.39 4.35 -18.00
CA VAL E 190 -24.29 5.69 -17.42
C VAL E 190 -23.19 6.46 -18.11
N VAL E 191 -23.23 7.77 -17.95
CA VAL E 191 -22.21 8.65 -18.52
C VAL E 191 -22.10 9.90 -17.65
N THR E 192 -20.88 10.41 -17.53
CA THR E 192 -20.61 11.64 -16.79
C THR E 192 -20.45 12.75 -17.82
N VAL E 193 -21.25 13.81 -17.67
CA VAL E 193 -21.26 14.91 -18.62
C VAL E 193 -21.00 16.21 -17.88
N PRO E 194 -20.52 17.23 -18.59
CA PRO E 194 -20.28 18.53 -17.93
C PRO E 194 -21.57 19.13 -17.38
N SER E 195 -21.50 19.58 -16.13
CA SER E 195 -22.66 20.17 -15.48
C SER E 195 -23.09 21.46 -16.15
N SER E 196 -22.15 22.17 -16.79
CA SER E 196 -22.49 23.42 -17.46
C SER E 196 -23.41 23.22 -18.65
N SER E 197 -23.54 21.99 -19.15
CA SER E 197 -24.38 21.68 -20.30
C SER E 197 -25.69 21.00 -19.93
N LEU E 198 -26.01 20.87 -18.63
CA LEU E 198 -27.10 20.00 -18.21
C LEU E 198 -28.45 20.37 -18.81
N GLY E 199 -28.79 21.65 -18.82
CA GLY E 199 -30.09 22.02 -19.35
C GLY E 199 -30.18 22.12 -20.84
N THR E 200 -29.08 22.45 -21.51
CA THR E 200 -29.10 22.76 -22.93
C THR E 200 -28.74 21.59 -23.84
N GLN E 201 -27.84 20.71 -23.43
CA GLN E 201 -27.40 19.62 -24.30
C GLN E 201 -28.36 18.45 -24.15
N THR E 202 -28.86 17.96 -25.29
CA THR E 202 -29.75 16.82 -25.29
C THR E 202 -28.95 15.53 -25.20
N TYR E 203 -29.43 14.61 -24.36
CA TYR E 203 -28.80 13.32 -24.15
C TYR E 203 -29.82 12.23 -24.39
N ILE E 204 -29.53 11.36 -25.36
CA ILE E 204 -30.42 10.28 -25.76
C ILE E 204 -29.62 8.98 -25.77
N CYS E 205 -30.20 7.93 -25.20
CA CYS E 205 -29.58 6.61 -25.23
C CYS E 205 -30.25 5.77 -26.32
N ASN E 206 -29.42 5.05 -27.08
CA ASN E 206 -29.87 4.29 -28.24
C ASN E 206 -29.66 2.81 -27.93
N VAL E 207 -30.75 2.09 -27.74
CA VAL E 207 -30.72 0.68 -27.35
C VAL E 207 -31.17 -0.17 -28.52
N ASN E 208 -30.37 -1.17 -28.88
CA ASN E 208 -30.71 -2.12 -29.92
C ASN E 208 -30.68 -3.53 -29.35
N HIS E 209 -31.77 -4.27 -29.54
CA HIS E 209 -31.86 -5.69 -29.20
C HIS E 209 -32.22 -6.43 -30.49
N LYS E 210 -31.19 -6.93 -31.18
CA LYS E 210 -31.41 -7.57 -32.48
C LYS E 210 -32.33 -8.80 -32.42
N PRO E 211 -32.24 -9.70 -31.41
CA PRO E 211 -33.13 -10.87 -31.42
C PRO E 211 -34.61 -10.54 -31.44
N SER E 212 -35.03 -9.44 -30.82
CA SER E 212 -36.43 -9.04 -30.81
C SER E 212 -36.75 -7.99 -31.87
N ASN E 213 -35.77 -7.58 -32.66
CA ASN E 213 -35.93 -6.50 -33.66
C ASN E 213 -36.42 -5.22 -32.99
N THR E 214 -35.79 -4.87 -31.87
CA THR E 214 -36.19 -3.75 -31.04
C THR E 214 -35.07 -2.71 -31.01
N LYS E 215 -35.38 -1.49 -31.45
CA LYS E 215 -34.50 -0.33 -31.32
C LYS E 215 -35.24 0.74 -30.54
N VAL E 216 -34.62 1.27 -29.48
CA VAL E 216 -35.28 2.25 -28.61
C VAL E 216 -34.35 3.44 -28.40
N ASP E 217 -34.89 4.64 -28.60
CA ASP E 217 -34.21 5.88 -28.25
C ASP E 217 -34.96 6.54 -27.09
N LYS E 218 -34.22 6.92 -26.05
CA LYS E 218 -34.83 7.51 -24.85
C LYS E 218 -34.07 8.77 -24.46
N LYS E 219 -34.74 9.92 -24.56
CA LYS E 219 -34.13 11.18 -24.14
C LYS E 219 -34.10 11.24 -22.62
N VAL E 220 -32.93 11.53 -22.05
CA VAL E 220 -32.77 11.60 -20.59
C VAL E 220 -32.65 13.07 -20.21
N GLU E 221 -33.74 13.62 -19.66
CA GLU E 221 -33.91 14.98 -19.19
C GLU E 221 -33.85 15.05 -17.66
N PRO E 222 -33.37 16.15 -17.09
CA PRO E 222 -33.48 16.30 -15.63
C PRO E 222 -34.95 16.45 -15.27
N LYS E 223 -35.34 15.88 -14.14
CA LYS E 223 -36.76 15.80 -13.83
C LYS E 223 -37.29 17.13 -13.33
N SER E 224 -38.51 17.46 -13.77
CA SER E 224 -39.18 18.68 -13.35
C SER E 224 -39.83 18.47 -11.99
N CYS E 225 -39.48 19.33 -11.04
CA CYS E 225 -40.04 19.27 -9.71
C CYS E 225 -41.39 19.99 -9.67
N ASP F 1 -9.89 -36.50 -7.16
CA ASP F 1 -9.77 -35.36 -8.06
C ASP F 1 -8.82 -34.31 -7.48
N ILE F 2 -8.02 -33.71 -8.35
CA ILE F 2 -6.99 -32.75 -7.95
C ILE F 2 -7.55 -31.35 -8.12
N GLN F 3 -7.47 -30.55 -7.05
CA GLN F 3 -7.89 -29.15 -7.08
C GLN F 3 -6.67 -28.25 -7.14
N MET F 4 -6.71 -27.26 -8.03
CA MET F 4 -5.63 -26.30 -8.21
C MET F 4 -6.08 -24.94 -7.70
N THR F 5 -5.25 -24.32 -6.86
CA THR F 5 -5.54 -23.02 -6.27
C THR F 5 -4.41 -22.06 -6.62
N GLN F 6 -4.78 -20.91 -7.18
CA GLN F 6 -3.81 -19.89 -7.55
C GLN F 6 -3.88 -18.72 -6.57
N SER F 7 -2.72 -18.11 -6.32
CA SER F 7 -2.63 -16.92 -5.49
C SER F 7 -1.63 -15.96 -6.11
N PRO F 8 -1.96 -14.67 -6.18
CA PRO F 8 -3.25 -14.13 -5.72
C PRO F 8 -4.33 -14.29 -6.78
N SER F 9 -5.57 -13.95 -6.45
CA SER F 9 -6.64 -13.95 -7.45
C SER F 9 -6.53 -12.73 -8.36
N THR F 10 -6.14 -11.59 -7.80
CA THR F 10 -5.91 -10.37 -8.55
C THR F 10 -4.51 -9.85 -8.23
N LEU F 11 -3.64 -9.78 -9.24
CA LEU F 11 -2.30 -9.24 -9.09
C LEU F 11 -2.27 -7.85 -9.69
N SER F 12 -1.92 -6.86 -8.88
CA SER F 12 -1.89 -5.46 -9.30
C SER F 12 -0.45 -5.05 -9.52
N ALA F 13 -0.14 -4.57 -10.72
CA ALA F 13 1.24 -4.31 -11.08
C ALA F 13 1.31 -3.25 -12.17
N SER F 14 2.51 -2.71 -12.36
CA SER F 14 2.78 -1.66 -13.33
C SER F 14 3.57 -2.23 -14.50
N VAL F 15 3.46 -1.56 -15.65
CA VAL F 15 4.20 -1.96 -16.83
C VAL F 15 5.69 -1.95 -16.51
N GLY F 16 6.39 -2.99 -16.96
CA GLY F 16 7.81 -3.14 -16.71
C GLY F 16 8.15 -3.89 -15.44
N ASP F 17 7.18 -4.12 -14.55
CA ASP F 17 7.45 -4.83 -13.32
C ASP F 17 7.71 -6.31 -13.60
N ARG F 18 8.50 -6.91 -12.73
CA ARG F 18 8.65 -8.36 -12.64
C ARG F 18 7.63 -8.86 -11.62
N VAL F 19 6.76 -9.78 -12.05
CA VAL F 19 5.71 -10.31 -11.19
C VAL F 19 5.79 -11.83 -11.18
N THR F 20 5.10 -12.43 -10.21
CA THR F 20 5.11 -13.87 -10.01
C THR F 20 3.74 -14.34 -9.55
N ILE F 21 3.21 -15.35 -10.22
CA ILE F 21 1.95 -15.99 -9.84
C ILE F 21 2.26 -17.36 -9.29
N THR F 22 1.52 -17.77 -8.27
CA THR F 22 1.73 -19.05 -7.61
C THR F 22 0.54 -19.97 -7.86
N CYS F 23 0.83 -21.26 -7.99
CA CYS F 23 -0.18 -22.30 -8.20
C CYS F 23 0.16 -23.48 -7.29
N ARG F 24 -0.83 -23.91 -6.51
CA ARG F 24 -0.65 -25.03 -5.59
C ARG F 24 -1.64 -26.14 -5.91
N ALA F 25 -1.19 -27.38 -5.77
CA ALA F 25 -1.99 -28.56 -6.09
C ALA F 25 -2.34 -29.30 -4.80
N SER F 26 -3.53 -29.90 -4.77
CA SER F 26 -4.00 -30.61 -3.59
C SER F 26 -3.23 -31.91 -3.35
N GLN F 27 -2.60 -32.47 -4.38
CA GLN F 27 -1.71 -33.60 -4.23
C GLN F 27 -0.62 -33.48 -5.30
N SER F 28 0.44 -34.27 -5.12
CA SER F 28 1.60 -34.14 -5.98
C SER F 28 1.25 -34.48 -7.42
N ILE F 29 1.59 -33.57 -8.33
CA ILE F 29 1.38 -33.77 -9.76
C ILE F 29 2.71 -33.83 -10.50
N SER F 30 3.81 -34.06 -9.78
CA SER F 30 5.16 -34.11 -10.34
C SER F 30 5.41 -32.77 -11.03
N SER F 31 5.84 -32.76 -12.30
CA SER F 31 6.00 -31.52 -13.05
C SER F 31 4.98 -31.38 -14.17
N TRP F 32 3.89 -32.14 -14.11
CA TRP F 32 2.86 -32.15 -15.16
C TRP F 32 1.90 -30.98 -14.95
N LEU F 33 2.42 -29.78 -15.23
CA LEU F 33 1.70 -28.53 -14.97
C LEU F 33 1.87 -27.61 -16.18
N ALA F 34 0.76 -27.02 -16.63
CA ALA F 34 0.77 -26.13 -17.79
C ALA F 34 0.20 -24.76 -17.41
N TRP F 35 0.81 -23.70 -17.93
CA TRP F 35 0.35 -22.33 -17.73
C TRP F 35 -0.22 -21.77 -19.03
N TYR F 36 -1.38 -21.13 -18.94
CA TYR F 36 -2.03 -20.54 -20.09
C TYR F 36 -2.34 -19.08 -19.82
N GLN F 37 -2.54 -18.33 -20.91
CA GLN F 37 -2.94 -16.93 -20.86
C GLN F 37 -4.27 -16.78 -21.58
N GLN F 38 -5.18 -15.99 -21.02
CA GLN F 38 -6.45 -15.67 -21.65
C GLN F 38 -6.68 -14.16 -21.55
N LYS F 39 -6.66 -13.51 -22.66
CA LYS F 39 -7.06 -12.12 -22.76
C LYS F 39 -8.58 -12.05 -22.85
N PRO F 40 -9.19 -10.98 -22.34
CA PRO F 40 -10.65 -10.94 -22.23
C PRO F 40 -11.32 -11.07 -23.59
N GLY F 41 -12.31 -11.96 -23.67
CA GLY F 41 -13.03 -12.22 -24.90
C GLY F 41 -12.39 -13.24 -25.80
N LYS F 42 -11.08 -13.47 -25.69
CA LYS F 42 -10.34 -14.40 -26.53
C LYS F 42 -10.09 -15.71 -25.79
N ALA F 43 -9.53 -16.66 -26.51
CA ALA F 43 -9.34 -18.02 -26.04
C ALA F 43 -7.98 -18.17 -25.35
N PRO F 44 -7.86 -19.17 -24.47
CA PRO F 44 -6.57 -19.39 -23.78
C PRO F 44 -5.48 -19.76 -24.77
N LYS F 45 -4.25 -19.37 -24.44
CA LYS F 45 -3.08 -19.63 -25.26
C LYS F 45 -2.01 -20.25 -24.36
N LEU F 46 -1.42 -21.36 -24.83
CA LEU F 46 -0.43 -22.07 -24.05
C LEU F 46 0.86 -21.27 -23.94
N LEU F 47 1.42 -21.19 -22.73
CA LEU F 47 2.66 -20.49 -22.48
C LEU F 47 3.79 -21.44 -22.08
N ILE F 48 3.52 -22.35 -21.14
CA ILE F 48 4.55 -23.17 -20.52
C ILE F 48 4.00 -24.58 -20.32
N TYR F 49 4.84 -25.57 -20.63
CA TYR F 49 4.50 -26.96 -20.41
C TYR F 49 5.59 -27.63 -19.58
N LYS F 50 5.20 -28.73 -18.93
CA LYS F 50 6.07 -29.43 -17.96
C LYS F 50 6.77 -28.46 -17.02
N ALA F 51 5.98 -27.56 -16.43
CA ALA F 51 6.41 -26.65 -15.37
C ALA F 51 7.33 -25.53 -15.86
N SER F 52 8.32 -25.86 -16.68
CA SER F 52 9.41 -24.94 -16.98
C SER F 52 9.69 -24.75 -18.46
N SER F 53 9.15 -25.58 -19.34
CA SER F 53 9.46 -25.52 -20.77
C SER F 53 8.51 -24.57 -21.48
N LEU F 54 9.08 -23.68 -22.28
CA LEU F 54 8.29 -22.66 -22.97
C LEU F 54 7.77 -23.18 -24.31
N GLU F 55 6.52 -22.86 -24.59
CA GLU F 55 5.95 -23.15 -25.90
C GLU F 55 6.67 -22.35 -26.98
N SER F 56 6.83 -22.96 -28.16
CA SER F 56 7.46 -22.28 -29.27
C SER F 56 6.71 -20.99 -29.60
N GLY F 57 7.47 -19.91 -29.77
CA GLY F 57 6.88 -18.62 -30.07
C GLY F 57 6.45 -17.81 -28.86
N VAL F 58 6.74 -18.27 -27.65
CA VAL F 58 6.36 -17.55 -26.43
C VAL F 58 7.56 -16.70 -26.01
N PRO F 59 7.37 -15.42 -25.67
CA PRO F 59 8.51 -14.55 -25.39
C PRO F 59 9.28 -14.98 -24.16
N SER F 60 10.53 -14.53 -24.10
CA SER F 60 11.50 -14.97 -23.10
C SER F 60 11.23 -14.42 -21.71
N ARG F 61 10.41 -13.36 -21.60
CA ARG F 61 10.11 -12.82 -20.28
C ARG F 61 9.33 -13.83 -19.44
N PHE F 62 8.63 -14.75 -20.09
CA PHE F 62 7.86 -15.78 -19.38
C PHE F 62 8.78 -16.92 -18.95
N SER F 63 8.70 -17.30 -17.68
CA SER F 63 9.49 -18.40 -17.15
C SER F 63 8.68 -19.13 -16.08
N GLY F 64 9.04 -20.39 -15.86
CA GLY F 64 8.38 -21.21 -14.86
C GLY F 64 9.35 -22.03 -14.05
N SER F 65 8.92 -22.37 -12.83
CA SER F 65 9.73 -23.18 -11.93
C SER F 65 8.82 -23.93 -10.98
N GLY F 66 9.31 -25.07 -10.48
CA GLY F 66 8.58 -25.80 -9.47
C GLY F 66 8.35 -27.27 -9.77
N SER F 67 8.12 -28.05 -8.71
CA SER F 67 7.79 -29.46 -8.84
C SER F 67 6.93 -29.89 -7.66
N GLY F 68 6.07 -30.87 -7.89
CA GLY F 68 5.30 -31.48 -6.81
C GLY F 68 3.94 -30.82 -6.62
N THR F 69 3.81 -30.00 -5.57
CA THR F 69 2.53 -29.42 -5.20
C THR F 69 2.49 -27.91 -5.31
N GLU F 70 3.62 -27.26 -5.62
CA GLU F 70 3.64 -25.81 -5.72
CA GLU F 70 3.68 -25.80 -5.68
C GLU F 70 4.40 -25.38 -6.96
N PHE F 71 3.78 -24.51 -7.76
CA PHE F 71 4.32 -24.07 -9.03
C PHE F 71 4.18 -22.56 -9.15
N THR F 72 5.06 -21.94 -9.93
CA THR F 72 5.07 -20.50 -10.09
C THR F 72 5.23 -20.11 -11.55
N LEU F 73 4.55 -19.04 -11.96
CA LEU F 73 4.71 -18.43 -13.26
C LEU F 73 5.26 -17.02 -13.07
N THR F 74 6.30 -16.69 -13.82
CA THR F 74 7.00 -15.42 -13.65
C THR F 74 7.11 -14.70 -14.98
N ILE F 75 6.70 -13.42 -15.00
CA ILE F 75 6.75 -12.56 -16.17
C ILE F 75 7.71 -11.41 -15.83
N SER F 76 8.90 -11.45 -16.41
CA SER F 76 9.95 -10.48 -16.08
C SER F 76 9.86 -9.31 -17.06
N GLY F 77 9.10 -8.28 -16.69
CA GLY F 77 8.95 -7.13 -17.55
C GLY F 77 7.58 -7.11 -18.21
N LEU F 78 6.56 -6.72 -17.46
CA LEU F 78 5.19 -6.74 -17.94
C LEU F 78 5.01 -5.79 -19.12
N GLN F 79 4.43 -6.30 -20.18
CA GLN F 79 4.03 -5.48 -21.31
C GLN F 79 2.56 -5.11 -21.17
N PRO F 80 2.13 -4.00 -21.79
CA PRO F 80 0.68 -3.68 -21.78
C PRO F 80 -0.19 -4.84 -22.20
N ASP F 81 0.28 -5.64 -23.16
CA ASP F 81 -0.43 -6.83 -23.61
C ASP F 81 -0.46 -7.95 -22.59
N ASP F 82 0.35 -7.87 -21.54
CA ASP F 82 0.44 -8.94 -20.56
C ASP F 82 -0.58 -8.84 -19.44
N PHE F 83 -1.30 -7.72 -19.34
CA PHE F 83 -2.35 -7.56 -18.34
C PHE F 83 -3.57 -8.34 -18.79
N ALA F 84 -3.75 -9.50 -18.19
CA ALA F 84 -4.74 -10.48 -18.60
C ALA F 84 -4.88 -11.48 -17.47
N THR F 85 -5.59 -12.58 -17.74
CA THR F 85 -5.82 -13.63 -16.76
C THR F 85 -5.01 -14.86 -17.12
N TYR F 86 -4.40 -15.47 -16.12
CA TYR F 86 -3.55 -16.65 -16.31
C TYR F 86 -4.07 -17.82 -15.47
N TYR F 87 -3.95 -19.02 -16.02
CA TYR F 87 -4.44 -20.24 -15.39
C TYR F 87 -3.35 -21.30 -15.41
N CYS F 88 -3.15 -21.98 -14.29
CA CYS F 88 -2.38 -23.22 -14.32
C CYS F 88 -3.32 -24.39 -14.57
N GLN F 89 -2.75 -25.51 -14.99
CA GLN F 89 -3.52 -26.69 -15.34
C GLN F 89 -2.66 -27.93 -15.10
N GLN F 90 -3.15 -28.83 -14.26
CA GLN F 90 -2.50 -30.11 -14.07
C GLN F 90 -2.99 -31.09 -15.13
N TYR F 91 -2.06 -31.89 -15.65
CA TYR F 91 -2.40 -32.98 -16.56
C TYR F 91 -1.84 -34.30 -16.09
N ASN F 92 -1.67 -34.44 -14.78
CA ASN F 92 -1.23 -35.70 -14.20
C ASN F 92 -2.41 -36.68 -14.12
N SER F 93 -3.56 -36.21 -13.65
CA SER F 93 -4.77 -37.03 -13.53
C SER F 93 -5.92 -36.24 -14.11
N TYR F 94 -6.33 -36.59 -15.32
CA TYR F 94 -7.31 -35.82 -16.10
C TYR F 94 -6.74 -34.41 -16.27
N TRP F 95 -7.61 -33.41 -16.35
CA TRP F 95 -7.19 -32.02 -16.56
C TRP F 95 -8.08 -31.12 -15.71
N THR F 96 -7.47 -30.45 -14.74
CA THR F 96 -8.16 -29.48 -13.90
C THR F 96 -7.38 -28.16 -13.88
N PHE F 97 -8.12 -27.06 -13.80
CA PHE F 97 -7.59 -25.71 -13.93
C PHE F 97 -7.66 -24.97 -12.59
N GLY F 98 -6.76 -24.00 -12.43
CA GLY F 98 -6.88 -23.05 -11.35
C GLY F 98 -7.98 -22.05 -11.62
N GLN F 99 -8.37 -21.31 -10.57
CA GLN F 99 -9.45 -20.34 -10.72
C GLN F 99 -9.05 -19.17 -11.61
N GLY F 100 -7.77 -18.92 -11.75
CA GLY F 100 -7.33 -17.84 -12.60
C GLY F 100 -6.78 -16.67 -11.79
N THR F 101 -5.75 -16.03 -12.33
CA THR F 101 -5.14 -14.84 -11.74
C THR F 101 -5.16 -13.73 -12.77
N LYS F 102 -5.85 -12.63 -12.46
CA LYS F 102 -5.89 -11.47 -13.33
C LYS F 102 -4.80 -10.49 -12.94
N VAL F 103 -3.97 -10.11 -13.91
CA VAL F 103 -2.94 -9.10 -13.72
C VAL F 103 -3.53 -7.77 -14.17
N GLU F 104 -3.73 -6.86 -13.23
CA GLU F 104 -4.33 -5.56 -13.49
C GLU F 104 -3.31 -4.44 -13.31
N ILE F 105 -3.66 -3.27 -13.85
CA ILE F 105 -2.81 -2.09 -13.77
C ILE F 105 -2.95 -1.50 -12.37
N LYS F 106 -1.83 -1.36 -11.66
CA LYS F 106 -1.85 -0.74 -10.35
C LYS F 106 -1.81 0.78 -10.48
N ARG F 107 -2.58 1.45 -9.64
CA ARG F 107 -2.59 2.91 -9.62
C ARG F 107 -2.82 3.36 -8.18
N THR F 108 -2.88 4.67 -7.99
CA THR F 108 -3.12 5.22 -6.66
C THR F 108 -4.57 5.03 -6.25
N VAL F 109 -4.78 4.93 -4.93
CA VAL F 109 -6.12 4.72 -4.41
C VAL F 109 -6.99 5.93 -4.73
N ALA F 110 -8.15 5.67 -5.31
CA ALA F 110 -9.11 6.70 -5.69
C ALA F 110 -10.47 6.35 -5.10
N ALA F 111 -11.04 7.29 -4.36
CA ALA F 111 -12.33 7.06 -3.73
C ALA F 111 -13.45 7.12 -4.77
N PRO F 112 -14.51 6.34 -4.60
CA PRO F 112 -15.63 6.38 -5.54
C PRO F 112 -16.49 7.63 -5.35
N SER F 113 -17.05 8.09 -6.45
CA SER F 113 -18.11 9.09 -6.44
C SER F 113 -19.45 8.36 -6.44
N VAL F 114 -20.25 8.58 -5.40
CA VAL F 114 -21.47 7.82 -5.15
C VAL F 114 -22.67 8.67 -5.52
N PHE F 115 -23.45 8.19 -6.49
CA PHE F 115 -24.66 8.85 -6.94
C PHE F 115 -25.84 7.88 -6.83
N ILE F 116 -27.05 8.42 -6.71
CA ILE F 116 -28.25 7.61 -6.53
C ILE F 116 -29.33 8.13 -7.47
N PHE F 117 -30.12 7.19 -8.02
CA PHE F 117 -31.16 7.51 -9.00
C PHE F 117 -32.48 6.87 -8.55
N PRO F 118 -33.52 7.64 -8.33
CA PRO F 118 -34.83 7.06 -8.00
C PRO F 118 -35.45 6.39 -9.22
N PRO F 119 -36.49 5.58 -9.03
CA PRO F 119 -37.18 5.01 -10.19
C PRO F 119 -37.85 6.11 -11.00
N SER F 120 -37.97 5.87 -12.30
CA SER F 120 -38.67 6.80 -13.16
C SER F 120 -40.17 6.70 -12.93
N ASP F 121 -40.88 7.78 -13.25
CA ASP F 121 -42.34 7.73 -13.21
C ASP F 121 -42.88 6.76 -14.24
N GLU F 122 -42.21 6.64 -15.39
CA GLU F 122 -42.63 5.69 -16.40
C GLU F 122 -42.65 4.27 -15.86
N GLN F 123 -41.56 3.85 -15.23
CA GLN F 123 -41.49 2.48 -14.69
C GLN F 123 -42.55 2.25 -13.62
N LEU F 124 -42.83 3.27 -12.81
CA LEU F 124 -43.72 3.10 -11.67
C LEU F 124 -45.13 2.73 -12.11
N LYS F 125 -45.64 3.38 -13.17
CA LYS F 125 -47.00 3.05 -13.62
C LYS F 125 -47.09 1.62 -14.13
N SER F 126 -45.96 1.05 -14.57
CA SER F 126 -45.94 -0.37 -14.93
C SER F 126 -46.01 -1.27 -13.71
N GLY F 127 -45.67 -0.75 -12.53
CA GLY F 127 -45.82 -1.47 -11.29
C GLY F 127 -44.54 -1.91 -10.60
N THR F 128 -43.37 -1.52 -11.11
CA THR F 128 -42.09 -1.90 -10.53
C THR F 128 -41.26 -0.66 -10.29
N ALA F 129 -40.33 -0.77 -9.34
CA ALA F 129 -39.45 0.34 -8.96
C ALA F 129 -38.03 -0.17 -8.84
N SER F 130 -37.12 0.40 -9.63
CA SER F 130 -35.71 0.10 -9.56
C SER F 130 -34.96 1.33 -9.07
N VAL F 131 -34.13 1.15 -8.04
CA VAL F 131 -33.29 2.22 -7.50
C VAL F 131 -31.84 1.85 -7.80
N VAL F 132 -31.10 2.80 -8.34
CA VAL F 132 -29.74 2.56 -8.81
C VAL F 132 -28.77 3.39 -7.97
N CYS F 133 -27.81 2.72 -7.35
CA CYS F 133 -26.66 3.34 -6.71
C CYS F 133 -25.46 3.17 -7.62
N LEU F 134 -24.75 4.26 -7.89
CA LEU F 134 -23.64 4.26 -8.83
C LEU F 134 -22.35 4.65 -8.12
N LEU F 135 -21.36 3.76 -8.16
CA LEU F 135 -20.02 4.02 -7.66
C LEU F 135 -19.11 4.23 -8.86
N ASN F 136 -18.70 5.46 -9.09
CA ASN F 136 -17.97 5.80 -10.30
C ASN F 136 -16.49 6.04 -10.05
N ASN F 137 -15.67 5.39 -10.88
CA ASN F 137 -14.25 5.72 -11.04
C ASN F 137 -13.49 5.58 -9.72
N PHE F 138 -13.48 4.36 -9.20
CA PHE F 138 -12.76 4.07 -7.96
C PHE F 138 -11.70 3.00 -8.21
N TYR F 139 -10.66 3.00 -7.36
CA TYR F 139 -9.63 1.98 -7.34
C TYR F 139 -9.13 1.87 -5.91
N PRO F 140 -8.94 0.65 -5.39
CA PRO F 140 -9.09 -0.65 -6.06
C PRO F 140 -10.53 -1.15 -6.19
N ARG F 141 -10.68 -2.33 -6.82
CA ARG F 141 -11.99 -2.85 -7.17
C ARG F 141 -12.82 -3.21 -5.94
N GLU F 142 -12.17 -3.57 -4.83
CA GLU F 142 -12.89 -4.00 -3.63
C GLU F 142 -13.81 -2.91 -3.13
N ALA F 143 -15.11 -3.20 -3.09
CA ALA F 143 -16.11 -2.24 -2.66
C ALA F 143 -17.27 -2.99 -2.00
N LYS F 144 -17.93 -2.32 -1.06
CA LYS F 144 -19.08 -2.87 -0.35
C LYS F 144 -20.24 -1.90 -0.48
N VAL F 145 -21.40 -2.40 -0.90
CA VAL F 145 -22.60 -1.60 -1.08
C VAL F 145 -23.74 -2.28 -0.35
N GLN F 146 -24.43 -1.54 0.51
CA GLN F 146 -25.60 -2.05 1.21
C GLN F 146 -26.75 -1.06 1.05
N TRP F 147 -27.96 -1.60 0.88
CA TRP F 147 -29.17 -0.80 0.77
C TRP F 147 -29.85 -0.69 2.12
N LYS F 148 -30.42 0.48 2.39
CA LYS F 148 -31.18 0.73 3.61
C LYS F 148 -32.42 1.53 3.24
N VAL F 149 -33.59 0.99 3.60
CA VAL F 149 -34.87 1.63 3.35
C VAL F 149 -35.49 1.94 4.70
N ASP F 150 -35.68 3.24 4.98
CA ASP F 150 -36.10 3.70 6.30
C ASP F 150 -35.25 3.09 7.41
N ASN F 151 -33.94 3.03 7.16
CA ASN F 151 -32.91 2.51 8.05
C ASN F 151 -32.98 1.01 8.28
N ALA F 152 -33.75 0.28 7.48
CA ALA F 152 -33.79 -1.18 7.55
C ALA F 152 -32.88 -1.75 6.47
N LEU F 153 -31.92 -2.59 6.87
CA LEU F 153 -30.97 -3.17 5.94
C LEU F 153 -31.69 -4.13 4.99
N GLN F 154 -31.58 -3.88 3.69
CA GLN F 154 -32.20 -4.76 2.69
C GLN F 154 -31.30 -5.95 2.40
N SER F 155 -31.93 -7.07 2.02
CA SER F 155 -31.19 -8.30 1.77
C SER F 155 -31.93 -9.10 0.72
N GLY F 156 -31.20 -9.56 -0.30
CA GLY F 156 -31.77 -10.43 -1.30
C GLY F 156 -32.61 -9.77 -2.37
N ASN F 157 -32.59 -8.44 -2.48
CA ASN F 157 -33.35 -7.77 -3.53
C ASN F 157 -32.51 -6.74 -4.28
N SER F 158 -31.18 -6.89 -4.29
CA SER F 158 -30.31 -6.05 -5.10
C SER F 158 -29.36 -6.92 -5.90
N GLN F 159 -28.81 -6.36 -6.98
CA GLN F 159 -27.80 -7.02 -7.78
C GLN F 159 -26.73 -6.02 -8.18
N GLU F 160 -25.48 -6.47 -8.15
CA GLU F 160 -24.32 -5.63 -8.47
C GLU F 160 -23.73 -6.03 -9.81
N SER F 161 -23.15 -5.03 -10.48
CA SER F 161 -22.42 -5.23 -11.72
C SER F 161 -21.20 -4.31 -11.71
N VAL F 162 -20.07 -4.80 -12.20
CA VAL F 162 -18.83 -4.05 -12.19
C VAL F 162 -18.24 -4.03 -13.60
N THR F 163 -17.60 -2.91 -13.94
CA THR F 163 -16.93 -2.73 -15.21
C THR F 163 -15.56 -3.36 -15.16
N GLU F 164 -15.00 -3.62 -16.34
CA GLU F 164 -13.58 -3.91 -16.44
C GLU F 164 -12.78 -2.63 -16.22
N GLN F 165 -11.50 -2.81 -15.87
CA GLN F 165 -10.63 -1.68 -15.60
C GLN F 165 -10.59 -0.75 -16.80
N ASP F 166 -10.75 0.54 -16.55
CA ASP F 166 -10.88 1.52 -17.63
C ASP F 166 -9.57 1.63 -18.40
N SER F 167 -9.69 1.83 -19.72
CA SER F 167 -8.50 1.90 -20.55
C SER F 167 -7.67 3.14 -20.24
N LYS F 168 -8.32 4.22 -19.79
CA LYS F 168 -7.63 5.48 -19.58
C LYS F 168 -7.11 5.64 -18.16
N ASP F 169 -8.02 5.77 -17.19
CA ASP F 169 -7.63 6.08 -15.82
C ASP F 169 -7.41 4.85 -14.96
N SER F 170 -7.63 3.64 -15.49
CA SER F 170 -7.40 2.39 -14.77
C SER F 170 -8.29 2.25 -13.55
N THR F 171 -9.51 2.75 -13.62
CA THR F 171 -10.45 2.69 -12.50
C THR F 171 -11.57 1.71 -12.80
N TYR F 172 -12.35 1.39 -11.78
CA TYR F 172 -13.54 0.58 -11.90
C TYR F 172 -14.76 1.41 -11.54
N SER F 173 -15.92 1.00 -12.07
CA SER F 173 -17.20 1.54 -11.68
C SER F 173 -18.15 0.39 -11.40
N LEU F 174 -19.10 0.63 -10.50
CA LEU F 174 -20.01 -0.41 -10.02
C LEU F 174 -21.41 0.16 -9.88
N SER F 175 -22.40 -0.67 -10.21
CA SER F 175 -23.81 -0.31 -10.03
C SER F 175 -24.46 -1.33 -9.11
N SER F 176 -25.43 -0.85 -8.32
CA SER F 176 -26.27 -1.71 -7.50
C SER F 176 -27.72 -1.31 -7.73
N THR F 177 -28.56 -2.29 -8.06
CA THR F 177 -29.95 -2.05 -8.42
C THR F 177 -30.85 -2.72 -7.41
N LEU F 178 -31.53 -1.92 -6.58
CA LEU F 178 -32.55 -2.40 -5.67
C LEU F 178 -33.88 -2.49 -6.41
N THR F 179 -34.50 -3.67 -6.40
CA THR F 179 -35.76 -3.90 -7.10
C THR F 179 -36.89 -4.06 -6.09
N LEU F 180 -37.93 -3.25 -6.25
CA LEU F 180 -39.10 -3.29 -5.39
C LEU F 180 -40.36 -3.24 -6.23
N SER F 181 -41.45 -3.74 -5.66
CA SER F 181 -42.75 -3.50 -6.26
C SER F 181 -43.15 -2.04 -6.06
N LYS F 182 -44.10 -1.58 -6.86
CA LYS F 182 -44.57 -0.21 -6.73
C LYS F 182 -45.20 0.03 -5.36
N ALA F 183 -45.93 -0.96 -4.85
CA ALA F 183 -46.60 -0.82 -3.56
C ALA F 183 -45.59 -0.72 -2.43
N ASP F 184 -44.54 -1.55 -2.45
CA ASP F 184 -43.53 -1.47 -1.40
C ASP F 184 -42.72 -0.19 -1.49
N TYR F 185 -42.54 0.34 -2.71
CA TYR F 185 -41.73 1.55 -2.86
C TYR F 185 -42.41 2.76 -2.24
N GLU F 186 -43.73 2.87 -2.39
CA GLU F 186 -44.46 4.02 -1.87
C GLU F 186 -44.74 3.93 -0.38
N LYS F 187 -44.57 2.75 0.23
CA LYS F 187 -44.75 2.61 1.68
C LYS F 187 -43.61 3.22 2.49
N HIS F 188 -42.53 3.64 1.84
CA HIS F 188 -41.36 4.11 2.56
C HIS F 188 -40.90 5.45 2.02
N LYS F 189 -40.02 6.11 2.78
CA LYS F 189 -39.57 7.46 2.47
C LYS F 189 -38.10 7.53 2.09
N VAL F 190 -37.21 7.09 2.96
CA VAL F 190 -35.78 7.30 2.80
C VAL F 190 -35.16 6.07 2.14
N TYR F 191 -34.51 6.28 1.00
CA TYR F 191 -33.82 5.24 0.24
C TYR F 191 -32.34 5.62 0.17
N ALA F 192 -31.49 4.79 0.78
CA ALA F 192 -30.08 5.08 0.91
C ALA F 192 -29.25 3.88 0.50
N CYS F 193 -28.07 4.15 -0.05
CA CYS F 193 -27.04 3.13 -0.22
C CYS F 193 -25.80 3.58 0.54
N GLU F 194 -25.23 2.65 1.29
CA GLU F 194 -24.05 2.91 2.11
C GLU F 194 -22.85 2.21 1.49
N VAL F 195 -21.76 2.96 1.31
CA VAL F 195 -20.61 2.53 0.52
C VAL F 195 -19.37 2.54 1.40
N THR F 196 -18.65 1.42 1.42
CA THR F 196 -17.38 1.31 2.10
C THR F 196 -16.29 1.05 1.06
N HIS F 197 -15.24 1.87 1.09
CA HIS F 197 -14.13 1.72 0.16
C HIS F 197 -12.87 2.25 0.82
N GLN F 198 -11.73 1.68 0.42
CA GLN F 198 -10.45 2.01 1.04
C GLN F 198 -10.10 3.48 0.91
N GLY F 199 -10.53 4.12 -0.19
CA GLY F 199 -10.25 5.53 -0.38
C GLY F 199 -11.07 6.46 0.49
N LEU F 200 -12.01 5.93 1.26
CA LEU F 200 -12.88 6.72 2.13
C LEU F 200 -12.45 6.56 3.58
N SER F 201 -12.41 7.67 4.31
CA SER F 201 -12.05 7.61 5.72
C SER F 201 -13.14 6.95 6.56
N SER F 202 -14.38 6.91 6.06
CA SER F 202 -15.49 6.28 6.76
C SER F 202 -16.54 5.90 5.72
N PRO F 203 -17.42 4.95 6.05
CA PRO F 203 -18.53 4.65 5.13
C PRO F 203 -19.34 5.89 4.80
N VAL F 204 -19.89 5.90 3.59
CA VAL F 204 -20.61 7.05 3.05
C VAL F 204 -22.02 6.63 2.71
N THR F 205 -23.00 7.43 3.15
CA THR F 205 -24.41 7.22 2.83
C THR F 205 -24.84 8.26 1.80
N LYS F 206 -25.47 7.79 0.72
CA LYS F 206 -26.06 8.64 -0.30
C LYS F 206 -27.54 8.27 -0.39
N SER F 207 -28.41 9.25 -0.19
CA SER F 207 -29.82 8.95 0.01
C SER F 207 -30.70 9.99 -0.67
N PHE F 208 -31.96 9.63 -0.86
CA PHE F 208 -32.99 10.55 -1.30
C PHE F 208 -34.29 10.23 -0.59
N ASN F 209 -35.12 11.26 -0.42
CA ASN F 209 -36.48 11.10 0.10
C ASN F 209 -37.45 10.92 -1.06
N ARG F 210 -38.34 9.93 -0.94
CA ARG F 210 -39.29 9.63 -2.00
C ARG F 210 -40.26 10.78 -2.17
N GLY F 211 -40.44 11.22 -3.41
CA GLY F 211 -41.32 12.33 -3.71
C GLY F 211 -40.66 13.70 -3.66
N GLU F 212 -39.54 13.83 -2.96
CA GLU F 212 -38.83 15.10 -2.96
C GLU F 212 -38.20 15.34 -4.33
N CYS F 213 -38.16 16.61 -4.71
CA CYS F 213 -37.57 17.10 -5.96
C CYS F 213 -36.38 16.31 -6.49
N GLN G 1 43.38 1.16 -40.59
CA GLN G 1 43.51 0.89 -39.16
C GLN G 1 42.33 0.07 -38.65
N VAL G 2 42.43 -0.38 -37.40
CA VAL G 2 41.35 -1.16 -36.79
C VAL G 2 40.12 -0.28 -36.61
N GLN G 3 38.96 -0.77 -37.05
CA GLN G 3 37.72 -0.03 -36.98
C GLN G 3 36.58 -0.92 -36.52
N LEU G 4 35.88 -0.51 -35.46
CA LEU G 4 34.73 -1.24 -34.93
C LEU G 4 33.58 -0.26 -34.81
N VAL G 5 32.47 -0.55 -35.49
CA VAL G 5 31.29 0.31 -35.49
C VAL G 5 30.13 -0.47 -34.92
N GLU G 6 29.60 0.00 -33.79
CA GLU G 6 28.44 -0.63 -33.17
C GLU G 6 27.15 -0.09 -33.76
N SER G 7 26.09 -0.90 -33.63
CA SER G 7 24.78 -0.52 -34.12
C SER G 7 23.72 -1.30 -33.34
N GLY G 8 22.48 -0.82 -33.41
CA GLY G 8 21.36 -1.50 -32.80
C GLY G 8 20.82 -0.85 -31.54
N GLY G 9 21.56 0.08 -30.95
CA GLY G 9 21.08 0.74 -29.75
C GLY G 9 19.81 1.53 -30.01
N ASN G 10 18.88 1.46 -29.07
CA ASN G 10 17.57 2.07 -29.24
C ASN G 10 16.90 2.14 -27.88
N VAL G 11 15.69 2.67 -27.86
CA VAL G 11 14.86 2.61 -26.66
C VAL G 11 14.06 1.31 -26.72
N VAL G 12 14.15 0.52 -25.66
CA VAL G 12 13.49 -0.79 -25.62
C VAL G 12 12.77 -0.91 -24.28
N GLN G 13 11.53 -1.44 -24.32
CA GLN G 13 10.76 -1.62 -23.10
C GLN G 13 11.28 -2.78 -22.26
N PRO G 14 11.16 -2.68 -20.93
CA PRO G 14 11.60 -3.78 -20.06
C PRO G 14 10.83 -5.05 -20.36
N GLY G 15 11.55 -6.17 -20.33
CA GLY G 15 10.97 -7.45 -20.66
C GLY G 15 11.06 -7.83 -22.12
N ARG G 16 11.37 -6.87 -23.00
CA ARG G 16 11.52 -7.16 -24.41
C ARG G 16 13.00 -7.30 -24.78
N SER G 17 13.26 -7.46 -26.06
CA SER G 17 14.55 -7.91 -26.56
C SER G 17 15.16 -6.91 -27.53
N LEU G 18 16.49 -6.93 -27.60
CA LEU G 18 17.22 -6.08 -28.53
C LEU G 18 18.48 -6.82 -28.97
N ARG G 19 18.86 -6.66 -30.23
CA ARG G 19 20.07 -7.27 -30.78
C ARG G 19 21.02 -6.19 -31.26
N LEU G 20 22.25 -6.21 -30.78
CA LEU G 20 23.30 -5.29 -31.18
C LEU G 20 24.23 -5.94 -32.20
N SER G 21 24.99 -5.11 -32.91
CA SER G 21 25.95 -5.58 -33.90
CA SER G 21 25.94 -5.57 -33.91
C SER G 21 27.21 -4.73 -33.84
N CYS G 22 28.32 -5.32 -34.26
CA CYS G 22 29.63 -4.67 -34.28
C CYS G 22 30.36 -5.12 -35.54
N THR G 23 30.53 -4.21 -36.50
CA THR G 23 31.20 -4.51 -37.75
C THR G 23 32.68 -4.11 -37.64
N ALA G 24 33.55 -5.03 -38.02
CA ALA G 24 34.99 -4.85 -37.91
C ALA G 24 35.60 -4.56 -39.27
N SER G 25 36.65 -3.75 -39.27
CA SER G 25 37.43 -3.49 -40.48
C SER G 25 38.85 -3.15 -40.06
N GLY G 26 39.79 -3.39 -40.98
CA GLY G 26 41.18 -3.08 -40.74
C GLY G 26 42.00 -4.19 -40.14
N PHE G 27 41.40 -5.36 -39.88
CA PHE G 27 42.14 -6.52 -39.38
C PHE G 27 41.36 -7.77 -39.76
N THR G 28 42.02 -8.91 -39.62
CA THR G 28 41.40 -10.21 -39.91
C THR G 28 40.46 -10.57 -38.77
N PHE G 29 39.17 -10.31 -38.96
CA PHE G 29 38.20 -10.50 -37.89
C PHE G 29 38.18 -11.94 -37.40
N SER G 30 38.25 -12.90 -38.31
CA SER G 30 38.12 -14.32 -37.98
C SER G 30 39.31 -14.83 -37.17
N SER G 31 40.31 -13.98 -36.93
CA SER G 31 41.50 -14.38 -36.20
C SER G 31 41.49 -13.95 -34.74
N TYR G 32 40.46 -13.24 -34.28
CA TYR G 32 40.49 -12.67 -32.95
C TYR G 32 39.21 -12.94 -32.15
N GLY G 33 39.39 -13.16 -30.86
CA GLY G 33 38.27 -13.11 -29.96
C GLY G 33 37.77 -11.69 -29.79
N MET G 34 36.50 -11.56 -29.37
CA MET G 34 35.86 -10.26 -29.26
C MET G 34 35.13 -10.14 -27.92
N HIS G 35 35.07 -8.91 -27.39
CA HIS G 35 34.41 -8.61 -26.13
C HIS G 35 33.27 -7.61 -26.32
N TRP G 36 32.26 -7.71 -25.45
CA TRP G 36 31.25 -6.68 -25.29
C TRP G 36 31.42 -6.11 -23.89
N VAL G 37 31.54 -4.78 -23.79
CA VAL G 37 31.67 -4.08 -22.51
C VAL G 37 30.67 -2.94 -22.47
N ARG G 38 29.99 -2.76 -21.34
CA ARG G 38 29.00 -1.72 -21.19
C ARG G 38 29.43 -0.70 -20.14
N GLN G 39 28.91 0.52 -20.27
CA GLN G 39 29.28 1.61 -19.39
C GLN G 39 28.06 2.45 -19.03
N ALA G 40 27.94 2.76 -17.74
CA ALA G 40 26.88 3.61 -17.19
C ALA G 40 27.33 4.14 -15.84
N PRO G 41 26.79 5.27 -15.38
CA PRO G 41 27.22 5.83 -14.07
C PRO G 41 27.01 4.89 -12.90
N ASP G 42 25.92 4.11 -12.90
CA ASP G 42 25.69 3.20 -11.79
C ASP G 42 26.63 2.00 -11.82
N LYS G 43 27.27 1.73 -12.97
CA LYS G 43 28.04 0.51 -13.14
C LYS G 43 29.50 0.72 -13.50
N GLY G 44 29.91 1.95 -13.86
CA GLY G 44 31.24 2.16 -14.37
C GLY G 44 31.45 1.39 -15.67
N LEU G 45 32.66 0.90 -15.86
CA LEU G 45 32.98 0.01 -16.97
C LEU G 45 32.76 -1.43 -16.51
N GLU G 46 31.85 -2.15 -17.18
CA GLU G 46 31.49 -3.50 -16.77
C GLU G 46 31.62 -4.43 -17.96
N TRP G 47 32.48 -5.43 -17.84
CA TRP G 47 32.63 -6.45 -18.88
C TRP G 47 31.38 -7.31 -18.96
N VAL G 48 30.96 -7.62 -20.18
CA VAL G 48 29.71 -8.35 -20.45
C VAL G 48 29.99 -9.79 -20.91
N ALA G 49 30.74 -9.94 -21.99
CA ALA G 49 30.94 -11.28 -22.55
C ALA G 49 32.16 -11.28 -23.46
N ILE G 50 32.70 -12.48 -23.67
CA ILE G 50 33.79 -12.72 -24.61
C ILE G 50 33.45 -13.94 -25.45
N ILE G 51 33.89 -13.94 -26.71
CA ILE G 51 33.69 -15.06 -27.62
C ILE G 51 35.01 -15.35 -28.33
N TRP G 52 35.34 -16.64 -28.46
CA TRP G 52 36.55 -17.08 -29.11
C TRP G 52 36.50 -16.78 -30.61
N TYR G 53 37.66 -16.86 -31.26
CA TYR G 53 37.77 -16.48 -32.66
C TYR G 53 36.82 -17.27 -33.54
N ASP G 54 36.57 -18.53 -33.20
CA ASP G 54 35.77 -19.42 -34.01
C ASP G 54 34.32 -19.49 -33.56
N GLY G 55 33.95 -18.78 -32.50
CA GLY G 55 32.58 -18.75 -32.04
C GLY G 55 32.19 -19.85 -31.09
N GLY G 56 33.14 -20.67 -30.64
CA GLY G 56 32.79 -21.76 -29.77
C GLY G 56 32.80 -21.41 -28.29
N ASN G 57 33.96 -21.06 -27.75
CA ASN G 57 34.05 -20.76 -26.33
C ASN G 57 33.46 -19.39 -26.03
N LYS G 58 32.50 -19.35 -25.10
CA LYS G 58 31.81 -18.11 -24.72
C LYS G 58 31.73 -18.03 -23.21
N PHE G 59 32.03 -16.85 -22.66
CA PHE G 59 31.90 -16.60 -21.23
C PHE G 59 31.10 -15.33 -21.00
N TYR G 60 30.34 -15.29 -19.90
CA TYR G 60 29.45 -14.18 -19.59
C TYR G 60 29.63 -13.73 -18.15
N ALA G 61 29.25 -12.49 -17.90
CA ALA G 61 29.16 -11.99 -16.53
C ALA G 61 27.84 -12.45 -15.92
N ASP G 62 27.88 -12.74 -14.61
CA ASP G 62 26.69 -13.25 -13.92
C ASP G 62 25.48 -12.35 -14.08
N SER G 63 25.71 -11.02 -14.14
CA SER G 63 24.61 -10.08 -14.22
C SER G 63 23.78 -10.25 -15.48
N VAL G 64 24.31 -10.91 -16.51
CA VAL G 64 23.61 -11.10 -17.78
C VAL G 64 23.41 -12.56 -18.14
N LYS G 65 23.95 -13.49 -17.35
CA LYS G 65 23.86 -14.91 -17.67
C LYS G 65 22.40 -15.36 -17.71
N GLY G 66 22.07 -16.13 -18.74
CA GLY G 66 20.71 -16.57 -18.97
C GLY G 66 19.86 -15.65 -19.80
N ARG G 67 20.31 -14.42 -20.05
CA ARG G 67 19.57 -13.45 -20.85
C ARG G 67 20.32 -12.95 -22.06
N PHE G 68 21.64 -12.81 -22.00
CA PHE G 68 22.43 -12.30 -23.12
C PHE G 68 23.16 -13.47 -23.79
N THR G 69 23.23 -13.43 -25.12
CA THR G 69 23.93 -14.41 -25.92
C THR G 69 24.88 -13.69 -26.88
N ILE G 70 26.16 -14.03 -26.84
CA ILE G 70 27.16 -13.46 -27.73
C ILE G 70 27.40 -14.42 -28.89
N SER G 71 27.47 -13.88 -30.10
CA SER G 71 27.69 -14.69 -31.29
C SER G 71 28.41 -13.85 -32.33
N ARG G 72 28.84 -14.51 -33.40
CA ARG G 72 29.61 -13.83 -34.44
C ARG G 72 29.37 -14.52 -35.78
N ASP G 73 29.60 -13.77 -36.85
CA ASP G 73 29.53 -14.28 -38.22
C ASP G 73 30.83 -13.86 -38.89
N ASN G 74 31.78 -14.80 -38.99
CA ASN G 74 33.10 -14.47 -39.54
C ASN G 74 33.07 -14.21 -41.04
N SER G 75 32.05 -14.73 -41.75
CA SER G 75 31.93 -14.41 -43.17
C SER G 75 31.44 -12.98 -43.40
N LYS G 76 30.84 -12.35 -42.38
CA LYS G 76 30.39 -10.97 -42.47
C LYS G 76 31.23 -10.00 -41.64
N ASP G 77 32.22 -10.50 -40.90
CA ASP G 77 33.05 -9.67 -40.02
C ASP G 77 32.21 -8.91 -39.02
N THR G 78 31.18 -9.56 -38.48
CA THR G 78 30.23 -8.90 -37.60
C THR G 78 30.08 -9.68 -36.30
N LEU G 79 30.10 -8.96 -35.18
CA LEU G 79 29.84 -9.52 -33.87
C LEU G 79 28.44 -9.12 -33.42
N TYR G 80 27.75 -10.02 -32.72
CA TYR G 80 26.37 -9.80 -32.29
C TYR G 80 26.24 -9.99 -30.78
N LEU G 81 25.24 -9.32 -30.19
CA LEU G 81 24.86 -9.52 -28.80
C LEU G 81 23.34 -9.55 -28.72
N GLN G 82 22.77 -10.72 -28.44
CA GLN G 82 21.32 -10.90 -28.30
C GLN G 82 20.94 -10.70 -26.84
N MET G 83 20.18 -9.65 -26.54
CA MET G 83 19.78 -9.29 -25.18
C MET G 83 18.29 -9.56 -25.01
N ASN G 84 17.94 -10.51 -24.15
CA ASN G 84 16.53 -10.81 -23.94
C ASN G 84 16.13 -10.45 -22.51
N SER G 85 14.84 -10.16 -22.34
CA SER G 85 14.25 -9.82 -21.04
C SER G 85 15.03 -8.70 -20.36
N LEU G 86 15.23 -7.61 -21.10
CA LEU G 86 16.04 -6.50 -20.65
C LEU G 86 15.44 -5.85 -19.41
N ARG G 87 16.32 -5.35 -18.55
CA ARG G 87 15.95 -4.71 -17.31
C ARG G 87 16.39 -3.26 -17.36
N ALA G 88 15.82 -2.45 -16.45
CA ALA G 88 16.19 -1.04 -16.38
C ALA G 88 17.68 -0.88 -16.10
N GLU G 89 18.25 -1.78 -15.29
CA GLU G 89 19.67 -1.73 -14.97
C GLU G 89 20.55 -2.14 -16.16
N ASP G 90 19.96 -2.58 -17.27
CA ASP G 90 20.73 -2.87 -18.48
C ASP G 90 20.96 -1.62 -19.33
N THR G 91 20.37 -0.49 -18.95
CA THR G 91 20.58 0.77 -19.65
C THR G 91 22.05 1.17 -19.53
N ALA G 92 22.71 1.32 -20.67
CA ALA G 92 24.12 1.69 -20.70
C ALA G 92 24.55 1.96 -22.13
N VAL G 93 25.76 2.47 -22.27
CA VAL G 93 26.42 2.52 -23.56
C VAL G 93 27.17 1.18 -23.71
N TYR G 94 26.94 0.50 -24.82
CA TYR G 94 27.52 -0.82 -25.05
C TYR G 94 28.65 -0.71 -26.07
N TYR G 95 29.85 -1.11 -25.66
CA TYR G 95 31.02 -1.10 -26.52
C TYR G 95 31.38 -2.51 -26.97
N CYS G 96 32.02 -2.58 -28.13
CA CYS G 96 32.61 -3.82 -28.60
CA CYS G 96 32.60 -3.80 -28.66
C CYS G 96 34.12 -3.64 -28.70
N ALA G 97 34.85 -4.71 -28.35
CA ALA G 97 36.29 -4.62 -28.24
C ALA G 97 36.96 -5.87 -28.81
N LYS G 98 38.10 -5.66 -29.44
CA LYS G 98 38.90 -6.75 -29.98
C LYS G 98 39.89 -7.23 -28.93
N ALA G 99 40.04 -8.55 -28.83
CA ALA G 99 41.08 -9.08 -27.96
C ALA G 99 42.45 -8.69 -28.51
N TRP G 100 43.38 -8.35 -27.63
CA TRP G 100 44.70 -7.96 -28.11
C TRP G 100 45.51 -9.21 -28.45
N TYR G 101 46.70 -9.00 -29.03
CA TYR G 101 47.55 -10.13 -29.36
C TYR G 101 48.95 -9.85 -28.85
N LYS G 102 49.02 -9.71 -27.55
CA LYS G 102 50.29 -9.62 -26.85
C LYS G 102 50.49 -10.96 -26.16
N ILE G 103 51.54 -11.66 -26.59
CA ILE G 103 51.70 -13.07 -26.27
C ILE G 103 52.14 -13.22 -24.82
N ASP G 104 51.30 -13.87 -24.03
CA ASP G 104 51.56 -14.12 -22.63
C ASP G 104 50.52 -15.13 -22.16
N ASP G 105 50.52 -15.41 -20.85
CA ASP G 105 49.61 -16.39 -20.30
C ASP G 105 48.17 -15.89 -20.22
N LYS G 106 47.96 -14.59 -20.02
CA LYS G 106 46.63 -14.01 -19.84
C LYS G 106 46.41 -12.92 -20.87
N TYR G 107 45.16 -12.75 -21.30
CA TYR G 107 44.82 -11.84 -22.39
C TYR G 107 43.71 -10.87 -22.01
N SER G 108 43.71 -9.73 -22.69
CA SER G 108 42.67 -8.71 -22.51
C SER G 108 42.27 -8.16 -23.88
N MET G 109 41.70 -6.94 -23.90
CA MET G 109 41.24 -6.26 -25.10
C MET G 109 42.06 -5.01 -25.37
N ASP G 110 42.23 -4.65 -26.65
CA ASP G 110 42.97 -3.44 -26.99
C ASP G 110 42.11 -2.37 -27.66
N VAL G 111 41.48 -2.65 -28.79
CA VAL G 111 40.75 -1.63 -29.54
C VAL G 111 39.26 -1.75 -29.26
N TRP G 112 38.62 -0.62 -28.98
CA TRP G 112 37.20 -0.51 -28.69
C TRP G 112 36.49 0.22 -29.81
N GLY G 113 35.20 -0.05 -29.99
CA GLY G 113 34.37 0.72 -30.89
C GLY G 113 33.91 1.99 -30.21
N GLN G 114 33.12 2.79 -30.95
CA GLN G 114 32.69 4.06 -30.39
CA GLN G 114 32.67 4.07 -30.42
C GLN G 114 31.45 3.93 -29.50
N GLY G 115 30.78 2.79 -29.53
CA GLY G 115 29.69 2.58 -28.60
C GLY G 115 28.32 2.80 -29.21
N THR G 116 27.36 2.03 -28.73
CA THR G 116 25.95 2.20 -29.06
C THR G 116 25.16 2.24 -27.76
N THR G 117 24.15 3.11 -27.71
CA THR G 117 23.42 3.42 -26.48
C THR G 117 22.11 2.64 -26.40
N VAL G 118 21.93 1.92 -25.31
CA VAL G 118 20.72 1.16 -25.03
C VAL G 118 19.99 1.80 -23.86
N THR G 119 18.73 2.16 -24.07
CA THR G 119 17.90 2.78 -23.03
C THR G 119 16.70 1.89 -22.79
N VAL G 120 16.58 1.35 -21.58
CA VAL G 120 15.49 0.45 -21.23
C VAL G 120 14.47 1.22 -20.41
N SER G 121 13.29 1.45 -20.99
CA SER G 121 12.25 2.22 -20.33
C SER G 121 10.91 1.92 -20.98
N SER G 122 9.84 2.07 -20.19
CA SER G 122 8.48 1.92 -20.68
C SER G 122 7.85 3.27 -21.04
N ALA G 123 8.60 4.35 -20.95
CA ALA G 123 8.04 5.67 -21.19
C ALA G 123 7.79 5.89 -22.68
N SER G 124 6.75 6.67 -22.98
CA SER G 124 6.43 6.98 -24.35
C SER G 124 7.16 8.26 -24.78
N THR G 125 7.42 8.36 -26.07
CA THR G 125 8.06 9.54 -26.62
C THR G 125 7.18 10.76 -26.38
N LYS G 126 7.73 11.78 -25.73
CA LYS G 126 6.98 12.97 -25.35
C LYS G 126 7.83 14.21 -25.48
N GLY G 127 7.27 15.28 -26.06
CA GLY G 127 7.96 16.54 -26.16
C GLY G 127 7.98 17.30 -24.84
N PRO G 128 8.96 18.17 -24.68
CA PRO G 128 9.12 18.89 -23.41
C PRO G 128 8.23 20.11 -23.26
N SER G 129 7.95 20.44 -22.01
CA SER G 129 7.35 21.71 -21.61
C SER G 129 8.46 22.64 -21.17
N VAL G 130 8.45 23.87 -21.67
CA VAL G 130 9.51 24.85 -21.41
C VAL G 130 8.93 25.99 -20.59
N PHE G 131 9.51 26.22 -19.40
CA PHE G 131 9.09 27.27 -18.48
C PHE G 131 10.24 28.24 -18.22
N PRO G 132 9.95 29.53 -18.04
CA PRO G 132 11.02 30.51 -17.84
C PRO G 132 11.57 30.52 -16.42
N LEU G 133 12.87 30.80 -16.33
CA LEU G 133 13.55 31.10 -15.08
C LEU G 133 13.86 32.60 -15.10
N ALA G 134 12.89 33.39 -14.67
CA ALA G 134 12.95 34.83 -14.84
C ALA G 134 14.07 35.45 -14.01
N PRO G 135 14.74 36.47 -14.54
CA PRO G 135 15.69 37.22 -13.72
C PRO G 135 14.95 38.01 -12.65
N SER G 136 15.57 38.13 -11.48
CA SER G 136 14.95 38.84 -10.37
C SER G 136 16.06 39.33 -9.44
N SER G 137 15.65 40.06 -8.40
CA SER G 137 16.59 40.48 -7.37
C SER G 137 17.23 39.29 -6.65
N LYS G 138 16.64 38.11 -6.75
CA LYS G 138 17.19 36.90 -6.16
C LYS G 138 18.04 36.10 -7.15
N SER G 139 18.24 36.59 -8.38
CA SER G 139 19.12 35.94 -9.33
C SER G 139 20.25 36.87 -9.77
N THR G 140 20.52 37.92 -9.01
CA THR G 140 21.43 38.96 -9.43
C THR G 140 22.63 39.05 -8.50
N SER G 141 23.73 39.53 -9.07
CA SER G 141 24.93 39.88 -8.35
C SER G 141 25.47 41.16 -8.97
N GLY G 142 26.55 41.68 -8.40
CA GLY G 142 27.19 42.88 -8.90
C GLY G 142 27.44 42.90 -10.40
N GLY G 143 26.60 43.61 -11.14
CA GLY G 143 26.75 43.79 -12.57
C GLY G 143 26.28 42.62 -13.42
N THR G 144 25.79 41.55 -12.80
CA THR G 144 25.35 40.35 -13.50
C THR G 144 23.93 39.98 -13.11
N ALA G 145 23.18 39.45 -14.07
CA ALA G 145 21.86 38.87 -13.85
C ALA G 145 21.86 37.44 -14.38
N ALA G 146 21.19 36.53 -13.67
CA ALA G 146 21.06 35.14 -14.10
C ALA G 146 19.62 34.84 -14.51
N LEU G 147 19.47 34.10 -15.61
CA LEU G 147 18.15 33.71 -16.09
C LEU G 147 18.27 32.38 -16.84
N GLY G 148 17.14 31.76 -17.12
CA GLY G 148 17.21 30.48 -17.78
C GLY G 148 15.84 29.94 -18.16
N CYS G 149 15.84 28.67 -18.55
CA CYS G 149 14.65 27.96 -18.99
C CYS G 149 14.63 26.57 -18.38
N LEU G 150 13.45 26.15 -17.94
CA LEU G 150 13.25 24.80 -17.39
C LEU G 150 12.61 23.94 -18.47
N VAL G 151 13.32 22.88 -18.86
CA VAL G 151 12.87 21.94 -19.89
C VAL G 151 12.43 20.67 -19.18
N LYS G 152 11.12 20.44 -19.08
CA LYS G 152 10.62 19.40 -18.20
C LYS G 152 9.77 18.38 -18.92
N ASP G 153 9.82 17.13 -18.43
CA ASP G 153 8.93 16.04 -18.84
C ASP G 153 9.01 15.71 -20.34
N TYR G 154 10.20 15.39 -20.80
CA TYR G 154 10.39 14.90 -22.17
C TYR G 154 11.01 13.51 -22.17
N PHE G 155 10.67 12.72 -23.19
CA PHE G 155 11.28 11.41 -23.42
C PHE G 155 11.32 11.16 -24.92
N PRO G 156 12.40 10.57 -25.45
CA PRO G 156 13.65 10.30 -24.74
C PRO G 156 14.68 11.40 -24.91
N GLU G 157 15.92 11.11 -24.52
CA GLU G 157 17.02 12.02 -24.78
C GLU G 157 17.35 11.99 -26.27
N PRO G 158 17.98 13.05 -26.79
CA PRO G 158 18.43 14.29 -26.14
C PRO G 158 17.58 15.50 -26.49
N VAL G 159 17.88 16.62 -25.86
CA VAL G 159 17.37 17.92 -26.28
C VAL G 159 18.56 18.84 -26.45
N THR G 160 18.40 19.84 -27.31
CA THR G 160 19.40 20.88 -27.52
C THR G 160 18.86 22.23 -27.08
N VAL G 161 19.71 23.02 -26.43
CA VAL G 161 19.35 24.35 -25.96
C VAL G 161 20.33 25.36 -26.53
N SER G 162 19.81 26.43 -27.12
CA SER G 162 20.60 27.59 -27.50
C SER G 162 19.90 28.84 -26.99
N TRP G 163 20.62 29.95 -27.00
CA TRP G 163 20.10 31.22 -26.52
C TRP G 163 20.15 32.24 -27.66
N ASN G 164 19.01 32.88 -27.92
CA ASN G 164 18.88 33.88 -28.97
C ASN G 164 19.34 33.32 -30.33
N SER G 165 18.91 32.08 -30.62
CA SER G 165 19.17 31.40 -31.89
C SER G 165 20.67 31.29 -32.16
N GLY G 166 21.46 31.11 -31.10
CA GLY G 166 22.89 30.93 -31.24
C GLY G 166 23.70 32.19 -31.08
N ALA G 167 23.06 33.36 -30.99
CA ALA G 167 23.80 34.61 -30.83
C ALA G 167 24.44 34.72 -29.44
N LEU G 168 23.86 34.09 -28.44
CA LEU G 168 24.36 34.14 -27.07
C LEU G 168 24.96 32.79 -26.67
N THR G 169 26.27 32.77 -26.40
CA THR G 169 26.96 31.54 -26.06
C THR G 169 27.74 31.71 -24.76
N SER G 170 28.20 32.92 -24.49
CA SER G 170 28.97 33.18 -23.29
C SER G 170 28.08 33.13 -22.05
N GLY G 171 28.59 32.51 -20.98
CA GLY G 171 27.87 32.44 -19.72
C GLY G 171 26.77 31.41 -19.66
N VAL G 172 26.58 30.63 -20.72
CA VAL G 172 25.53 29.63 -20.76
C VAL G 172 26.01 28.37 -20.05
N HIS G 173 25.16 27.81 -19.20
CA HIS G 173 25.39 26.52 -18.57
C HIS G 173 24.14 25.70 -18.78
N THR G 174 24.22 24.72 -19.67
CA THR G 174 23.13 23.80 -19.91
C THR G 174 23.45 22.51 -19.14
N PHE G 175 22.65 22.24 -18.12
CA PHE G 175 22.92 21.12 -17.23
C PHE G 175 22.52 19.79 -17.88
N PRO G 176 23.22 18.71 -17.55
CA PRO G 176 22.79 17.38 -18.00
C PRO G 176 21.42 17.04 -17.46
N ALA G 177 20.67 16.29 -18.25
CA ALA G 177 19.32 15.92 -17.85
C ALA G 177 19.37 14.98 -16.66
N VAL G 178 18.33 15.04 -15.83
CA VAL G 178 18.13 14.08 -14.75
C VAL G 178 16.92 13.23 -15.09
N LEU G 179 16.95 11.99 -14.65
CA LEU G 179 15.82 11.08 -14.85
C LEU G 179 14.90 11.18 -13.63
N GLN G 180 13.67 11.62 -13.88
CA GLN G 180 12.71 11.78 -12.80
C GLN G 180 12.03 10.44 -12.51
N SER G 181 11.40 10.35 -11.34
CA SER G 181 10.73 9.11 -10.94
C SER G 181 9.57 8.76 -11.86
N SER G 182 9.03 9.74 -12.60
CA SER G 182 7.99 9.46 -13.58
C SER G 182 8.51 8.75 -14.82
N GLY G 183 9.82 8.61 -14.96
CA GLY G 183 10.40 8.05 -16.17
C GLY G 183 10.72 9.07 -17.24
N LEU G 184 10.40 10.34 -17.02
CA LEU G 184 10.66 11.43 -17.95
C LEU G 184 11.89 12.23 -17.53
N TYR G 185 12.58 12.77 -18.52
CA TYR G 185 13.77 13.59 -18.29
C TYR G 185 13.40 15.06 -18.10
N SER G 186 14.30 15.78 -17.43
CA SER G 186 14.17 17.22 -17.25
C SER G 186 15.56 17.82 -17.08
N LEU G 187 15.75 19.04 -17.59
CA LEU G 187 17.00 19.76 -17.37
C LEU G 187 16.71 21.25 -17.37
N SER G 188 17.73 22.03 -17.02
CA SER G 188 17.64 23.48 -17.06
C SER G 188 18.90 24.04 -17.71
N SER G 189 18.73 25.14 -18.43
CA SER G 189 19.81 25.88 -19.04
C SER G 189 19.75 27.31 -18.53
N VAL G 190 20.86 27.79 -17.98
CA VAL G 190 20.93 29.12 -17.40
C VAL G 190 22.04 29.89 -18.10
N VAL G 191 21.98 31.21 -17.96
CA VAL G 191 22.99 32.08 -18.53
C VAL G 191 23.10 33.32 -17.66
N THR G 192 24.32 33.82 -17.54
CA THR G 192 24.61 35.06 -16.81
C THR G 192 24.76 36.17 -17.82
N VAL G 193 23.98 37.23 -17.66
CA VAL G 193 23.92 38.32 -18.64
C VAL G 193 24.23 39.61 -17.90
N PRO G 194 24.68 40.64 -18.63
CA PRO G 194 24.99 41.93 -17.98
C PRO G 194 23.75 42.55 -17.34
N SER G 195 23.94 43.07 -16.13
CA SER G 195 22.85 43.72 -15.42
CA SER G 195 22.84 43.71 -15.44
C SER G 195 22.38 44.97 -16.15
N SER G 196 23.28 45.65 -16.86
CA SER G 196 22.93 46.88 -17.56
C SER G 196 21.96 46.66 -18.71
N SER G 197 21.81 45.43 -19.20
CA SER G 197 20.94 45.12 -20.32
C SER G 197 19.65 44.42 -19.92
N LEU G 198 19.35 44.29 -18.62
CA LEU G 198 18.27 43.40 -18.19
C LEU G 198 16.92 43.74 -18.82
N GLY G 199 16.54 45.02 -18.83
CA GLY G 199 15.24 45.34 -19.35
C GLY G 199 15.17 45.43 -20.87
N THR G 200 16.26 45.85 -21.52
CA THR G 200 16.17 46.18 -22.94
C THR G 200 16.51 45.00 -23.84
N GLN G 201 17.43 44.15 -23.44
CA GLN G 201 17.86 43.06 -24.31
C GLN G 201 16.91 41.89 -24.14
N THR G 202 16.40 41.41 -25.27
CA THR G 202 15.50 40.27 -25.27
C THR G 202 16.29 38.99 -25.18
N TYR G 203 15.80 38.05 -24.36
CA TYR G 203 16.43 36.75 -24.18
C TYR G 203 15.40 35.66 -24.43
N ILE G 204 15.68 34.79 -25.39
CA ILE G 204 14.80 33.70 -25.79
C ILE G 204 15.62 32.41 -25.81
N CYS G 205 15.07 31.35 -25.22
CA CYS G 205 15.72 30.04 -25.27
C CYS G 205 15.05 29.19 -26.34
N ASN G 206 15.87 28.50 -27.12
CA ASN G 206 15.40 27.71 -28.26
C ASN G 206 15.69 26.25 -27.94
N VAL G 207 14.63 25.48 -27.70
CA VAL G 207 14.72 24.08 -27.29
C VAL G 207 14.23 23.22 -28.44
N ASN G 208 15.03 22.22 -28.81
CA ASN G 208 14.66 21.29 -29.87
C ASN G 208 14.66 19.86 -29.33
N HIS G 209 13.56 19.14 -29.54
CA HIS G 209 13.44 17.72 -29.22
C HIS G 209 13.08 16.98 -30.49
N LYS G 210 14.08 16.44 -31.17
CA LYS G 210 13.85 15.82 -32.49
C LYS G 210 12.92 14.61 -32.46
N PRO G 211 12.97 13.69 -31.47
CA PRO G 211 12.05 12.53 -31.50
C PRO G 211 10.58 12.89 -31.50
N SER G 212 10.19 13.99 -30.85
CA SER G 212 8.81 14.42 -30.83
C SER G 212 8.51 15.47 -31.90
N ASN G 213 9.50 15.86 -32.69
CA ASN G 213 9.36 16.91 -33.70
C ASN G 213 8.86 18.21 -33.08
N THR G 214 9.44 18.55 -31.93
CA THR G 214 9.02 19.70 -31.13
C THR G 214 10.16 20.70 -31.01
N LYS G 215 9.94 21.92 -31.47
CA LYS G 215 10.83 23.05 -31.24
C LYS G 215 10.05 24.14 -30.52
N VAL G 216 10.62 24.68 -29.44
CA VAL G 216 9.96 25.67 -28.60
C VAL G 216 10.89 26.86 -28.41
N ASP G 217 10.35 28.06 -28.62
CA ASP G 217 11.03 29.29 -28.29
C ASP G 217 10.27 29.94 -27.13
N LYS G 218 11.00 30.31 -26.07
CA LYS G 218 10.38 30.90 -24.88
C LYS G 218 11.14 32.16 -24.48
N LYS G 219 10.48 33.31 -24.56
CA LYS G 219 11.08 34.56 -24.14
C LYS G 219 11.13 34.63 -22.62
N VAL G 220 12.29 34.95 -22.07
CA VAL G 220 12.49 35.03 -20.62
C VAL G 220 12.60 36.51 -20.25
N GLU G 221 11.52 37.07 -19.68
CA GLU G 221 11.28 38.43 -19.20
C GLU G 221 11.38 38.52 -17.68
N PRO G 222 11.82 39.67 -17.16
CA PRO G 222 11.83 39.88 -15.71
C PRO G 222 10.42 39.92 -15.17
N LYS G 223 10.26 39.49 -13.92
CA LYS G 223 8.92 39.34 -13.37
C LYS G 223 8.30 40.70 -13.09
N SER G 224 7.01 40.80 -13.40
CA SER G 224 6.24 42.01 -13.19
C SER G 224 5.48 41.86 -11.88
N CYS G 225 5.74 42.77 -10.95
CA CYS G 225 5.09 42.76 -9.64
C CYS G 225 3.78 43.55 -9.68
N ASP H 1 35.38 -13.09 -7.16
CA ASP H 1 35.51 -11.93 -8.04
C ASP H 1 36.50 -10.90 -7.48
N ILE H 2 37.33 -10.37 -8.36
CA ILE H 2 38.34 -9.38 -7.98
C ILE H 2 37.77 -7.97 -8.09
N GLN H 3 37.84 -7.22 -7.01
CA GLN H 3 37.40 -5.83 -6.98
CA GLN H 3 37.40 -5.83 -6.98
C GLN H 3 38.61 -4.91 -7.14
N MET H 4 38.49 -3.91 -8.00
CA MET H 4 39.55 -2.93 -8.24
C MET H 4 39.11 -1.56 -7.74
N THR H 5 39.96 -0.95 -6.92
CA THR H 5 39.67 0.36 -6.34
C THR H 5 40.82 1.32 -6.65
N GLN H 6 40.48 2.52 -7.10
CA GLN H 6 41.45 3.53 -7.46
C GLN H 6 41.41 4.69 -6.48
N SER H 7 42.53 5.38 -6.34
CA SER H 7 42.63 6.53 -5.47
C SER H 7 43.59 7.51 -6.13
N PRO H 8 43.23 8.79 -6.22
CA PRO H 8 41.94 9.26 -5.73
C PRO H 8 40.85 9.11 -6.79
N SER H 9 39.61 9.46 -6.45
CA SER H 9 38.55 9.47 -7.46
C SER H 9 38.67 10.67 -8.37
N THR H 10 39.11 11.81 -7.82
CA THR H 10 39.32 13.03 -8.58
C THR H 10 40.71 13.56 -8.24
N LEU H 11 41.55 13.70 -9.25
CA LEU H 11 42.92 14.21 -9.07
C LEU H 11 42.96 15.62 -9.65
N SER H 12 43.32 16.58 -8.81
CA SER H 12 43.40 17.98 -9.22
C SER H 12 44.86 18.32 -9.49
N ALA H 13 45.14 18.81 -10.69
CA ALA H 13 46.52 19.06 -11.10
C ALA H 13 46.54 20.17 -12.14
N SER H 14 47.74 20.64 -12.43
CA SER H 14 47.98 21.69 -13.40
C SER H 14 48.79 21.14 -14.57
N VAL H 15 48.67 21.83 -15.71
CA VAL H 15 49.44 21.46 -16.89
C VAL H 15 50.93 21.51 -16.56
N GLY H 16 51.64 20.43 -16.87
CA GLY H 16 53.07 20.33 -16.63
C GLY H 16 53.44 19.50 -15.42
N ASP H 17 52.48 19.21 -14.54
CA ASP H 17 52.75 18.47 -13.32
C ASP H 17 52.99 16.99 -13.61
N ARG H 18 53.77 16.36 -12.74
CA ARG H 18 53.92 14.92 -12.73
C ARG H 18 52.94 14.39 -11.69
N VAL H 19 52.00 13.56 -12.11
CA VAL H 19 50.96 13.04 -11.22
C VAL H 19 50.95 11.53 -11.28
N THR H 20 50.42 10.92 -10.23
CA THR H 20 50.40 9.46 -10.08
C THR H 20 49.02 9.03 -9.62
N ILE H 21 48.49 8.00 -10.26
CA ILE H 21 47.22 7.39 -9.89
C ILE H 21 47.52 6.00 -9.35
N THR H 22 46.80 5.62 -8.29
CA THR H 22 47.01 4.34 -7.62
C THR H 22 45.81 3.44 -7.84
N CYS H 23 46.10 2.15 -8.06
CA CYS H 23 45.08 1.12 -8.25
C CYS H 23 45.41 -0.06 -7.34
N ARG H 24 44.42 -0.51 -6.56
CA ARG H 24 44.61 -1.63 -5.65
C ARG H 24 43.58 -2.72 -5.94
N ALA H 25 44.01 -3.97 -5.85
CA ALA H 25 43.18 -5.13 -6.14
C ALA H 25 42.85 -5.89 -4.85
N SER H 26 41.63 -6.46 -4.82
CA SER H 26 41.17 -7.20 -3.65
C SER H 26 41.98 -8.47 -3.39
N GLN H 27 42.58 -9.05 -4.42
CA GLN H 27 43.49 -10.16 -4.25
C GLN H 27 44.59 -10.02 -5.28
N SER H 28 45.63 -10.84 -5.13
CA SER H 28 46.79 -10.75 -6.00
C SER H 28 46.40 -11.09 -7.45
N ILE H 29 46.79 -10.21 -8.37
CA ILE H 29 46.58 -10.40 -9.80
C ILE H 29 47.90 -10.45 -10.54
N SER H 30 49.01 -10.59 -9.81
CA SER H 30 50.37 -10.62 -10.35
C SER H 30 50.58 -9.32 -11.12
N SER H 31 50.93 -9.34 -12.40
CA SER H 31 51.09 -8.13 -13.18
C SER H 31 50.04 -8.00 -14.29
N TRP H 32 48.95 -8.77 -14.20
CA TRP H 32 47.89 -8.73 -15.22
C TRP H 32 46.97 -7.53 -14.98
N LEU H 33 47.53 -6.34 -15.22
CA LEU H 33 46.84 -5.08 -14.98
C LEU H 33 47.01 -4.18 -16.20
N ALA H 34 45.91 -3.60 -16.68
CA ALA H 34 45.93 -2.70 -17.84
C ALA H 34 45.35 -1.35 -17.46
N TRP H 35 45.84 -0.30 -18.14
CA TRP H 35 45.33 1.05 -17.96
C TRP H 35 44.71 1.56 -19.26
N TYR H 36 43.53 2.16 -19.16
CA TYR H 36 42.86 2.76 -20.30
C TYR H 36 42.57 4.22 -20.00
N GLN H 37 42.42 4.99 -21.07
CA GLN H 37 42.11 6.41 -20.97
C GLN H 37 40.80 6.64 -21.71
N GLN H 38 39.88 7.38 -21.09
CA GLN H 38 38.63 7.74 -21.74
C GLN H 38 38.41 9.24 -21.59
N LYS H 39 38.21 9.88 -22.66
CA LYS H 39 37.85 11.28 -22.71
C LYS H 39 36.35 11.39 -22.91
N PRO H 40 35.73 12.46 -22.40
CA PRO H 40 34.27 12.52 -22.35
C PRO H 40 33.61 12.30 -23.69
N GLY H 41 32.60 11.43 -23.70
CA GLY H 41 31.85 11.14 -24.91
C GLY H 41 32.54 10.24 -25.91
N LYS H 42 33.66 9.62 -25.52
CA LYS H 42 34.47 8.83 -26.43
C LYS H 42 34.70 7.45 -25.83
N ALA H 43 35.39 6.61 -26.58
CA ALA H 43 35.66 5.24 -26.18
C ALA H 43 36.99 5.14 -25.43
N PRO H 44 37.14 4.15 -24.54
CA PRO H 44 38.43 3.95 -23.88
C PRO H 44 39.54 3.59 -24.86
N LYS H 45 40.76 3.95 -24.49
CA LYS H 45 41.96 3.71 -25.31
C LYS H 45 43.05 3.14 -24.42
N LEU H 46 43.67 2.05 -24.88
CA LEU H 46 44.67 1.33 -24.10
C LEU H 46 45.98 2.12 -24.01
N LEU H 47 46.54 2.20 -22.81
CA LEU H 47 47.80 2.89 -22.56
C LEU H 47 48.93 1.96 -22.16
N ILE H 48 48.70 1.08 -21.19
CA ILE H 48 49.73 0.24 -20.60
C ILE H 48 49.20 -1.17 -20.38
N TYR H 49 50.04 -2.17 -20.66
CA TYR H 49 49.70 -3.56 -20.46
C TYR H 49 50.74 -4.24 -19.58
N LYS H 50 50.30 -5.29 -18.88
CA LYS H 50 51.16 -6.05 -17.98
C LYS H 50 51.88 -5.14 -16.99
N ALA H 51 51.12 -4.17 -16.47
CA ALA H 51 51.56 -3.23 -15.45
C ALA H 51 52.54 -2.16 -15.92
N SER H 52 53.58 -2.53 -16.68
CA SER H 52 54.65 -1.59 -16.99
C SER H 52 54.93 -1.41 -18.47
N SER H 53 54.33 -2.21 -19.35
CA SER H 53 54.63 -2.18 -20.78
C SER H 53 53.68 -1.24 -21.51
N LEU H 54 54.24 -0.28 -22.25
CA LEU H 54 53.45 0.70 -22.97
C LEU H 54 52.94 0.18 -24.31
N GLU H 55 51.69 0.50 -24.62
CA GLU H 55 51.13 0.20 -25.92
C GLU H 55 51.78 1.07 -26.99
N SER H 56 51.93 0.49 -28.18
CA SER H 56 52.51 1.22 -29.32
C SER H 56 51.69 2.46 -29.62
N GLY H 57 52.38 3.59 -29.81
CA GLY H 57 51.72 4.85 -30.06
C GLY H 57 51.45 5.70 -28.83
N VAL H 58 51.79 5.21 -27.63
CA VAL H 58 51.56 5.95 -26.39
C VAL H 58 52.79 6.78 -26.05
N PRO H 59 52.63 8.07 -25.76
CA PRO H 59 53.79 8.92 -25.48
C PRO H 59 54.55 8.46 -24.24
N SER H 60 55.84 8.85 -24.20
CA SER H 60 56.73 8.38 -23.15
C SER H 60 56.47 9.02 -21.79
N ARG H 61 55.55 9.99 -21.70
CA ARG H 61 55.21 10.56 -20.40
C ARG H 61 54.37 9.59 -19.57
N PHE H 62 53.73 8.63 -20.22
CA PHE H 62 52.91 7.64 -19.52
C PHE H 62 53.78 6.46 -19.07
N SER H 63 53.72 6.15 -17.78
CA SER H 63 54.40 5.00 -17.24
C SER H 63 53.52 4.28 -16.23
N GLY H 64 53.67 2.97 -16.15
CA GLY H 64 52.90 2.17 -15.21
C GLY H 64 53.83 1.30 -14.38
N SER H 65 53.42 1.04 -13.14
CA SER H 65 54.23 0.23 -12.26
C SER H 65 53.34 -0.51 -11.27
N GLY H 66 53.88 -1.60 -10.73
CA GLY H 66 53.17 -2.36 -9.70
C GLY H 66 53.08 -3.84 -9.98
N SER H 67 52.89 -4.61 -8.91
CA SER H 67 52.70 -6.05 -8.98
C SER H 67 51.94 -6.49 -7.73
N GLY H 68 51.32 -7.66 -7.82
CA GLY H 68 50.54 -8.17 -6.71
C GLY H 68 49.23 -7.44 -6.53
N THR H 69 49.13 -6.62 -5.48
CA THR H 69 47.88 -5.93 -5.14
C THR H 69 47.94 -4.43 -5.32
N GLU H 70 49.08 -3.84 -5.66
CA GLU H 70 49.21 -2.40 -5.74
C GLU H 70 49.86 -2.03 -7.07
N PHE H 71 49.24 -1.08 -7.77
CA PHE H 71 49.68 -0.68 -9.10
C PHE H 71 49.56 0.83 -9.21
N THR H 72 50.39 1.44 -10.06
CA THR H 72 50.37 2.88 -10.22
C THR H 72 50.51 3.27 -11.69
N LEU H 73 49.82 4.34 -12.06
CA LEU H 73 49.95 4.98 -13.36
C LEU H 73 50.47 6.39 -13.14
N THR H 74 51.56 6.72 -13.83
CA THR H 74 52.22 8.01 -13.66
C THR H 74 52.31 8.73 -14.99
N ILE H 75 51.79 9.96 -15.04
CA ILE H 75 51.92 10.82 -16.20
C ILE H 75 52.89 11.93 -15.82
N SER H 76 54.07 11.94 -16.46
CA SER H 76 55.11 12.92 -16.13
C SER H 76 55.04 14.05 -17.14
N GLY H 77 54.53 15.20 -16.71
CA GLY H 77 54.33 16.32 -17.60
C GLY H 77 52.96 16.29 -18.25
N LEU H 78 51.96 16.62 -17.45
CA LEU H 78 50.56 16.60 -17.86
C LEU H 78 50.32 17.55 -19.04
N GLN H 79 49.60 17.06 -20.04
CA GLN H 79 49.26 17.89 -21.20
C GLN H 79 47.77 18.25 -21.15
N PRO H 80 47.36 19.35 -21.79
CA PRO H 80 45.92 19.67 -21.82
C PRO H 80 45.04 18.52 -22.26
N ASP H 81 45.53 17.66 -23.17
CA ASP H 81 44.79 16.49 -23.61
CA ASP H 81 44.74 16.51 -23.58
C ASP H 81 44.79 15.36 -22.59
N ASP H 82 45.62 15.45 -21.54
CA ASP H 82 45.70 14.38 -20.55
C ASP H 82 44.67 14.51 -19.44
N PHE H 83 43.94 15.63 -19.38
CA PHE H 83 42.93 15.78 -18.35
C PHE H 83 41.71 14.98 -18.81
N ALA H 84 41.49 13.85 -18.18
CA ALA H 84 40.50 12.88 -18.60
C ALA H 84 40.33 11.87 -17.48
N THR H 85 39.53 10.83 -17.73
CA THR H 85 39.29 9.77 -16.76
C THR H 85 40.09 8.52 -17.13
N TYR H 86 40.82 7.97 -16.15
CA TYR H 86 41.65 6.78 -16.34
C TYR H 86 41.12 5.61 -15.52
N TYR H 87 41.06 4.43 -16.15
CA TYR H 87 40.59 3.20 -15.52
C TYR H 87 41.69 2.16 -15.51
N CYS H 88 41.87 1.47 -14.38
CA CYS H 88 42.68 0.26 -14.37
C CYS H 88 41.79 -0.96 -14.58
N GLN H 89 42.39 -2.04 -15.07
CA GLN H 89 41.62 -3.24 -15.35
C GLN H 89 42.48 -4.47 -15.11
N GLN H 90 41.97 -5.41 -14.34
CA GLN H 90 42.65 -6.68 -14.15
C GLN H 90 42.15 -7.69 -15.18
N TYR H 91 43.08 -8.49 -15.69
CA TYR H 91 42.72 -9.56 -16.61
C TYR H 91 43.30 -10.89 -16.14
N ASN H 92 43.48 -11.00 -14.82
CA ASN H 92 43.92 -12.25 -14.21
C ASN H 92 42.78 -13.26 -14.15
N SER H 93 41.61 -12.82 -13.70
CA SER H 93 40.41 -13.66 -13.61
C SER H 93 39.23 -12.87 -14.18
N TYR H 94 38.83 -13.21 -15.40
CA TYR H 94 37.81 -12.44 -16.15
C TYR H 94 38.36 -11.02 -16.32
N TRP H 95 37.49 -10.02 -16.39
CA TRP H 95 37.92 -8.64 -16.60
C TRP H 95 37.06 -7.73 -15.73
N THR H 96 37.70 -7.06 -14.77
CA THR H 96 37.03 -6.08 -13.91
C THR H 96 37.81 -4.78 -13.93
N PHE H 97 37.09 -3.66 -13.82
CA PHE H 97 37.64 -2.32 -13.95
C PHE H 97 37.58 -1.58 -12.62
N GLY H 98 38.45 -0.57 -12.50
CA GLY H 98 38.34 0.36 -11.40
C GLY H 98 37.23 1.35 -11.64
N GLN H 99 36.87 2.10 -10.58
CA GLN H 99 35.79 3.07 -10.72
C GLN H 99 36.17 4.24 -11.60
N GLY H 100 37.45 4.50 -11.79
CA GLY H 100 37.91 5.58 -12.63
C GLY H 100 38.46 6.74 -11.81
N THR H 101 39.48 7.39 -12.34
CA THR H 101 40.09 8.57 -11.74
C THR H 101 40.09 9.69 -12.76
N LYS H 102 39.39 10.77 -12.46
CA LYS H 102 39.33 11.94 -13.32
C LYS H 102 40.45 12.90 -12.97
N VAL H 103 41.27 13.26 -13.95
CA VAL H 103 42.30 14.28 -13.75
C VAL H 103 41.73 15.61 -14.20
N GLU H 104 41.55 16.53 -13.26
CA GLU H 104 40.95 17.83 -13.51
C GLU H 104 41.97 18.95 -13.33
N ILE H 105 41.60 20.13 -13.83
CA ILE H 105 42.45 21.31 -13.73
C ILE H 105 42.30 21.92 -12.34
N LYS H 106 43.40 22.05 -11.62
CA LYS H 106 43.37 22.68 -10.30
C LYS H 106 43.41 24.20 -10.44
N ARG H 107 42.61 24.88 -9.64
CA ARG H 107 42.59 26.33 -9.63
C ARG H 107 42.35 26.80 -8.20
N THR H 108 42.35 28.12 -8.02
CA THR H 108 42.11 28.69 -6.70
C THR H 108 40.66 28.47 -6.28
N VAL H 109 40.45 28.43 -4.97
CA VAL H 109 39.12 28.18 -4.42
C VAL H 109 38.22 29.36 -4.74
N ALA H 110 37.08 29.07 -5.38
CA ALA H 110 36.11 30.10 -5.75
C ALA H 110 34.75 29.73 -5.15
N ALA H 111 34.17 30.64 -4.37
CA ALA H 111 32.88 30.42 -3.78
C ALA H 111 31.77 30.48 -4.83
N PRO H 112 30.70 29.70 -4.66
CA PRO H 112 29.57 29.77 -5.59
C PRO H 112 28.71 30.99 -5.39
N SER H 113 28.14 31.46 -6.50
CA SER H 113 27.10 32.47 -6.48
C SER H 113 25.75 31.76 -6.45
N VAL H 114 24.99 31.95 -5.37
CA VAL H 114 23.77 31.20 -5.14
C VAL H 114 22.57 32.07 -5.52
N PHE H 115 21.77 31.58 -6.46
CA PHE H 115 20.55 32.24 -6.91
C PHE H 115 19.37 31.27 -6.84
N ILE H 116 18.18 31.82 -6.58
CA ILE H 116 16.96 31.03 -6.46
C ILE H 116 15.92 31.56 -7.44
N PHE H 117 15.18 30.64 -8.06
CA PHE H 117 14.14 30.96 -9.04
C PHE H 117 12.82 30.34 -8.60
N PRO H 118 11.79 31.14 -8.32
CA PRO H 118 10.47 30.57 -8.01
C PRO H 118 9.83 29.92 -9.22
N PRO H 119 8.81 29.09 -9.04
CA PRO H 119 8.13 28.49 -10.18
C PRO H 119 7.40 29.55 -10.99
N SER H 120 7.23 29.27 -12.28
CA SER H 120 6.52 30.19 -13.15
C SER H 120 5.03 30.14 -12.88
N ASP H 121 4.34 31.25 -13.15
CA ASP H 121 2.88 31.22 -13.16
C ASP H 121 2.36 30.22 -14.17
N GLU H 122 3.08 30.04 -15.28
CA GLU H 122 2.63 29.10 -16.30
CA GLU H 122 2.63 29.10 -16.30
C GLU H 122 2.57 27.67 -15.76
N GLN H 123 3.65 27.20 -15.15
CA GLN H 123 3.70 25.83 -14.64
C GLN H 123 2.67 25.61 -13.53
N LEU H 124 2.47 26.63 -12.68
CA LEU H 124 1.55 26.48 -11.54
C LEU H 124 0.14 26.18 -12.01
N LYS H 125 -0.27 26.79 -13.12
CA LYS H 125 -1.59 26.50 -13.68
C LYS H 125 -1.71 25.02 -14.04
N SER H 126 -0.61 24.40 -14.50
CA SER H 126 -0.64 22.99 -14.85
C SER H 126 -0.72 22.09 -13.62
N GLY H 127 -0.52 22.64 -12.43
CA GLY H 127 -0.63 21.88 -11.19
C GLY H 127 0.67 21.48 -10.55
N THR H 128 1.82 21.89 -11.09
CA THR H 128 3.11 21.51 -10.55
C THR H 128 3.96 22.75 -10.30
N ALA H 129 4.85 22.66 -9.32
CA ALA H 129 5.75 23.75 -8.96
C ALA H 129 7.18 23.22 -8.86
N SER H 130 8.09 23.85 -9.60
CA SER H 130 9.51 23.52 -9.58
C SER H 130 10.29 24.74 -9.10
N VAL H 131 11.06 24.57 -8.02
CA VAL H 131 11.92 25.62 -7.48
C VAL H 131 13.36 25.26 -7.79
N VAL H 132 14.11 26.21 -8.33
CA VAL H 132 15.48 25.96 -8.80
C VAL H 132 16.45 26.78 -7.98
N CYS H 133 17.42 26.10 -7.37
CA CYS H 133 18.57 26.73 -6.73
C CYS H 133 19.76 26.57 -7.67
N LEU H 134 20.49 27.66 -7.90
CA LEU H 134 21.60 27.67 -8.84
C LEU H 134 22.88 28.03 -8.10
N LEU H 135 23.87 27.14 -8.19
CA LEU H 135 25.21 27.38 -7.67
C LEU H 135 26.11 27.63 -8.86
N ASN H 136 26.62 28.84 -9.00
CA ASN H 136 27.31 29.23 -10.22
C ASN H 136 28.79 29.48 -10.01
N ASN H 137 29.59 28.91 -10.92
CA ASN H 137 31.03 29.18 -11.05
C ASN H 137 31.78 29.00 -9.74
N PHE H 138 31.71 27.79 -9.21
CA PHE H 138 32.40 27.44 -7.98
C PHE H 138 33.47 26.39 -8.26
N TYR H 139 34.52 26.41 -7.44
CA TYR H 139 35.56 25.41 -7.42
C TYR H 139 36.05 25.34 -5.99
N PRO H 140 36.31 24.14 -5.45
CA PRO H 140 36.19 22.83 -6.10
C PRO H 140 34.76 22.31 -6.18
N ARG H 141 34.61 21.12 -6.76
CA ARG H 141 33.29 20.58 -7.09
C ARG H 141 32.49 20.18 -5.86
N GLU H 142 33.14 19.94 -4.72
CA GLU H 142 32.44 19.50 -3.52
C GLU H 142 31.42 20.55 -3.10
N ALA H 143 30.16 20.17 -2.99
CA ALA H 143 29.14 21.14 -2.61
C ALA H 143 27.95 20.42 -2.01
N LYS H 144 27.35 21.03 -0.99
CA LYS H 144 26.18 20.50 -0.31
C LYS H 144 25.03 21.48 -0.46
N VAL H 145 23.88 20.98 -0.90
CA VAL H 145 22.68 21.79 -1.11
C VAL H 145 21.52 21.14 -0.39
N GLN H 146 20.89 21.87 0.53
CA GLN H 146 19.73 21.40 1.27
C GLN H 146 18.59 22.39 1.11
N TRP H 147 17.38 21.87 0.99
CA TRP H 147 16.18 22.68 0.82
C TRP H 147 15.38 22.72 2.12
N LYS H 148 14.96 23.92 2.50
CA LYS H 148 14.10 24.13 3.66
C LYS H 148 12.87 24.92 3.25
N VAL H 149 11.70 24.37 3.56
CA VAL H 149 10.41 25.00 3.26
C VAL H 149 9.76 25.34 4.59
N ASP H 150 9.70 26.64 4.91
CA ASP H 150 9.22 27.12 6.21
C ASP H 150 10.06 26.52 7.35
N ASN H 151 11.37 26.40 7.10
CA ASN H 151 12.38 25.87 8.02
C ASN H 151 12.30 24.36 8.19
N ALA H 152 11.42 23.66 7.47
CA ALA H 152 11.37 22.22 7.54
C ALA H 152 12.26 21.65 6.43
N LEU H 153 13.25 20.85 6.84
CA LEU H 153 14.16 20.24 5.86
C LEU H 153 13.41 19.28 4.95
N GLN H 154 13.69 19.36 3.65
CA GLN H 154 13.04 18.53 2.65
C GLN H 154 13.95 17.35 2.32
N SER H 155 13.34 16.20 2.05
CA SER H 155 14.07 14.99 1.71
C SER H 155 13.30 14.22 0.65
N GLY H 156 13.99 13.78 -0.39
CA GLY H 156 13.39 12.93 -1.40
C GLY H 156 12.58 13.64 -2.46
N ASN H 157 12.61 14.95 -2.53
CA ASN H 157 11.85 15.68 -3.54
C ASN H 157 12.71 16.68 -4.31
N SER H 158 14.01 16.44 -4.39
CA SER H 158 14.91 17.31 -5.15
C SER H 158 15.89 16.46 -5.94
N GLN H 159 16.41 17.03 -7.02
CA GLN H 159 17.44 16.38 -7.82
C GLN H 159 18.50 17.39 -8.22
N GLU H 160 19.75 16.94 -8.21
CA GLU H 160 20.90 17.79 -8.52
C GLU H 160 21.50 17.42 -9.86
N SER H 161 22.12 18.41 -10.49
CA SER H 161 22.84 18.22 -11.75
C SER H 161 24.06 19.12 -11.73
N VAL H 162 25.19 18.61 -12.19
CA VAL H 162 26.43 19.37 -12.18
C VAL H 162 27.01 19.43 -13.60
N THR H 163 27.66 20.55 -13.90
CA THR H 163 28.31 20.72 -15.19
C THR H 163 29.70 20.10 -15.17
N GLU H 164 30.20 19.78 -16.36
CA GLU H 164 31.60 19.45 -16.47
C GLU H 164 32.42 20.72 -16.25
N GLN H 165 33.71 20.54 -15.98
CA GLN H 165 34.57 21.69 -15.71
C GLN H 165 34.56 22.63 -16.91
N ASP H 166 34.38 23.92 -16.63
CA ASP H 166 34.31 24.91 -17.71
C ASP H 166 35.67 25.07 -18.37
N SER H 167 35.65 25.24 -19.70
CA SER H 167 36.90 25.33 -20.44
C SER H 167 37.65 26.61 -20.10
N LYS H 168 36.92 27.66 -19.70
CA LYS H 168 37.55 28.97 -19.58
C LYS H 168 38.06 29.24 -18.17
N ASP H 169 37.19 29.12 -17.17
CA ASP H 169 37.51 29.48 -15.81
C ASP H 169 37.77 28.26 -14.93
N SER H 170 37.56 27.05 -15.45
CA SER H 170 37.81 25.81 -14.74
C SER H 170 36.92 25.65 -13.51
N THR H 171 35.70 26.18 -13.58
CA THR H 171 34.76 26.12 -12.48
C THR H 171 33.66 25.13 -12.78
N TYR H 172 32.84 24.87 -11.77
CA TYR H 172 31.68 24.00 -11.90
C TYR H 172 30.44 24.80 -11.53
N SER H 173 29.31 24.40 -12.08
CA SER H 173 28.01 24.96 -11.72
C SER H 173 27.04 23.81 -11.45
N LEU H 174 26.15 24.02 -10.48
CA LEU H 174 25.23 22.98 -10.04
C LEU H 174 23.82 23.53 -9.92
N SER H 175 22.83 22.70 -10.23
CA SER H 175 21.42 23.05 -10.07
C SER H 175 20.75 22.05 -9.15
N SER H 176 19.87 22.55 -8.29
CA SER H 176 19.03 21.72 -7.44
C SER H 176 17.58 22.12 -7.69
N THR H 177 16.74 21.13 -8.01
CA THR H 177 15.36 21.37 -8.41
C THR H 177 14.42 20.71 -7.41
N LEU H 178 13.72 21.52 -6.63
CA LEU H 178 12.69 21.05 -5.69
C LEU H 178 11.35 20.94 -6.41
N THR H 179 10.73 19.76 -6.38
CA THR H 179 9.49 19.51 -7.09
C THR H 179 8.34 19.33 -6.08
N LEU H 180 7.27 20.09 -6.27
CA LEU H 180 6.10 20.10 -5.40
C LEU H 180 4.85 20.14 -6.24
N SER H 181 3.76 19.68 -5.65
CA SER H 181 2.46 19.90 -6.25
C SER H 181 2.07 21.37 -6.04
N LYS H 182 1.14 21.84 -6.89
CA LYS H 182 0.66 23.22 -6.75
C LYS H 182 0.03 23.45 -5.39
N ALA H 183 -0.76 22.48 -4.91
CA ALA H 183 -1.44 22.63 -3.63
C ALA H 183 -0.45 22.70 -2.47
N ASP H 184 0.59 21.85 -2.50
CA ASP H 184 1.58 21.90 -1.43
C ASP H 184 2.43 23.16 -1.51
N TYR H 185 2.64 23.68 -2.72
CA TYR H 185 3.46 24.89 -2.86
C TYR H 185 2.76 26.11 -2.27
N GLU H 186 1.44 26.18 -2.38
CA GLU H 186 0.74 27.37 -1.91
C GLU H 186 0.49 27.37 -0.40
N LYS H 187 0.77 26.27 0.30
CA LYS H 187 0.55 26.23 1.74
C LYS H 187 1.73 26.75 2.54
N HIS H 188 2.81 27.15 1.88
CA HIS H 188 4.02 27.58 2.55
C HIS H 188 4.49 28.93 2.04
N LYS H 189 5.29 29.62 2.86
CA LYS H 189 5.76 30.96 2.54
C LYS H 189 7.24 31.02 2.16
N VAL H 190 8.13 30.60 3.04
CA VAL H 190 9.57 30.77 2.83
C VAL H 190 10.15 29.55 2.16
N TYR H 191 10.74 29.74 0.99
CA TYR H 191 11.39 28.68 0.22
C TYR H 191 12.87 29.04 0.13
N ALA H 192 13.71 28.22 0.76
CA ALA H 192 15.13 28.52 0.88
C ALA H 192 15.98 27.30 0.49
N CYS H 193 17.15 27.58 -0.08
CA CYS H 193 18.18 26.57 -0.25
C CYS H 193 19.42 27.00 0.52
N GLU H 194 19.96 26.07 1.30
CA GLU H 194 21.15 26.30 2.11
C GLU H 194 22.34 25.62 1.46
N VAL H 195 23.41 26.38 1.28
CA VAL H 195 24.57 25.94 0.49
C VAL H 195 25.81 25.96 1.36
N THR H 196 26.52 24.83 1.35
CA THR H 196 27.79 24.70 2.06
C THR H 196 28.89 24.42 1.05
N HIS H 197 29.92 25.26 1.04
CA HIS H 197 31.04 25.10 0.13
C HIS H 197 32.30 25.61 0.80
N GLN H 198 33.44 25.04 0.39
CA GLN H 198 34.72 25.38 1.00
C GLN H 198 35.05 26.86 0.88
N GLY H 199 34.65 27.48 -0.24
CA GLY H 199 34.93 28.89 -0.45
C GLY H 199 34.12 29.83 0.43
N LEU H 200 33.15 29.30 1.17
CA LEU H 200 32.30 30.10 2.04
C LEU H 200 32.71 29.93 3.50
N SER H 201 32.79 31.05 4.21
CA SER H 201 33.14 31.01 5.63
C SER H 201 32.07 30.33 6.47
N SER H 202 30.82 30.32 6.01
CA SER H 202 29.73 29.68 6.71
C SER H 202 28.66 29.30 5.69
N PRO H 203 27.78 28.36 6.02
CA PRO H 203 26.67 28.04 5.12
C PRO H 203 25.84 29.28 4.78
N VAL H 204 25.40 29.36 3.53
CA VAL H 204 24.67 30.51 3.02
C VAL H 204 23.25 30.09 2.68
N THR H 205 22.29 30.94 3.04
CA THR H 205 20.88 30.70 2.75
C THR H 205 20.41 31.70 1.71
N LYS H 206 19.74 31.21 0.67
CA LYS H 206 19.10 32.03 -0.35
C LYS H 206 17.62 31.66 -0.38
N SER H 207 16.76 32.64 -0.11
CA SER H 207 15.34 32.37 0.09
C SER H 207 14.47 33.37 -0.66
N PHE H 208 13.19 33.01 -0.80
CA PHE H 208 12.18 33.91 -1.32
C PHE H 208 10.87 33.59 -0.61
N ASN H 209 9.99 34.59 -0.55
CA ASN H 209 8.66 34.44 0.03
C ASN H 209 7.64 34.32 -1.09
N ARG H 210 6.80 33.28 -1.02
CA ARG H 210 5.84 33.00 -2.07
C ARG H 210 4.87 34.16 -2.25
N GLY H 211 4.75 34.63 -3.50
CA GLY H 211 3.87 35.73 -3.84
C GLY H 211 4.52 37.09 -3.75
N GLU H 212 5.71 37.18 -3.18
CA GLU H 212 6.42 38.43 -2.99
C GLU H 212 7.40 38.68 -4.13
N CYS H 213 7.43 39.92 -4.63
CA CYS H 213 8.52 40.40 -5.47
C CYS H 213 8.54 41.93 -5.52
N PRO I 8 -40.49 23.58 16.81
CA PRO I 8 -39.93 23.27 18.13
C PRO I 8 -38.75 22.29 18.06
N ASP I 9 -37.79 22.41 18.97
CA ASP I 9 -36.61 21.57 18.95
C ASP I 9 -36.92 20.23 19.64
N PRO I 10 -36.78 19.10 18.95
CA PRO I 10 -37.00 17.81 19.63
C PRO I 10 -35.99 17.50 20.71
N ASN I 11 -34.75 17.99 20.58
CA ASN I 11 -33.67 17.74 21.52
C ASN I 11 -33.64 18.71 22.69
N ALA I 12 -34.62 19.59 22.78
CA ALA I 12 -34.77 20.54 23.88
C ALA I 12 -35.29 19.83 25.11
N ASN I 13 -35.29 20.54 26.24
CA ASN I 13 -35.64 19.95 27.52
C ASN I 13 -37.05 19.38 27.44
N PRO I 14 -37.23 18.06 27.59
CA PRO I 14 -38.58 17.48 27.56
C PRO I 14 -39.16 17.24 28.95
N ASN I 15 -38.50 17.72 29.99
CA ASN I 15 -38.89 17.46 31.38
C ASN I 15 -39.57 18.66 32.01
N PRO J 8 4.68 47.04 16.82
CA PRO J 8 5.19 46.64 18.14
C PRO J 8 6.39 45.68 18.04
N ASP J 9 7.30 45.74 19.01
CA ASP J 9 8.50 44.91 18.99
C ASP J 9 8.23 43.57 19.67
N PRO J 10 8.46 42.44 18.98
CA PRO J 10 8.28 41.13 19.64
C PRO J 10 9.28 40.85 20.73
N ASN J 11 10.49 41.37 20.60
CA ASN J 11 11.57 41.15 21.56
C ASN J 11 11.57 42.15 22.71
N ALA J 12 10.58 43.03 22.76
CA ALA J 12 10.45 43.97 23.86
C ALA J 12 9.94 43.26 25.11
N ASN J 13 9.97 43.98 26.22
CA ASN J 13 9.60 43.37 27.50
C ASN J 13 8.19 42.80 27.44
N PRO J 14 8.02 41.48 27.57
CA PRO J 14 6.68 40.89 27.53
C PRO J 14 6.07 40.62 28.91
N ASN J 15 6.74 41.08 29.96
CA ASN J 15 6.34 40.81 31.34
C ASN J 15 5.67 42.03 31.96
N PRO K 8 -6.52 -47.85 -20.94
CA PRO K 8 -5.46 -46.85 -20.99
C PRO K 8 -5.72 -45.63 -20.10
N ASP K 9 -4.62 -44.97 -19.74
CA ASP K 9 -4.68 -43.77 -18.94
C ASP K 9 -5.18 -42.60 -19.79
N PRO K 10 -6.15 -41.83 -19.28
CA PRO K 10 -6.62 -40.67 -20.06
C PRO K 10 -5.53 -39.67 -20.37
N ASN K 11 -4.49 -39.56 -19.55
CA ASN K 11 -3.40 -38.65 -19.83
C ASN K 11 -2.30 -39.25 -20.72
N ALA K 12 -2.47 -40.49 -21.17
CA ALA K 12 -1.52 -41.09 -22.09
C ALA K 12 -1.76 -40.53 -23.50
N ASN K 13 -0.84 -40.87 -24.40
CA ASN K 13 -0.87 -40.34 -25.75
C ASN K 13 -2.19 -40.65 -26.45
N PRO K 14 -2.96 -39.64 -26.88
CA PRO K 14 -4.21 -39.88 -27.62
C PRO K 14 -4.07 -39.73 -29.13
N ASN K 15 -2.85 -39.58 -29.65
CA ASN K 15 -2.60 -39.30 -31.05
C ASN K 15 -2.14 -40.55 -31.81
N PRO L 8 38.58 -24.43 -20.98
CA PRO L 8 39.65 -23.43 -21.04
C PRO L 8 39.45 -22.25 -20.10
N ASP L 9 40.56 -21.60 -19.79
CA ASP L 9 40.55 -20.40 -18.97
C ASP L 9 40.01 -19.23 -19.79
N PRO L 10 39.06 -18.46 -19.25
CA PRO L 10 38.55 -17.31 -20.02
C PRO L 10 39.64 -16.32 -20.38
N ASN L 11 40.69 -16.18 -19.56
CA ASN L 11 41.77 -15.26 -19.86
C ASN L 11 42.86 -15.88 -20.73
N ALA L 12 42.69 -17.12 -21.18
CA ALA L 12 43.63 -17.73 -22.11
C ALA L 12 43.43 -17.16 -23.50
N ASN L 13 44.33 -17.51 -24.40
CA ASN L 13 44.32 -16.96 -25.74
C ASN L 13 42.98 -17.22 -26.45
N PRO L 14 42.25 -16.18 -26.87
CA PRO L 14 41.02 -16.40 -27.63
C PRO L 14 41.20 -16.28 -29.14
N ASN L 15 42.44 -16.14 -29.60
CA ASN L 15 42.75 -15.90 -31.00
C ASN L 15 43.23 -17.16 -31.70
C1 EDO M . -37.94 7.90 44.69
O1 EDO M . -38.76 8.89 45.33
C2 EDO M . -38.60 6.53 44.78
O2 EDO M . -39.84 6.55 44.08
C1 EDO N . -37.30 12.47 12.08
O1 EDO N . -38.32 13.24 11.43
C2 EDO N . -35.94 12.94 11.58
O2 EDO N . -35.86 12.76 10.17
C1 EDO O . -13.49 16.74 13.81
O1 EDO O . -12.69 16.38 12.66
C2 EDO O . -13.80 18.23 13.76
O2 EDO O . -14.60 18.52 12.61
C1 EDO P . -26.73 12.97 5.32
O1 EDO P . -28.03 13.40 5.71
C2 EDO P . -25.74 14.02 5.81
O2 EDO P . -25.89 14.11 7.23
C1 EDO Q . 8.93 14.37 26.20
O1 EDO Q . 9.10 14.68 24.81
C2 EDO Q . 10.23 13.82 26.76
O2 EDO Q . 10.06 13.53 28.15
C1 EDO R . 6.83 11.08 25.22
O1 EDO R . 6.32 11.90 26.29
C2 EDO R . 8.21 10.57 25.62
O2 EDO R . 8.08 9.67 26.71
C1 EDO S . 35.57 -13.30 1.25
O1 EDO S . 34.85 -12.44 2.13
C2 EDO S . 36.97 -12.74 1.00
O2 EDO S . 37.70 -12.73 2.24
C1 EDO T . 18.23 37.52 5.62
O1 EDO T . 17.22 36.51 5.64
C2 EDO T . 19.37 37.11 6.54
O2 EDO T . 20.32 38.18 6.66
C1 EDO U . 30.22 -13.84 -2.37
O1 EDO U . 29.34 -12.82 -2.84
C2 EDO U . 29.56 -14.60 -1.21
O2 EDO U . 30.37 -15.70 -0.83
C1 EDO V . 17.20 4.49 -9.55
O1 EDO V . 17.48 5.16 -8.32
C2 EDO V . 18.28 4.80 -10.57
O2 EDO V . 19.47 4.06 -10.26
C1 EDO W . -34.55 -32.69 -27.63
O1 EDO W . -34.72 -33.97 -27.01
C2 EDO W . -34.99 -32.77 -29.08
O2 EDO W . -34.78 -31.50 -29.71
C1 EDO X . -21.40 -18.41 -19.33
O1 EDO X . -22.05 -17.46 -18.48
C2 EDO X . -20.21 -17.76 -20.03
O2 EDO X . -20.69 -16.79 -20.98
C1 EDO Y . -27.08 14.81 1.02
O1 EDO Y . -26.67 14.46 2.34
C2 EDO Y . -25.98 14.50 0.03
O2 EDO Y . -26.49 14.53 -1.31
C1 EDO Z . 16.49 -15.02 -14.45
O1 EDO Z . 16.52 -14.73 -15.86
C2 EDO Z . 15.29 -14.32 -13.83
O2 EDO Z . 14.10 -14.92 -14.35
C1 EDO AA . 19.29 38.62 0.45
O1 EDO AA . 19.47 37.59 -0.52
C2 EDO AA . 18.36 38.12 1.56
O2 EDO AA . 18.96 36.99 2.21
C1 EDO BA . 14.34 9.08 -9.49
O1 EDO BA . 15.63 9.25 -10.09
C2 EDO BA . 14.24 9.97 -8.26
O2 EDO BA . 12.94 9.82 -7.67
C1 EDO CA . 15.47 20.24 -13.68
O1 EDO CA . 16.39 21.30 -13.97
C2 EDO CA . 16.23 18.92 -13.62
O2 EDO CA . 17.26 18.97 -12.62
C1 EDO DA . 49.79 -5.93 -31.02
O1 EDO DA . 50.66 -7.06 -30.94
C2 EDO DA . 48.36 -6.37 -30.75
O2 EDO DA . 48.18 -6.62 -29.34
C1 EDO EA . 9.74 16.78 3.31
O1 EDO EA . 10.74 15.85 2.87
C2 EDO EA . 8.63 16.86 2.26
O2 EDO EA . 8.12 15.55 1.99
C1 EDO FA . 33.27 -0.23 -12.46
O1 EDO FA . 34.16 0.66 -13.14
C2 EDO FA . 33.92 -0.82 -11.22
O2 EDO FA . 34.00 0.18 -10.20
C1 EDO GA . 0.32 31.42 -20.11
O1 EDO GA . 0.45 30.25 -19.29
C2 EDO GA . 1.55 31.55 -21.00
O2 EDO GA . 1.72 30.34 -21.74
C1 EDO HA . 57.57 3.74 -13.36
O1 EDO HA . 58.07 2.90 -12.31
C2 EDO HA . 57.40 5.17 -12.85
O2 EDO HA . 56.59 5.16 -11.67
C1 EDO IA . 55.98 -5.04 -13.68
O1 EDO IA . 55.26 -5.85 -12.74
C2 EDO IA . 56.14 -3.64 -13.11
O2 EDO IA . 56.85 -3.70 -11.88
C1 EDO JA . 54.82 -4.40 -5.11
O1 EDO JA . 55.52 -4.47 -6.35
C2 EDO JA . 55.42 -5.40 -4.13
O2 EDO JA . 56.80 -5.08 -3.92
C1 EDO KA . 12.96 36.79 2.05
O1 EDO KA . 13.00 35.41 1.66
C2 EDO KA . 13.09 37.68 0.83
O2 EDO KA . 11.91 37.56 0.01
C1 EDO LA . 10.86 43.41 34.14
O1 EDO LA . 9.44 43.38 33.94
C2 EDO LA . 11.45 42.05 33.80
O2 EDO LA . 11.21 41.77 32.42
#